data_3KHQ
# 
_entry.id   3KHQ 
# 
_audit_conform.dict_name       mmcif_pdbx.dic 
_audit_conform.dict_version    5.403 
_audit_conform.dict_location   http://mmcif.pdb.org/dictionaries/ascii/mmcif_pdbx.dic 
# 
loop_
_database_2.database_id 
_database_2.database_code 
_database_2.pdbx_database_accession 
_database_2.pdbx_DOI 
PDB   3KHQ         pdb_00003khq 10.2210/pdb3khq/pdb 
RCSB  RCSB056007   ?            ?                   
WWPDB D_1000056007 ?            ?                   
# 
loop_
_pdbx_audit_revision_history.ordinal 
_pdbx_audit_revision_history.data_content_type 
_pdbx_audit_revision_history.major_revision 
_pdbx_audit_revision_history.minor_revision 
_pdbx_audit_revision_history.revision_date 
_pdbx_audit_revision_history.part_number 
1 'Structure model' 1 0 2010-08-25 ? 
2 'Structure model' 1 1 2011-07-13 ? 
3 'Structure model' 1 2 2011-12-14 ? 
4 'Structure model' 1 3 2019-07-17 ? 
5 'Structure model' 1 4 2025-03-26 ? 
# 
_pdbx_audit_revision_details.ordinal             1 
_pdbx_audit_revision_details.revision_ordinal    1 
_pdbx_audit_revision_details.data_content_type   'Structure model' 
_pdbx_audit_revision_details.provider            repository 
_pdbx_audit_revision_details.type                'Initial release' 
_pdbx_audit_revision_details.description         ? 
_pdbx_audit_revision_details.details             ? 
# 
loop_
_pdbx_audit_revision_group.ordinal 
_pdbx_audit_revision_group.revision_ordinal 
_pdbx_audit_revision_group.data_content_type 
_pdbx_audit_revision_group.group 
1  2 'Structure model' 'Version format compliance' 
2  3 'Structure model' 'Non-polymer description'   
3  4 'Structure model' Advisory                    
4  4 'Structure model' 'Data collection'           
5  4 'Structure model' 'Refinement description'    
6  5 'Structure model' Advisory                    
7  5 'Structure model' 'Data collection'           
8  5 'Structure model' 'Database references'       
9  5 'Structure model' 'Derived calculations'      
10 5 'Structure model' 'Structure summary'         
# 
loop_
_pdbx_audit_revision_category.ordinal 
_pdbx_audit_revision_category.revision_ordinal 
_pdbx_audit_revision_category.data_content_type 
_pdbx_audit_revision_category.category 
1  4 'Structure model' pdbx_unobs_or_zero_occ_atoms 
2  4 'Structure model' software                     
3  5 'Structure model' chem_comp_atom               
4  5 'Structure model' chem_comp_bond               
5  5 'Structure model' database_2                   
6  5 'Structure model' pdbx_entry_details           
7  5 'Structure model' pdbx_modification_feature    
8  5 'Structure model' pdbx_struct_conn_angle       
9  5 'Structure model' pdbx_unobs_or_zero_occ_atoms 
10 5 'Structure model' struct_conn                  
11 5 'Structure model' struct_site                  
# 
loop_
_pdbx_audit_revision_item.ordinal 
_pdbx_audit_revision_item.revision_ordinal 
_pdbx_audit_revision_item.data_content_type 
_pdbx_audit_revision_item.item 
1  4 'Structure model' '_software.name'                              
2  4 'Structure model' '_software.version'                           
3  5 'Structure model' '_database_2.pdbx_DOI'                        
4  5 'Structure model' '_database_2.pdbx_database_accession'         
5  5 'Structure model' '_pdbx_struct_conn_angle.ptnr1_auth_comp_id'  
6  5 'Structure model' '_pdbx_struct_conn_angle.ptnr1_auth_seq_id'   
7  5 'Structure model' '_pdbx_struct_conn_angle.ptnr1_label_asym_id' 
8  5 'Structure model' '_pdbx_struct_conn_angle.ptnr1_label_atom_id' 
9  5 'Structure model' '_pdbx_struct_conn_angle.ptnr1_label_comp_id' 
10 5 'Structure model' '_pdbx_struct_conn_angle.ptnr3_auth_comp_id'  
11 5 'Structure model' '_pdbx_struct_conn_angle.ptnr3_auth_seq_id'   
12 5 'Structure model' '_pdbx_struct_conn_angle.ptnr3_label_asym_id' 
13 5 'Structure model' '_pdbx_struct_conn_angle.ptnr3_label_atom_id' 
14 5 'Structure model' '_pdbx_struct_conn_angle.ptnr3_label_comp_id' 
15 5 'Structure model' '_pdbx_struct_conn_angle.value'               
16 5 'Structure model' '_struct_conn.pdbx_dist_value'                
17 5 'Structure model' '_struct_conn.ptnr1_auth_comp_id'             
18 5 'Structure model' '_struct_conn.ptnr1_auth_seq_id'              
19 5 'Structure model' '_struct_conn.ptnr1_label_asym_id'            
20 5 'Structure model' '_struct_conn.ptnr1_label_atom_id'            
21 5 'Structure model' '_struct_conn.ptnr1_label_comp_id'            
22 5 'Structure model' '_struct_conn.ptnr1_label_seq_id'             
23 5 'Structure model' '_struct_conn.ptnr2_auth_comp_id'             
24 5 'Structure model' '_struct_conn.ptnr2_auth_seq_id'              
25 5 'Structure model' '_struct_conn.ptnr2_label_asym_id'            
26 5 'Structure model' '_struct_conn.ptnr2_label_atom_id'            
27 5 'Structure model' '_struct_conn.ptnr2_label_comp_id'            
28 5 'Structure model' '_struct_conn.ptnr2_label_seq_id'             
29 5 'Structure model' '_struct_site.pdbx_auth_asym_id'              
30 5 'Structure model' '_struct_site.pdbx_auth_comp_id'              
31 5 'Structure model' '_struct_site.pdbx_auth_seq_id'               
# 
_pdbx_database_status.status_code                     REL 
_pdbx_database_status.entry_id                        3KHQ 
_pdbx_database_status.recvd_initial_deposition_date   2009-10-30 
_pdbx_database_status.deposit_site                    RCSB 
_pdbx_database_status.process_site                    RCSB 
_pdbx_database_status.status_code_sf                  REL 
_pdbx_database_status.status_code_mr                  ? 
_pdbx_database_status.SG_entry                        ? 
_pdbx_database_status.status_code_cs                  ? 
_pdbx_database_status.pdb_format_compatible           Y 
_pdbx_database_status.methods_development_category    ? 
_pdbx_database_status.status_code_nmr_data            ? 
# 
loop_
_pdbx_database_related.db_name 
_pdbx_database_related.db_id 
_pdbx_database_related.details 
_pdbx_database_related.content_type 
PDB 3KG5 . unspecified 
PDB 3KHO . unspecified 
# 
loop_
_audit_author.name 
_audit_author.pdbx_ordinal 
'Radaev, S.' 1 
'Sun, P.D.'  2 
# 
_citation.id                        primary 
_citation.title                     
'Structural and Functional Studies of Igalphabeta and Its Assembly with the B Cell Antigen Receptor.' 
_citation.journal_abbrev            Structure 
_citation.journal_volume            18 
_citation.page_first                934 
_citation.page_last                 943 
_citation.year                      2010 
_citation.journal_id_ASTM           STRUE6 
_citation.country                   UK 
_citation.journal_id_ISSN           0969-2126 
_citation.journal_id_CSD            2005 
_citation.book_publisher            ? 
_citation.pdbx_database_id_PubMed   20696394 
_citation.pdbx_database_id_DOI      10.1016/j.str.2010.04.019 
# 
loop_
_citation_author.citation_id 
_citation_author.name 
_citation_author.ordinal 
_citation_author.identifier_ORCID 
primary 'Radaev, S.'    1 ? 
primary 'Zou, Z.'       2 ? 
primary 'Tolar, P.'     3 ? 
primary 'Nguyen, K.'    4 ? 
primary 'Nguyen, A.'    5 ? 
primary 'Krueger, P.D.' 6 ? 
primary 'Stutzman, N.'  7 ? 
primary 'Pierce, S.'    8 ? 
primary 'Sun, P.D.'     9 ? 
# 
loop_
_entity.id 
_entity.type 
_entity.src_method 
_entity.pdbx_description 
_entity.formula_weight 
_entity.pdbx_number_of_molecules 
_entity.pdbx_ec 
_entity.pdbx_mutation 
_entity.pdbx_fragment 
_entity.details 
1 polymer     man 'B-cell antigen receptor complex-associated protein beta chain' 15079.915 1  ? ? 'extracellular domain' ? 
2 non-polymer syn 'MAGNESIUM ION'                                                 24.305    1  ? ? ?                      ? 
3 non-polymer syn 'CITRATE ANION'                                                 189.100   1  ? ? ?                      ? 
4 non-polymer syn GLUTATHIONE                                                     307.323   1  ? ? ?                      ? 
5 water       nat water                                                           18.015    58 ? ? ?                      ? 
# 
_entity_name_com.entity_id   1 
_entity_name_com.name        'Ig-beta, B-cell-specific glycoprotein B29, Immunoglobulin-associated B29 protein' 
# 
_entity_poly.entity_id                      1 
_entity_poly.type                           'polypeptide(L)' 
_entity_poly.nstd_linkage                   no 
_entity_poly.nstd_monomer                   no 
_entity_poly.pdbx_seq_one_letter_code       
;PAMTSSDLPLNFQGSPCSQIWQHPRFAAKKRSSMVKFHCYTNHSGALTWFRKRGSQQPQELVSEEGRIVQTQNGSVYTLT
IQNIQYEDNGIYFCKQKCDSANHNVTDSCGTELLVLGFSTLDQLKRRNTLKDG
;
_entity_poly.pdbx_seq_one_letter_code_can   
;PAMTSSDLPLNFQGSPCSQIWQHPRFAAKKRSSMVKFHCYTNHSGALTWFRKRGSQQPQELVSEEGRIVQTQNGSVYTLT
IQNIQYEDNGIYFCKQKCDSANHNVTDSCGTELLVLGFSTLDQLKRRNTLKDG
;
_entity_poly.pdbx_strand_id                 A 
_entity_poly.pdbx_target_identifier         ? 
# 
loop_
_pdbx_entity_nonpoly.entity_id 
_pdbx_entity_nonpoly.name 
_pdbx_entity_nonpoly.comp_id 
2 'MAGNESIUM ION' MG  
3 'CITRATE ANION' FLC 
4 GLUTATHIONE     GSH 
5 water           HOH 
# 
loop_
_entity_poly_seq.entity_id 
_entity_poly_seq.num 
_entity_poly_seq.mon_id 
_entity_poly_seq.hetero 
1 1   PRO n 
1 2   ALA n 
1 3   MET n 
1 4   THR n 
1 5   SER n 
1 6   SER n 
1 7   ASP n 
1 8   LEU n 
1 9   PRO n 
1 10  LEU n 
1 11  ASN n 
1 12  PHE n 
1 13  GLN n 
1 14  GLY n 
1 15  SER n 
1 16  PRO n 
1 17  CYS n 
1 18  SER n 
1 19  GLN n 
1 20  ILE n 
1 21  TRP n 
1 22  GLN n 
1 23  HIS n 
1 24  PRO n 
1 25  ARG n 
1 26  PHE n 
1 27  ALA n 
1 28  ALA n 
1 29  LYS n 
1 30  LYS n 
1 31  ARG n 
1 32  SER n 
1 33  SER n 
1 34  MET n 
1 35  VAL n 
1 36  LYS n 
1 37  PHE n 
1 38  HIS n 
1 39  CYS n 
1 40  TYR n 
1 41  THR n 
1 42  ASN n 
1 43  HIS n 
1 44  SER n 
1 45  GLY n 
1 46  ALA n 
1 47  LEU n 
1 48  THR n 
1 49  TRP n 
1 50  PHE n 
1 51  ARG n 
1 52  LYS n 
1 53  ARG n 
1 54  GLY n 
1 55  SER n 
1 56  GLN n 
1 57  GLN n 
1 58  PRO n 
1 59  GLN n 
1 60  GLU n 
1 61  LEU n 
1 62  VAL n 
1 63  SER n 
1 64  GLU n 
1 65  GLU n 
1 66  GLY n 
1 67  ARG n 
1 68  ILE n 
1 69  VAL n 
1 70  GLN n 
1 71  THR n 
1 72  GLN n 
1 73  ASN n 
1 74  GLY n 
1 75  SER n 
1 76  VAL n 
1 77  TYR n 
1 78  THR n 
1 79  LEU n 
1 80  THR n 
1 81  ILE n 
1 82  GLN n 
1 83  ASN n 
1 84  ILE n 
1 85  GLN n 
1 86  TYR n 
1 87  GLU n 
1 88  ASP n 
1 89  ASN n 
1 90  GLY n 
1 91  ILE n 
1 92  TYR n 
1 93  PHE n 
1 94  CYS n 
1 95  LYS n 
1 96  GLN n 
1 97  LYS n 
1 98  CYS n 
1 99  ASP n 
1 100 SER n 
1 101 ALA n 
1 102 ASN n 
1 103 HIS n 
1 104 ASN n 
1 105 VAL n 
1 106 THR n 
1 107 ASP n 
1 108 SER n 
1 109 CYS n 
1 110 GLY n 
1 111 THR n 
1 112 GLU n 
1 113 LEU n 
1 114 LEU n 
1 115 VAL n 
1 116 LEU n 
1 117 GLY n 
1 118 PHE n 
1 119 SER n 
1 120 THR n 
1 121 LEU n 
1 122 ASP n 
1 123 GLN n 
1 124 LEU n 
1 125 LYS n 
1 126 ARG n 
1 127 ARG n 
1 128 ASN n 
1 129 THR n 
1 130 LEU n 
1 131 LYS n 
1 132 ASP n 
1 133 GLY n 
# 
_entity_src_gen.entity_id                          1 
_entity_src_gen.pdbx_src_id                        1 
_entity_src_gen.pdbx_alt_source_flag               sample 
_entity_src_gen.pdbx_seq_type                      ? 
_entity_src_gen.pdbx_beg_seq_num                   ? 
_entity_src_gen.pdbx_end_seq_num                   ? 
_entity_src_gen.gene_src_common_name               mouse 
_entity_src_gen.gene_src_genus                     ? 
_entity_src_gen.pdbx_gene_src_gene                 'Cd79b, Igb' 
_entity_src_gen.gene_src_species                   ? 
_entity_src_gen.gene_src_strain                    ? 
_entity_src_gen.gene_src_tissue                    ? 
_entity_src_gen.gene_src_tissue_fraction           ? 
_entity_src_gen.gene_src_details                   ? 
_entity_src_gen.pdbx_gene_src_fragment             ? 
_entity_src_gen.pdbx_gene_src_scientific_name      'Mus musculus' 
_entity_src_gen.pdbx_gene_src_ncbi_taxonomy_id     10090 
_entity_src_gen.pdbx_gene_src_variant              ? 
_entity_src_gen.pdbx_gene_src_cell_line            ? 
_entity_src_gen.pdbx_gene_src_atcc                 ? 
_entity_src_gen.pdbx_gene_src_organ                ? 
_entity_src_gen.pdbx_gene_src_organelle            ? 
_entity_src_gen.pdbx_gene_src_cell                 ? 
_entity_src_gen.pdbx_gene_src_cellular_location    ? 
_entity_src_gen.host_org_common_name               ? 
_entity_src_gen.pdbx_host_org_scientific_name      'Escherichia coli' 
_entity_src_gen.pdbx_host_org_ncbi_taxonomy_id     562 
_entity_src_gen.host_org_genus                     ? 
_entity_src_gen.pdbx_host_org_gene                 ? 
_entity_src_gen.pdbx_host_org_organ                ? 
_entity_src_gen.host_org_species                   ? 
_entity_src_gen.pdbx_host_org_tissue               ? 
_entity_src_gen.pdbx_host_org_tissue_fraction      ? 
_entity_src_gen.pdbx_host_org_strain               ? 
_entity_src_gen.pdbx_host_org_variant              ? 
_entity_src_gen.pdbx_host_org_cell_line            ? 
_entity_src_gen.pdbx_host_org_atcc                 ? 
_entity_src_gen.pdbx_host_org_culture_collection   ? 
_entity_src_gen.pdbx_host_org_cell                 ? 
_entity_src_gen.pdbx_host_org_organelle            ? 
_entity_src_gen.pdbx_host_org_cellular_location    ? 
_entity_src_gen.pdbx_host_org_vector_type          plasmid 
_entity_src_gen.pdbx_host_org_vector               ? 
_entity_src_gen.host_org_details                   ? 
_entity_src_gen.expression_system_id               ? 
_entity_src_gen.plasmid_name                       ? 
_entity_src_gen.plasmid_details                    ? 
_entity_src_gen.pdbx_description                   ? 
# 
loop_
_chem_comp.id 
_chem_comp.type 
_chem_comp.mon_nstd_flag 
_chem_comp.name 
_chem_comp.pdbx_synonyms 
_chem_comp.formula 
_chem_comp.formula_weight 
ALA 'L-peptide linking' y ALANINE         ? 'C3 H7 N O2'      89.093  
ARG 'L-peptide linking' y ARGININE        ? 'C6 H15 N4 O2 1'  175.209 
ASN 'L-peptide linking' y ASPARAGINE      ? 'C4 H8 N2 O3'     132.118 
ASP 'L-peptide linking' y 'ASPARTIC ACID' ? 'C4 H7 N O4'      133.103 
CYS 'L-peptide linking' y CYSTEINE        ? 'C3 H7 N O2 S'    121.158 
FLC non-polymer         . 'CITRATE ANION' ? 'C6 H5 O7 -3'     189.100 
GLN 'L-peptide linking' y GLUTAMINE       ? 'C5 H10 N2 O3'    146.144 
GLU 'L-peptide linking' y 'GLUTAMIC ACID' ? 'C5 H9 N O4'      147.129 
GLY 'peptide linking'   y GLYCINE         ? 'C2 H5 N O2'      75.067  
GSH non-polymer         . GLUTATHIONE     ? 'C10 H17 N3 O6 S' 307.323 
HIS 'L-peptide linking' y HISTIDINE       ? 'C6 H10 N3 O2 1'  156.162 
HOH non-polymer         . WATER           ? 'H2 O'            18.015  
ILE 'L-peptide linking' y ISOLEUCINE      ? 'C6 H13 N O2'     131.173 
LEU 'L-peptide linking' y LEUCINE         ? 'C6 H13 N O2'     131.173 
LYS 'L-peptide linking' y LYSINE          ? 'C6 H15 N2 O2 1'  147.195 
MET 'L-peptide linking' y METHIONINE      ? 'C5 H11 N O2 S'   149.211 
MG  non-polymer         . 'MAGNESIUM ION' ? 'Mg 2'            24.305  
PHE 'L-peptide linking' y PHENYLALANINE   ? 'C9 H11 N O2'     165.189 
PRO 'L-peptide linking' y PROLINE         ? 'C5 H9 N O2'      115.130 
SER 'L-peptide linking' y SERINE          ? 'C3 H7 N O3'      105.093 
THR 'L-peptide linking' y THREONINE       ? 'C4 H9 N O3'      119.119 
TRP 'L-peptide linking' y TRYPTOPHAN      ? 'C11 H12 N2 O2'   204.225 
TYR 'L-peptide linking' y TYROSINE        ? 'C9 H11 N O3'     181.189 
VAL 'L-peptide linking' y VALINE          ? 'C5 H11 N O2'     117.146 
# 
loop_
_pdbx_poly_seq_scheme.asym_id 
_pdbx_poly_seq_scheme.entity_id 
_pdbx_poly_seq_scheme.seq_id 
_pdbx_poly_seq_scheme.mon_id 
_pdbx_poly_seq_scheme.ndb_seq_num 
_pdbx_poly_seq_scheme.pdb_seq_num 
_pdbx_poly_seq_scheme.auth_seq_num 
_pdbx_poly_seq_scheme.pdb_mon_id 
_pdbx_poly_seq_scheme.auth_mon_id 
_pdbx_poly_seq_scheme.pdb_strand_id 
_pdbx_poly_seq_scheme.pdb_ins_code 
_pdbx_poly_seq_scheme.hetero 
A 1 1   PRO 1   27  ?   ?   ?   A . n 
A 1 2   ALA 2   28  ?   ?   ?   A . n 
A 1 3   MET 3   29  ?   ?   ?   A . n 
A 1 4   THR 4   30  ?   ?   ?   A . n 
A 1 5   SER 5   31  ?   ?   ?   A . n 
A 1 6   SER 6   32  ?   ?   ?   A . n 
A 1 7   ASP 7   33  ?   ?   ?   A . n 
A 1 8   LEU 8   34  ?   ?   ?   A . n 
A 1 9   PRO 9   35  ?   ?   ?   A . n 
A 1 10  LEU 10  36  ?   ?   ?   A . n 
A 1 11  ASN 11  37  ?   ?   ?   A . n 
A 1 12  PHE 12  38  ?   ?   ?   A . n 
A 1 13  GLN 13  39  ?   ?   ?   A . n 
A 1 14  GLY 14  40  ?   ?   ?   A . n 
A 1 15  SER 15  41  ?   ?   ?   A . n 
A 1 16  PRO 16  42  ?   ?   ?   A . n 
A 1 17  CYS 17  43  43  CYS CYS A . n 
A 1 18  SER 18  44  44  SER SER A . n 
A 1 19  GLN 19  45  45  GLN GLN A . n 
A 1 20  ILE 20  46  46  ILE ILE A . n 
A 1 21  TRP 21  47  47  TRP TRP A . n 
A 1 22  GLN 22  48  48  GLN GLN A . n 
A 1 23  HIS 23  49  49  HIS HIS A . n 
A 1 24  PRO 24  50  50  PRO PRO A . n 
A 1 25  ARG 25  51  51  ARG ARG A . n 
A 1 26  PHE 26  52  52  PHE PHE A . n 
A 1 27  ALA 27  53  53  ALA ALA A . n 
A 1 28  ALA 28  54  54  ALA ALA A . n 
A 1 29  LYS 29  55  55  LYS LYS A . n 
A 1 30  LYS 30  56  56  LYS LYS A . n 
A 1 31  ARG 31  57  57  ARG ARG A . n 
A 1 32  SER 32  58  58  SER SER A . n 
A 1 33  SER 33  59  59  SER SER A . n 
A 1 34  MET 34  60  60  MET MET A . n 
A 1 35  VAL 35  61  61  VAL VAL A . n 
A 1 36  LYS 36  62  62  LYS LYS A . n 
A 1 37  PHE 37  63  63  PHE PHE A . n 
A 1 38  HIS 38  64  64  HIS HIS A . n 
A 1 39  CYS 39  65  65  CYS CYS A . n 
A 1 40  TYR 40  66  66  TYR TYR A . n 
A 1 41  THR 41  67  67  THR THR A . n 
A 1 42  ASN 42  68  68  ASN ASN A . n 
A 1 43  HIS 43  69  69  HIS HIS A . n 
A 1 44  SER 44  70  70  SER SER A . n 
A 1 45  GLY 45  71  71  GLY GLY A . n 
A 1 46  ALA 46  72  72  ALA ALA A . n 
A 1 47  LEU 47  73  73  LEU LEU A . n 
A 1 48  THR 48  74  74  THR THR A . n 
A 1 49  TRP 49  75  75  TRP TRP A . n 
A 1 50  PHE 50  76  76  PHE PHE A . n 
A 1 51  ARG 51  77  77  ARG ARG A . n 
A 1 52  LYS 52  78  78  LYS LYS A . n 
A 1 53  ARG 53  79  79  ARG ARG A . n 
A 1 54  GLY 54  80  80  GLY GLY A . n 
A 1 55  SER 55  81  81  SER SER A . n 
A 1 56  GLN 56  82  82  GLN GLN A . n 
A 1 57  GLN 57  83  83  GLN GLN A . n 
A 1 58  PRO 58  84  84  PRO PRO A . n 
A 1 59  GLN 59  85  85  GLN GLN A . n 
A 1 60  GLU 60  86  86  GLU GLU A . n 
A 1 61  LEU 61  87  87  LEU LEU A . n 
A 1 62  VAL 62  88  88  VAL VAL A . n 
A 1 63  SER 63  89  89  SER SER A . n 
A 1 64  GLU 64  90  90  GLU GLU A . n 
A 1 65  GLU 65  91  91  GLU GLU A . n 
A 1 66  GLY 66  92  92  GLY GLY A . n 
A 1 67  ARG 67  93  93  ARG ARG A . n 
A 1 68  ILE 68  94  94  ILE ILE A . n 
A 1 69  VAL 69  95  95  VAL VAL A . n 
A 1 70  GLN 70  96  96  GLN GLN A . n 
A 1 71  THR 71  97  97  THR THR A . n 
A 1 72  GLN 72  98  98  GLN GLN A . n 
A 1 73  ASN 73  99  99  ASN ASN A . n 
A 1 74  GLY 74  100 100 GLY GLY A . n 
A 1 75  SER 75  101 101 SER SER A . n 
A 1 76  VAL 76  102 102 VAL VAL A . n 
A 1 77  TYR 77  103 103 TYR TYR A . n 
A 1 78  THR 78  104 104 THR THR A . n 
A 1 79  LEU 79  105 105 LEU LEU A . n 
A 1 80  THR 80  106 106 THR THR A . n 
A 1 81  ILE 81  107 107 ILE ILE A . n 
A 1 82  GLN 82  108 108 GLN GLN A . n 
A 1 83  ASN 83  109 109 ASN ASN A . n 
A 1 84  ILE 84  110 110 ILE ILE A . n 
A 1 85  GLN 85  111 111 GLN GLN A . n 
A 1 86  TYR 86  112 112 TYR TYR A . n 
A 1 87  GLU 87  113 113 GLU GLU A . n 
A 1 88  ASP 88  114 114 ASP ASP A . n 
A 1 89  ASN 89  115 115 ASN ASN A . n 
A 1 90  GLY 90  116 116 GLY GLY A . n 
A 1 91  ILE 91  117 117 ILE ILE A . n 
A 1 92  TYR 92  118 118 TYR TYR A . n 
A 1 93  PHE 93  119 119 PHE PHE A . n 
A 1 94  CYS 94  120 120 CYS CYS A . n 
A 1 95  LYS 95  121 121 LYS LYS A . n 
A 1 96  GLN 96  122 122 GLN GLN A . n 
A 1 97  LYS 97  123 123 LYS LYS A . n 
A 1 98  CYS 98  124 124 CYS CYS A . n 
A 1 99  ASP 99  125 125 ASP ASP A . n 
A 1 100 SER 100 126 126 SER SER A . n 
A 1 101 ALA 101 127 ?   ?   ?   A . n 
A 1 102 ASN 102 128 ?   ?   ?   A . n 
A 1 103 HIS 103 129 ?   ?   ?   A . n 
A 1 104 ASN 104 130 ?   ?   ?   A . n 
A 1 105 VAL 105 131 ?   ?   ?   A . n 
A 1 106 THR 106 132 ?   ?   ?   A . n 
A 1 107 ASP 107 133 ?   ?   ?   A . n 
A 1 108 SER 108 134 134 SER SER A . n 
A 1 109 CYS 109 135 135 CYS CYS A . n 
A 1 110 GLY 110 136 136 GLY GLY A . n 
A 1 111 THR 111 137 137 THR THR A . n 
A 1 112 GLU 112 138 138 GLU GLU A . n 
A 1 113 LEU 113 139 139 LEU LEU A . n 
A 1 114 LEU 114 140 140 LEU LEU A . n 
A 1 115 VAL 115 141 141 VAL VAL A . n 
A 1 116 LEU 116 142 142 LEU LEU A . n 
A 1 117 GLY 117 143 ?   ?   ?   A . n 
A 1 118 PHE 118 144 ?   ?   ?   A . n 
A 1 119 SER 119 145 ?   ?   ?   A . n 
A 1 120 THR 120 146 ?   ?   ?   A . n 
A 1 121 LEU 121 147 ?   ?   ?   A . n 
A 1 122 ASP 122 148 ?   ?   ?   A . n 
A 1 123 GLN 123 149 ?   ?   ?   A . n 
A 1 124 LEU 124 150 ?   ?   ?   A . n 
A 1 125 LYS 125 151 ?   ?   ?   A . n 
A 1 126 ARG 126 152 ?   ?   ?   A . n 
A 1 127 ARG 127 153 ?   ?   ?   A . n 
A 1 128 ASN 128 154 ?   ?   ?   A . n 
A 1 129 THR 129 155 ?   ?   ?   A . n 
A 1 130 LEU 130 156 ?   ?   ?   A . n 
A 1 131 LYS 131 157 ?   ?   ?   A . n 
A 1 132 ASP 132 158 ?   ?   ?   A . n 
A 1 133 GLY 133 159 ?   ?   ?   A . n 
# 
loop_
_pdbx_nonpoly_scheme.asym_id 
_pdbx_nonpoly_scheme.entity_id 
_pdbx_nonpoly_scheme.mon_id 
_pdbx_nonpoly_scheme.ndb_seq_num 
_pdbx_nonpoly_scheme.pdb_seq_num 
_pdbx_nonpoly_scheme.auth_seq_num 
_pdbx_nonpoly_scheme.pdb_mon_id 
_pdbx_nonpoly_scheme.auth_mon_id 
_pdbx_nonpoly_scheme.pdb_strand_id 
_pdbx_nonpoly_scheme.pdb_ins_code 
B 2 MG  1  1   1   MG  MG  A . 
C 3 FLC 1  800 800 FLC FLC A . 
D 4 GSH 1  900 900 GSH GSH A . 
E 5 HOH 1  3   3   HOH HOH A . 
E 5 HOH 2  5   5   HOH HOH A . 
E 5 HOH 3  6   6   HOH HOH A . 
E 5 HOH 4  7   7   HOH HOH A . 
E 5 HOH 5  8   8   HOH HOH A . 
E 5 HOH 6  10  10  HOH HOH A . 
E 5 HOH 7  11  11  HOH HOH A . 
E 5 HOH 8  12  12  HOH HOH A . 
E 5 HOH 9  13  13  HOH HOH A . 
E 5 HOH 10 14  14  HOH HOH A . 
E 5 HOH 11 15  15  HOH HOH A . 
E 5 HOH 12 16  16  HOH HOH A . 
E 5 HOH 13 18  18  HOH HOH A . 
E 5 HOH 14 19  19  HOH HOH A . 
E 5 HOH 15 20  20  HOH HOH A . 
E 5 HOH 16 21  21  HOH HOH A . 
E 5 HOH 17 23  23  HOH HOH A . 
E 5 HOH 18 160 27  HOH HOH A . 
E 5 HOH 19 161 28  HOH HOH A . 
E 5 HOH 20 162 29  HOH HOH A . 
E 5 HOH 21 163 30  HOH HOH A . 
E 5 HOH 22 164 31  HOH HOH A . 
E 5 HOH 23 165 32  HOH HOH A . 
E 5 HOH 24 166 34  HOH HOH A . 
E 5 HOH 25 167 37  HOH HOH A . 
E 5 HOH 26 168 39  HOH HOH A . 
E 5 HOH 27 169 40  HOH HOH A . 
E 5 HOH 28 170 42  HOH HOH A . 
E 5 HOH 29 171 50  HOH HOH A . 
E 5 HOH 30 172 51  HOH HOH A . 
E 5 HOH 31 173 102 HOH HOH A . 
E 5 HOH 32 174 103 HOH HOH A . 
E 5 HOH 33 175 106 HOH HOH A . 
E 5 HOH 34 176 107 HOH HOH A . 
E 5 HOH 35 177 143 HOH HOH A . 
E 5 HOH 36 178 144 HOH HOH A . 
E 5 HOH 37 179 145 HOH HOH A . 
E 5 HOH 38 180 124 HOH HOH A . 
E 5 HOH 39 181 125 HOH HOH A . 
E 5 HOH 40 201 201 HOH HOH A . 
E 5 HOH 41 203 203 HOH HOH A . 
E 5 HOH 42 205 205 HOH HOH A . 
E 5 HOH 43 210 210 HOH HOH A . 
E 5 HOH 44 211 211 HOH HOH A . 
E 5 HOH 45 212 212 HOH HOH A . 
E 5 HOH 46 213 213 HOH HOH A . 
E 5 HOH 47 214 214 HOH HOH A . 
E 5 HOH 48 215 215 HOH HOH A . 
E 5 HOH 49 217 217 HOH HOH A . 
E 5 HOH 50 218 218 HOH HOH A . 
E 5 HOH 51 222 222 HOH HOH A . 
E 5 HOH 52 223 223 HOH HOH A . 
E 5 HOH 53 224 224 HOH HOH A . 
E 5 HOH 54 225 225 HOH HOH A . 
E 5 HOH 55 226 226 HOH HOH A . 
E 5 HOH 56 227 227 HOH HOH A . 
E 5 HOH 57 228 228 HOH HOH A . 
E 5 HOH 58 229 229 HOH HOH A . 
# 
loop_
_pdbx_unobs_or_zero_occ_atoms.id 
_pdbx_unobs_or_zero_occ_atoms.PDB_model_num 
_pdbx_unobs_or_zero_occ_atoms.polymer_flag 
_pdbx_unobs_or_zero_occ_atoms.occupancy_flag 
_pdbx_unobs_or_zero_occ_atoms.auth_asym_id 
_pdbx_unobs_or_zero_occ_atoms.auth_comp_id 
_pdbx_unobs_or_zero_occ_atoms.auth_seq_id 
_pdbx_unobs_or_zero_occ_atoms.PDB_ins_code 
_pdbx_unobs_or_zero_occ_atoms.auth_atom_id 
_pdbx_unobs_or_zero_occ_atoms.label_alt_id 
_pdbx_unobs_or_zero_occ_atoms.label_asym_id 
_pdbx_unobs_or_zero_occ_atoms.label_comp_id 
_pdbx_unobs_or_zero_occ_atoms.label_seq_id 
_pdbx_unobs_or_zero_occ_atoms.label_atom_id 
1  1 N 0 A GSH 900 ? N1  ? D GSH ? N1  
2  1 N 0 A GSH 900 ? CA1 ? D GSH ? CA1 
3  1 N 0 A GSH 900 ? C1  ? D GSH ? C1  
4  1 N 0 A GSH 900 ? O11 ? D GSH ? O11 
5  1 N 0 A GSH 900 ? O12 ? D GSH ? O12 
6  1 N 0 A GSH 900 ? CB1 ? D GSH ? CB1 
7  1 N 0 A GSH 900 ? CA3 ? D GSH ? CA3 
8  1 N 0 A GSH 900 ? C3  ? D GSH ? C3  
9  1 N 0 A GSH 900 ? O31 ? D GSH ? O31 
10 1 N 0 A GSH 900 ? O32 ? D GSH ? O32 
# 
loop_
_software.name 
_software.classification 
_software.version 
_software.citation_id 
_software.pdbx_ordinal 
REFMAC   refinement       5.2.0019 ? 1 
CNS      refinement       .        ? 2 
HKL-2000 'data reduction' .        ? 3 
HKL-2000 'data scaling'   .        ? 4 
CNS      phasing          .        ? 5 
# 
_cell.entry_id           3KHQ 
_cell.length_a           35.63 
_cell.length_b           79.72 
_cell.length_c           34.32 
_cell.angle_alpha        90.00 
_cell.angle_beta         90.00 
_cell.angle_gamma        90.00 
_cell.Z_PDB              4 
_cell.pdbx_unique_axis   ? 
_cell.length_a_esd       ? 
_cell.length_b_esd       ? 
_cell.length_c_esd       ? 
_cell.angle_alpha_esd    ? 
_cell.angle_beta_esd     ? 
_cell.angle_gamma_esd    ? 
# 
_symmetry.entry_id                         3KHQ 
_symmetry.space_group_name_H-M             'P 21 21 2' 
_symmetry.pdbx_full_space_group_name_H-M   ? 
_symmetry.cell_setting                     ? 
_symmetry.Int_Tables_number                18 
_symmetry.space_group_name_Hall            ? 
# 
_exptl.entry_id          3KHQ 
_exptl.method            'X-RAY DIFFRACTION' 
_exptl.crystals_number   1 
# 
_exptl_crystal.id                    1 
_exptl_crystal.density_meas          ? 
_exptl_crystal.density_Matthews      1.62 
_exptl_crystal.density_percent_sol   23.89 
_exptl_crystal.description           ? 
_exptl_crystal.F_000                 ? 
_exptl_crystal.preparation           ? 
# 
_exptl_crystal_grow.crystal_id      1 
_exptl_crystal_grow.method          'VAPOR DIFFUSION' 
_exptl_crystal_grow.temp            298 
_exptl_crystal_grow.temp_details    ? 
_exptl_crystal_grow.pH              5.0 
_exptl_crystal_grow.pdbx_details    '20% Peg 750 MME, 0.2M MgCl2, 100mM Na Citrate, pH 5.0, VAPOR DIFFUSION, temperature 298K' 
_exptl_crystal_grow.pdbx_pH_range   ? 
# 
_diffrn.id                     1 
_diffrn.ambient_temp           100 
_diffrn.ambient_temp_details   ? 
_diffrn.crystal_id             1 
# 
_diffrn_detector.diffrn_id              1 
_diffrn_detector.detector               CCD 
_diffrn_detector.type                   'MARMOSAIC 300 mm CCD' 
_diffrn_detector.pdbx_collection_date   ? 
_diffrn_detector.details                mirrors 
# 
_diffrn_radiation.diffrn_id                        1 
_diffrn_radiation.wavelength_id                    1 
_diffrn_radiation.pdbx_monochromatic_or_laue_m_l   M 
_diffrn_radiation.monochromator                    'SI(111)' 
_diffrn_radiation.pdbx_diffrn_protocol             'SINGLE WAVELENGTH' 
_diffrn_radiation.pdbx_scattering_type             x-ray 
# 
_diffrn_radiation_wavelength.id           1 
_diffrn_radiation_wavelength.wavelength   1.000 
_diffrn_radiation_wavelength.wt           1.0 
# 
_diffrn_source.diffrn_id                   1 
_diffrn_source.source                      SYNCHROTRON 
_diffrn_source.type                        'APS BEAMLINE 22-ID' 
_diffrn_source.pdbx_synchrotron_site       APS 
_diffrn_source.pdbx_synchrotron_beamline   22-ID 
_diffrn_source.pdbx_wavelength             ? 
_diffrn_source.pdbx_wavelength_list        1.000 
# 
_reflns.entry_id                     3KHQ 
_reflns.observed_criterion_sigma_I   -3.0 
_reflns.observed_criterion_sigma_F   ? 
_reflns.d_resolution_low             50.0 
_reflns.d_resolution_high            1.7 
_reflns.number_obs                   10471 
_reflns.number_all                   ? 
_reflns.percent_possible_obs         ? 
_reflns.pdbx_Rmerge_I_obs            ? 
_reflns.pdbx_Rsym_value              0.065 
_reflns.pdbx_netI_over_sigmaI        21.5 
_reflns.B_iso_Wilson_estimate        20.6 
_reflns.pdbx_redundancy              5.5 
_reflns.R_free_details               ? 
_reflns.limit_h_max                  ? 
_reflns.limit_h_min                  ? 
_reflns.limit_k_max                  ? 
_reflns.limit_k_min                  ? 
_reflns.limit_l_max                  ? 
_reflns.limit_l_min                  ? 
_reflns.observed_criterion_F_max     ? 
_reflns.observed_criterion_F_min     ? 
_reflns.pdbx_chi_squared             ? 
_reflns.pdbx_scaling_rejects         ? 
_reflns.pdbx_ordinal                 1 
_reflns.pdbx_diffrn_id               1 
# 
_reflns_shell.d_res_high             1.7 
_reflns_shell.d_res_low              1.74 
_reflns_shell.percent_possible_all   ? 
_reflns_shell.Rmerge_I_obs           ? 
_reflns_shell.pdbx_Rsym_value        0.317 
_reflns_shell.meanI_over_sigI_obs    2.6 
_reflns_shell.pdbx_redundancy        2.3 
_reflns_shell.percent_possible_obs   ? 
_reflns_shell.number_unique_all      ? 
_reflns_shell.number_measured_all    ? 
_reflns_shell.number_measured_obs    ? 
_reflns_shell.number_unique_obs      ? 
_reflns_shell.pdbx_chi_squared       ? 
_reflns_shell.pdbx_ordinal           1 
_reflns_shell.pdbx_diffrn_id         1 
# 
_refine.entry_id                                 3KHQ 
_refine.ls_number_reflns_obs                     10071 
_refine.ls_number_reflns_all                     ? 
_refine.pdbx_ls_sigma_I                          ? 
_refine.pdbx_ls_sigma_F                          ? 
_refine.pdbx_data_cutoff_high_absF               ? 
_refine.pdbx_data_cutoff_low_absF                ? 
_refine.pdbx_data_cutoff_high_rms_absF           ? 
_refine.ls_d_res_low                             39.87 
_refine.ls_d_res_high                            1.70 
_refine.ls_percent_reflns_obs                    93.75 
_refine.ls_R_factor_obs                          0.18758 
_refine.ls_R_factor_all                          ? 
_refine.ls_R_factor_R_work                       0.187 
_refine.ls_R_factor_R_free                       0.197 
_refine.ls_R_factor_R_free_error                 ? 
_refine.ls_R_factor_R_free_error_details         ? 
_refine.ls_percent_reflns_R_free                 4.9 
_refine.ls_number_reflns_R_free                  515 
_refine.ls_number_parameters                     ? 
_refine.ls_number_restraints                     ? 
_refine.occupancy_min                            ? 
_refine.occupancy_max                            ? 
_refine.correlation_coeff_Fo_to_Fc               0.964 
_refine.correlation_coeff_Fo_to_Fc_free          0.960 
_refine.B_iso_mean                               31.694 
_refine.aniso_B[1][1]                            -0.96 
_refine.aniso_B[2][2]                            1.54 
_refine.aniso_B[3][3]                            -0.58 
_refine.aniso_B[1][2]                            0.00 
_refine.aniso_B[1][3]                            0.00 
_refine.aniso_B[2][3]                            0.00 
_refine.solvent_model_details                    'BABINET MODEL WITH MASK' 
_refine.solvent_model_param_ksol                 ? 
_refine.solvent_model_param_bsol                 ? 
_refine.pdbx_solvent_vdw_probe_radii             1.40 
_refine.pdbx_solvent_ion_probe_radii             0.80 
_refine.pdbx_solvent_shrinkage_radii             0.80 
_refine.pdbx_ls_cross_valid_method               THROUGHOUT 
_refine.details                                  'HYDROGENS HAVE BEEN ADDED IN THE RIDING POSITIONS' 
_refine.pdbx_starting_model                      ? 
_refine.pdbx_method_to_determine_struct          'MOLECULAR REPLACEMENT' 
_refine.pdbx_isotropic_thermal_model             ? 
_refine.pdbx_stereochemistry_target_values       'MAXIMUM LIKELIHOOD' 
_refine.pdbx_stereochem_target_val_spec_case     ? 
_refine.pdbx_R_Free_selection_details            RANDOM 
_refine.pdbx_overall_ESU_R                       0.117 
_refine.pdbx_overall_ESU_R_Free                  0.101 
_refine.overall_SU_ML                            0.068 
_refine.overall_SU_B                             2.114 
_refine.ls_redundancy_reflns_obs                 ? 
_refine.B_iso_min                                ? 
_refine.B_iso_max                                ? 
_refine.overall_SU_R_Cruickshank_DPI             ? 
_refine.overall_SU_R_free                        ? 
_refine.ls_wR_factor_R_free                      ? 
_refine.ls_wR_factor_R_work                      ? 
_refine.overall_FOM_free_R_set                   ? 
_refine.overall_FOM_work_R_set                   ? 
_refine.pdbx_overall_phase_error                 ? 
_refine.pdbx_refine_id                           'X-RAY DIFFRACTION' 
_refine.pdbx_diffrn_id                           1 
_refine.pdbx_TLS_residual_ADP_flag               ? 
_refine.pdbx_overall_SU_R_free_Cruickshank_DPI   ? 
_refine.pdbx_overall_SU_R_Blow_DPI               ? 
_refine.pdbx_overall_SU_R_free_Blow_DPI          ? 
# 
_refine_hist.pdbx_refine_id                   'X-RAY DIFFRACTION' 
_refine_hist.cycle_id                         LAST 
_refine_hist.pdbx_number_atoms_protein        752 
_refine_hist.pdbx_number_atoms_nucleic_acid   0 
_refine_hist.pdbx_number_atoms_ligand         34 
_refine_hist.number_atoms_solvent             58 
_refine_hist.number_atoms_total               844 
_refine_hist.d_res_high                       1.70 
_refine_hist.d_res_low                        39.87 
# 
loop_
_refine_ls_restr.type 
_refine_ls_restr.dev_ideal 
_refine_ls_restr.dev_ideal_target 
_refine_ls_restr.weight 
_refine_ls_restr.number 
_refine_ls_restr.pdbx_refine_id 
_refine_ls_restr.pdbx_restraint_function 
r_bond_refined_d             0.006  0.021  ? 799  'X-RAY DIFFRACTION' ? 
r_bond_other_d               0.001  0.020  ? 550  'X-RAY DIFFRACTION' ? 
r_angle_refined_deg          1.183  1.947  ? 1069 'X-RAY DIFFRACTION' ? 
r_angle_other_deg            2.530  3.006  ? 1329 'X-RAY DIFFRACTION' ? 
r_dihedral_angle_1_deg       4.724  5.000  ? 91   'X-RAY DIFFRACTION' ? 
r_dihedral_angle_2_deg       34.963 24.103 ? 39   'X-RAY DIFFRACTION' ? 
r_dihedral_angle_3_deg       11.740 15.000 ? 142  'X-RAY DIFFRACTION' ? 
r_dihedral_angle_4_deg       18.123 15.000 ? 5    'X-RAY DIFFRACTION' ? 
r_chiral_restr               0.246  0.200  ? 112  'X-RAY DIFFRACTION' ? 
r_gen_planes_refined         0.006  0.020  ? 866  'X-RAY DIFFRACTION' ? 
r_gen_planes_other           0.001  0.020  ? 161  'X-RAY DIFFRACTION' ? 
r_nbd_refined                0.261  0.200  ? 125  'X-RAY DIFFRACTION' ? 
r_nbd_other                  0.277  0.200  ? 536  'X-RAY DIFFRACTION' ? 
r_nbtor_refined              0.192  0.200  ? 366  'X-RAY DIFFRACTION' ? 
r_nbtor_other                0.091  0.200  ? 438  'X-RAY DIFFRACTION' ? 
r_xyhbond_nbd_refined        0.225  0.200  ? 35   'X-RAY DIFFRACTION' ? 
r_xyhbond_nbd_other          ?      ?      ? ?    'X-RAY DIFFRACTION' ? 
r_metal_ion_refined          ?      ?      ? ?    'X-RAY DIFFRACTION' ? 
r_metal_ion_other            ?      ?      ? ?    'X-RAY DIFFRACTION' ? 
r_symmetry_vdw_refined       0.220  0.200  ? 9    'X-RAY DIFFRACTION' ? 
r_symmetry_vdw_other         0.255  0.200  ? 20   'X-RAY DIFFRACTION' ? 
r_symmetry_hbond_refined     0.132  0.200  ? 8    'X-RAY DIFFRACTION' ? 
r_symmetry_hbond_other       ?      ?      ? ?    'X-RAY DIFFRACTION' ? 
r_symmetry_metal_ion_refined ?      ?      ? ?    'X-RAY DIFFRACTION' ? 
r_symmetry_metal_ion_other   ?      ?      ? ?    'X-RAY DIFFRACTION' ? 
r_mcbond_it                  10.383 4.000  ? 606  'X-RAY DIFFRACTION' ? 
r_mcbond_other               2.428  4.000  ? 191  'X-RAY DIFFRACTION' ? 
r_mcangle_it                 10.000 6.000  ? 748  'X-RAY DIFFRACTION' ? 
r_scbond_it                  13.477 4.000  ? 396  'X-RAY DIFFRACTION' ? 
r_scangle_it                 16.397 6.000  ? 321  'X-RAY DIFFRACTION' ? 
r_rigid_bond_restr           ?      ?      ? ?    'X-RAY DIFFRACTION' ? 
r_sphericity_free            ?      ?      ? ?    'X-RAY DIFFRACTION' ? 
r_sphericity_bonded          ?      ?      ? ?    'X-RAY DIFFRACTION' ? 
# 
_refine_ls_shell.pdbx_total_number_of_bins_used   20 
_refine_ls_shell.d_res_high                       1.700 
_refine_ls_shell.d_res_low                        1.744 
_refine_ls_shell.number_reflns_R_work             382 
_refine_ls_shell.R_factor_R_work                  0.270 
_refine_ls_shell.percent_reflns_obs               51.27 
_refine_ls_shell.R_factor_R_free                  0.290 
_refine_ls_shell.R_factor_R_free_error            ? 
_refine_ls_shell.percent_reflns_R_free            ? 
_refine_ls_shell.number_reflns_R_free             22 
_refine_ls_shell.number_reflns_all                ? 
_refine_ls_shell.R_factor_all                     ? 
_refine_ls_shell.number_reflns_obs                ? 
_refine_ls_shell.redundancy_reflns_obs            ? 
_refine_ls_shell.pdbx_refine_id                   'X-RAY DIFFRACTION' 
# 
_struct.entry_id                  3KHQ 
_struct.title                     'Crystal structure of murine Ig-beta (CD79b) in the monomeric form' 
_struct.pdbx_model_details        ? 
_struct.pdbx_CASP_flag            ? 
_struct.pdbx_model_type_details   ? 
# 
_struct_keywords.entry_id        3KHQ 
_struct_keywords.pdbx_keywords   'PROTEIN BINDING' 
_struct_keywords.text            'CD79b, CD79a, Ig-beta, BCR, Ig domain, V-set, Immunoglobulin domain, PROTEIN BINDING' 
# 
loop_
_struct_asym.id 
_struct_asym.pdbx_blank_PDB_chainid_flag 
_struct_asym.pdbx_modified 
_struct_asym.entity_id 
_struct_asym.details 
A N N 1 ? 
B N N 2 ? 
C N N 3 ? 
D N N 4 ? 
E N N 5 ? 
# 
_struct_ref.id                         1 
_struct_ref.db_name                    UNP 
_struct_ref.db_code                    CD79B_MOUSE 
_struct_ref.pdbx_db_accession          P15530 
_struct_ref.entity_id                  1 
_struct_ref.pdbx_seq_one_letter_code   
;PAMTSSDLPLNFQGSPCSQIWQHPRFAAKKRSSMVKFHCYTNHSGALTWFRKRGSQQPQELVSEEGRIVQTQNGSVYTLT
IQNIQYEDNGIYFCKQKCDSANHNVTDSCGTELLVLGFSTLDQLKRRNTLKDG
;
_struct_ref.pdbx_align_begin           27 
_struct_ref.pdbx_db_isoform            ? 
# 
_struct_ref_seq.align_id                      1 
_struct_ref_seq.ref_id                        1 
_struct_ref_seq.pdbx_PDB_id_code              3KHQ 
_struct_ref_seq.pdbx_strand_id                A 
_struct_ref_seq.seq_align_beg                 1 
_struct_ref_seq.pdbx_seq_align_beg_ins_code   ? 
_struct_ref_seq.seq_align_end                 133 
_struct_ref_seq.pdbx_seq_align_end_ins_code   ? 
_struct_ref_seq.pdbx_db_accession             P15530 
_struct_ref_seq.db_align_beg                  27 
_struct_ref_seq.pdbx_db_align_beg_ins_code    ? 
_struct_ref_seq.db_align_end                  159 
_struct_ref_seq.pdbx_db_align_end_ins_code    ? 
_struct_ref_seq.pdbx_auth_seq_align_beg       27 
_struct_ref_seq.pdbx_auth_seq_align_end       159 
# 
_pdbx_struct_assembly.id                   1 
_pdbx_struct_assembly.details              author_and_software_defined_assembly 
_pdbx_struct_assembly.method_details       PISA 
_pdbx_struct_assembly.oligomeric_details   monomeric 
_pdbx_struct_assembly.oligomeric_count     1 
# 
_pdbx_struct_assembly_gen.assembly_id       1 
_pdbx_struct_assembly_gen.oper_expression   1 
_pdbx_struct_assembly_gen.asym_id_list      A,B,C,D,E 
# 
_pdbx_struct_oper_list.id                   1 
_pdbx_struct_oper_list.type                 'identity operation' 
_pdbx_struct_oper_list.name                 1_555 
_pdbx_struct_oper_list.symmetry_operation   x,y,z 
_pdbx_struct_oper_list.matrix[1][1]         1.0000000000 
_pdbx_struct_oper_list.matrix[1][2]         0.0000000000 
_pdbx_struct_oper_list.matrix[1][3]         0.0000000000 
_pdbx_struct_oper_list.vector[1]            0.0000000000 
_pdbx_struct_oper_list.matrix[2][1]         0.0000000000 
_pdbx_struct_oper_list.matrix[2][2]         1.0000000000 
_pdbx_struct_oper_list.matrix[2][3]         0.0000000000 
_pdbx_struct_oper_list.vector[2]            0.0000000000 
_pdbx_struct_oper_list.matrix[3][1]         0.0000000000 
_pdbx_struct_oper_list.matrix[3][2]         0.0000000000 
_pdbx_struct_oper_list.matrix[3][3]         1.0000000000 
_pdbx_struct_oper_list.vector[3]            0.0000000000 
# 
_struct_biol.id        1 
_struct_biol.details   ? 
# 
_struct_conf.conf_type_id            HELX_P 
_struct_conf.id                      HELX_P1 
_struct_conf.pdbx_PDB_helix_id       1 
_struct_conf.beg_label_comp_id       GLN 
_struct_conf.beg_label_asym_id       A 
_struct_conf.beg_label_seq_id        85 
_struct_conf.pdbx_beg_PDB_ins_code   ? 
_struct_conf.end_label_comp_id       ASN 
_struct_conf.end_label_asym_id       A 
_struct_conf.end_label_seq_id        89 
_struct_conf.pdbx_end_PDB_ins_code   ? 
_struct_conf.beg_auth_comp_id        GLN 
_struct_conf.beg_auth_asym_id        A 
_struct_conf.beg_auth_seq_id         111 
_struct_conf.end_auth_comp_id        ASN 
_struct_conf.end_auth_asym_id        A 
_struct_conf.end_auth_seq_id         115 
_struct_conf.pdbx_PDB_helix_class    5 
_struct_conf.details                 ? 
_struct_conf.pdbx_PDB_helix_length   5 
# 
_struct_conf_type.id          HELX_P 
_struct_conf_type.criteria    ? 
_struct_conf_type.reference   ? 
# 
loop_
_struct_conn.id 
_struct_conn.conn_type_id 
_struct_conn.pdbx_leaving_atom_flag 
_struct_conn.pdbx_PDB_id 
_struct_conn.ptnr1_label_asym_id 
_struct_conn.ptnr1_label_comp_id 
_struct_conn.ptnr1_label_seq_id 
_struct_conn.ptnr1_label_atom_id 
_struct_conn.pdbx_ptnr1_label_alt_id 
_struct_conn.pdbx_ptnr1_PDB_ins_code 
_struct_conn.pdbx_ptnr1_standard_comp_id 
_struct_conn.ptnr1_symmetry 
_struct_conn.ptnr2_label_asym_id 
_struct_conn.ptnr2_label_comp_id 
_struct_conn.ptnr2_label_seq_id 
_struct_conn.ptnr2_label_atom_id 
_struct_conn.pdbx_ptnr2_label_alt_id 
_struct_conn.pdbx_ptnr2_PDB_ins_code 
_struct_conn.ptnr1_auth_asym_id 
_struct_conn.ptnr1_auth_comp_id 
_struct_conn.ptnr1_auth_seq_id 
_struct_conn.ptnr2_auth_asym_id 
_struct_conn.ptnr2_auth_comp_id 
_struct_conn.ptnr2_auth_seq_id 
_struct_conn.ptnr2_symmetry 
_struct_conn.pdbx_ptnr3_label_atom_id 
_struct_conn.pdbx_ptnr3_label_seq_id 
_struct_conn.pdbx_ptnr3_label_comp_id 
_struct_conn.pdbx_ptnr3_label_asym_id 
_struct_conn.pdbx_ptnr3_label_alt_id 
_struct_conn.pdbx_ptnr3_PDB_ins_code 
_struct_conn.details 
_struct_conn.pdbx_dist_value 
_struct_conn.pdbx_value_order 
_struct_conn.pdbx_role 
disulf1 disulf ? ? A CYS 17 SG ? ? ? 1_555 A CYS 109 SG  ? ? A CYS 43 A CYS 135 1_555 ? ? ? ? ? ? ? 2.033 ? ? 
disulf2 disulf ? ? A CYS 39 SG ? ? ? 1_555 A CYS 94  SG  ? ? A CYS 65 A CYS 120 1_555 ? ? ? ? ? ? ? 2.038 ? ? 
metalc1 metalc ? ? B MG  .  MG ? ? ? 1_555 A GLU 112 OE1 ? ? A MG  1  A GLU 138 1_555 ? ? ? ? ? ? ? 2.156 ? ? 
metalc2 metalc ? ? B MG  .  MG ? ? ? 1_555 E HOH .   O   ? ? A MG  1  A HOH 171 1_555 ? ? ? ? ? ? ? 2.108 ? ? 
metalc3 metalc ? ? B MG  .  MG ? ? ? 1_555 E HOH .   O   ? ? A MG  1  A HOH 172 1_555 ? ? ? ? ? ? ? 2.048 ? ? 
metalc4 metalc ? ? B MG  .  MG ? ? ? 1_555 C FLC .   OB1 ? ? A MG  1  A FLC 800 1_555 ? ? ? ? ? ? ? 2.140 ? ? 
metalc5 metalc ? ? B MG  .  MG ? ? ? 1_555 C FLC .   OG1 ? ? A MG  1  A FLC 800 1_555 ? ? ? ? ? ? ? 2.157 ? ? 
metalc6 metalc ? ? B MG  .  MG ? ? ? 1_555 C FLC .   OHB ? ? A MG  1  A FLC 800 1_555 ? ? ? ? ? ? ? 2.192 ? ? 
# 
loop_
_struct_conn_type.id 
_struct_conn_type.criteria 
_struct_conn_type.reference 
disulf ? ? 
metalc ? ? 
# 
loop_
_pdbx_struct_conn_angle.id 
_pdbx_struct_conn_angle.ptnr1_label_atom_id 
_pdbx_struct_conn_angle.ptnr1_label_alt_id 
_pdbx_struct_conn_angle.ptnr1_label_asym_id 
_pdbx_struct_conn_angle.ptnr1_label_comp_id 
_pdbx_struct_conn_angle.ptnr1_label_seq_id 
_pdbx_struct_conn_angle.ptnr1_auth_atom_id 
_pdbx_struct_conn_angle.ptnr1_auth_asym_id 
_pdbx_struct_conn_angle.ptnr1_auth_comp_id 
_pdbx_struct_conn_angle.ptnr1_auth_seq_id 
_pdbx_struct_conn_angle.ptnr1_PDB_ins_code 
_pdbx_struct_conn_angle.ptnr1_symmetry 
_pdbx_struct_conn_angle.ptnr2_label_atom_id 
_pdbx_struct_conn_angle.ptnr2_label_alt_id 
_pdbx_struct_conn_angle.ptnr2_label_asym_id 
_pdbx_struct_conn_angle.ptnr2_label_comp_id 
_pdbx_struct_conn_angle.ptnr2_label_seq_id 
_pdbx_struct_conn_angle.ptnr2_auth_atom_id 
_pdbx_struct_conn_angle.ptnr2_auth_asym_id 
_pdbx_struct_conn_angle.ptnr2_auth_comp_id 
_pdbx_struct_conn_angle.ptnr2_auth_seq_id 
_pdbx_struct_conn_angle.ptnr2_PDB_ins_code 
_pdbx_struct_conn_angle.ptnr2_symmetry 
_pdbx_struct_conn_angle.ptnr3_label_atom_id 
_pdbx_struct_conn_angle.ptnr3_label_alt_id 
_pdbx_struct_conn_angle.ptnr3_label_asym_id 
_pdbx_struct_conn_angle.ptnr3_label_comp_id 
_pdbx_struct_conn_angle.ptnr3_label_seq_id 
_pdbx_struct_conn_angle.ptnr3_auth_atom_id 
_pdbx_struct_conn_angle.ptnr3_auth_asym_id 
_pdbx_struct_conn_angle.ptnr3_auth_comp_id 
_pdbx_struct_conn_angle.ptnr3_auth_seq_id 
_pdbx_struct_conn_angle.ptnr3_PDB_ins_code 
_pdbx_struct_conn_angle.ptnr3_symmetry 
_pdbx_struct_conn_angle.value 
_pdbx_struct_conn_angle.value_esd 
1  OE1 ? A GLU 112 ? A GLU 138 ? 1_555 MG ? B MG . ? A MG 1 ? 1_555 O   ? E HOH . ? A HOH 171 ? 1_555 94.7  ? 
2  OE1 ? A GLU 112 ? A GLU 138 ? 1_555 MG ? B MG . ? A MG 1 ? 1_555 O   ? E HOH . ? A HOH 172 ? 1_555 97.5  ? 
3  O   ? E HOH .   ? A HOH 171 ? 1_555 MG ? B MG . ? A MG 1 ? 1_555 O   ? E HOH . ? A HOH 172 ? 1_555 95.6  ? 
4  OE1 ? A GLU 112 ? A GLU 138 ? 1_555 MG ? B MG . ? A MG 1 ? 1_555 OB1 ? C FLC . ? A FLC 800 ? 1_555 164.1 ? 
5  O   ? E HOH .   ? A HOH 171 ? 1_555 MG ? B MG . ? A MG 1 ? 1_555 OB1 ? C FLC . ? A FLC 800 ? 1_555 98.7  ? 
6  O   ? E HOH .   ? A HOH 172 ? 1_555 MG ? B MG . ? A MG 1 ? 1_555 OB1 ? C FLC . ? A FLC 800 ? 1_555 89.6  ? 
7  OE1 ? A GLU 112 ? A GLU 138 ? 1_555 MG ? B MG . ? A MG 1 ? 1_555 OG1 ? C FLC . ? A FLC 800 ? 1_555 88.5  ? 
8  O   ? E HOH .   ? A HOH 171 ? 1_555 MG ? B MG . ? A MG 1 ? 1_555 OG1 ? C FLC . ? A FLC 800 ? 1_555 89.3  ? 
9  O   ? E HOH .   ? A HOH 172 ? 1_555 MG ? B MG . ? A MG 1 ? 1_555 OG1 ? C FLC . ? A FLC 800 ? 1_555 171.9 ? 
10 OB1 ? C FLC .   ? A FLC 800 ? 1_555 MG ? B MG . ? A MG 1 ? 1_555 OG1 ? C FLC . ? A FLC 800 ? 1_555 83.2  ? 
11 OE1 ? A GLU 112 ? A GLU 138 ? 1_555 MG ? B MG . ? A MG 1 ? 1_555 OHB ? C FLC . ? A FLC 800 ? 1_555 92.5  ? 
12 O   ? E HOH .   ? A HOH 171 ? 1_555 MG ? B MG . ? A MG 1 ? 1_555 OHB ? C FLC . ? A FLC 800 ? 1_555 165.5 ? 
13 O   ? E HOH .   ? A HOH 172 ? 1_555 MG ? B MG . ? A MG 1 ? 1_555 OHB ? C FLC . ? A FLC 800 ? 1_555 95.9  ? 
14 OB1 ? C FLC .   ? A FLC 800 ? 1_555 MG ? B MG . ? A MG 1 ? 1_555 OHB ? C FLC . ? A FLC 800 ? 1_555 72.6  ? 
15 OG1 ? C FLC .   ? A FLC 800 ? 1_555 MG ? B MG . ? A MG 1 ? 1_555 OHB ? C FLC . ? A FLC 800 ? 1_555 78.4  ? 
# 
loop_
_pdbx_modification_feature.ordinal 
_pdbx_modification_feature.label_comp_id 
_pdbx_modification_feature.label_asym_id 
_pdbx_modification_feature.label_seq_id 
_pdbx_modification_feature.label_alt_id 
_pdbx_modification_feature.modified_residue_label_comp_id 
_pdbx_modification_feature.modified_residue_label_asym_id 
_pdbx_modification_feature.modified_residue_label_seq_id 
_pdbx_modification_feature.modified_residue_label_alt_id 
_pdbx_modification_feature.auth_comp_id 
_pdbx_modification_feature.auth_asym_id 
_pdbx_modification_feature.auth_seq_id 
_pdbx_modification_feature.PDB_ins_code 
_pdbx_modification_feature.symmetry 
_pdbx_modification_feature.modified_residue_auth_comp_id 
_pdbx_modification_feature.modified_residue_auth_asym_id 
_pdbx_modification_feature.modified_residue_auth_seq_id 
_pdbx_modification_feature.modified_residue_PDB_ins_code 
_pdbx_modification_feature.modified_residue_symmetry 
_pdbx_modification_feature.comp_id_linking_atom 
_pdbx_modification_feature.modified_residue_id_linking_atom 
_pdbx_modification_feature.modified_residue_id 
_pdbx_modification_feature.ref_pcm_id 
_pdbx_modification_feature.ref_comp_id 
_pdbx_modification_feature.type 
_pdbx_modification_feature.category 
1 CYS A 17 ? CYS A 109 ? CYS A 43 ? 1_555 CYS A 135 ? 1_555 SG SG . . . None 'Disulfide bridge' 
2 CYS A 39 ? CYS A 94  ? CYS A 65 ? 1_555 CYS A 120 ? 1_555 SG SG . . . None 'Disulfide bridge' 
# 
_struct_mon_prot_cis.pdbx_id                1 
_struct_mon_prot_cis.label_comp_id          HIS 
_struct_mon_prot_cis.label_seq_id           23 
_struct_mon_prot_cis.label_asym_id          A 
_struct_mon_prot_cis.label_alt_id           . 
_struct_mon_prot_cis.pdbx_PDB_ins_code      ? 
_struct_mon_prot_cis.auth_comp_id           HIS 
_struct_mon_prot_cis.auth_seq_id            49 
_struct_mon_prot_cis.auth_asym_id           A 
_struct_mon_prot_cis.pdbx_label_comp_id_2   PRO 
_struct_mon_prot_cis.pdbx_label_seq_id_2    24 
_struct_mon_prot_cis.pdbx_label_asym_id_2   A 
_struct_mon_prot_cis.pdbx_PDB_ins_code_2    ? 
_struct_mon_prot_cis.pdbx_auth_comp_id_2    PRO 
_struct_mon_prot_cis.pdbx_auth_seq_id_2     50 
_struct_mon_prot_cis.pdbx_auth_asym_id_2    A 
_struct_mon_prot_cis.pdbx_PDB_model_num     1 
_struct_mon_prot_cis.pdbx_omega_angle       -5.00 
# 
loop_
_struct_sheet.id 
_struct_sheet.type 
_struct_sheet.number_strands 
_struct_sheet.details 
A ? 4 ? 
B ? 5 ? 
# 
loop_
_struct_sheet_order.sheet_id 
_struct_sheet_order.range_id_1 
_struct_sheet_order.range_id_2 
_struct_sheet_order.offset 
_struct_sheet_order.sense 
A 1 2 ? anti-parallel 
A 2 3 ? anti-parallel 
A 3 4 ? anti-parallel 
B 1 2 ? parallel      
B 2 3 ? anti-parallel 
B 3 4 ? anti-parallel 
B 4 5 ? anti-parallel 
# 
loop_
_struct_sheet_range.sheet_id 
_struct_sheet_range.id 
_struct_sheet_range.beg_label_comp_id 
_struct_sheet_range.beg_label_asym_id 
_struct_sheet_range.beg_label_seq_id 
_struct_sheet_range.pdbx_beg_PDB_ins_code 
_struct_sheet_range.end_label_comp_id 
_struct_sheet_range.end_label_asym_id 
_struct_sheet_range.end_label_seq_id 
_struct_sheet_range.pdbx_end_PDB_ins_code 
_struct_sheet_range.beg_auth_comp_id 
_struct_sheet_range.beg_auth_asym_id 
_struct_sheet_range.beg_auth_seq_id 
_struct_sheet_range.end_auth_comp_id 
_struct_sheet_range.end_auth_asym_id 
_struct_sheet_range.end_auth_seq_id 
A 1 ILE A 20  ? HIS A 23  ? ILE A 46  HIS A 49  
A 2 VAL A 35  ? THR A 41  ? VAL A 61  THR A 67  
A 3 VAL A 76  ? ILE A 81  ? VAL A 102 ILE A 107 
A 4 ILE A 68  ? ASN A 73  ? ILE A 94  ASN A 99  
B 1 PHE A 26  ? LYS A 30  ? PHE A 52  LYS A 56  
B 2 THR A 111 ? LEU A 116 ? THR A 137 LEU A 142 
B 3 GLY A 90  ? GLN A 96  ? GLY A 116 GLN A 122 
B 4 LEU A 47  ? LYS A 52  ? LEU A 73  LYS A 78  
B 5 GLN A 59  ? GLU A 60  ? GLN A 85  GLU A 86  
# 
loop_
_pdbx_struct_sheet_hbond.sheet_id 
_pdbx_struct_sheet_hbond.range_id_1 
_pdbx_struct_sheet_hbond.range_id_2 
_pdbx_struct_sheet_hbond.range_1_label_atom_id 
_pdbx_struct_sheet_hbond.range_1_label_comp_id 
_pdbx_struct_sheet_hbond.range_1_label_asym_id 
_pdbx_struct_sheet_hbond.range_1_label_seq_id 
_pdbx_struct_sheet_hbond.range_1_PDB_ins_code 
_pdbx_struct_sheet_hbond.range_1_auth_atom_id 
_pdbx_struct_sheet_hbond.range_1_auth_comp_id 
_pdbx_struct_sheet_hbond.range_1_auth_asym_id 
_pdbx_struct_sheet_hbond.range_1_auth_seq_id 
_pdbx_struct_sheet_hbond.range_2_label_atom_id 
_pdbx_struct_sheet_hbond.range_2_label_comp_id 
_pdbx_struct_sheet_hbond.range_2_label_asym_id 
_pdbx_struct_sheet_hbond.range_2_label_seq_id 
_pdbx_struct_sheet_hbond.range_2_PDB_ins_code 
_pdbx_struct_sheet_hbond.range_2_auth_atom_id 
_pdbx_struct_sheet_hbond.range_2_auth_comp_id 
_pdbx_struct_sheet_hbond.range_2_auth_asym_id 
_pdbx_struct_sheet_hbond.range_2_auth_seq_id 
A 1 2 N HIS A 23  ? N HIS A 49  O HIS A 38  ? O HIS A 64  
A 2 3 N CYS A 39  ? N CYS A 65  O TYR A 77  ? O TYR A 103 
A 3 4 O VAL A 76  ? O VAL A 102 N ASN A 73  ? N ASN A 99  
B 1 2 N LYS A 29  ? N LYS A 55  O LEU A 116 ? O LEU A 142 
B 2 3 O THR A 111 ? O THR A 137 N TYR A 92  ? N TYR A 118 
B 3 4 O PHE A 93  ? O PHE A 119 N PHE A 50  ? N PHE A 76  
B 4 5 N ARG A 51  ? N ARG A 77  O GLN A 59  ? O GLN A 85  
# 
loop_
_struct_site.id 
_struct_site.pdbx_evidence_code 
_struct_site.pdbx_auth_asym_id 
_struct_site.pdbx_auth_comp_id 
_struct_site.pdbx_auth_seq_id 
_struct_site.pdbx_auth_ins_code 
_struct_site.pdbx_num_residues 
_struct_site.details 
AC1 Software A MG  1   ? 4  'BINDING SITE FOR RESIDUE MG A 1'    
AC2 Software A FLC 800 ? 12 'BINDING SITE FOR RESIDUE FLC A 800' 
AC3 Software A GSH 900 ? 5  'BINDING SITE FOR RESIDUE GSH A 900' 
# 
loop_
_struct_site_gen.id 
_struct_site_gen.site_id 
_struct_site_gen.pdbx_num_res 
_struct_site_gen.label_comp_id 
_struct_site_gen.label_asym_id 
_struct_site_gen.label_seq_id 
_struct_site_gen.pdbx_auth_ins_code 
_struct_site_gen.auth_comp_id 
_struct_site_gen.auth_asym_id 
_struct_site_gen.auth_seq_id 
_struct_site_gen.label_atom_id 
_struct_site_gen.label_alt_id 
_struct_site_gen.symmetry 
_struct_site_gen.details 
1  AC1 4  GLU A 112 ? GLU A 138 . ? 1_555 ? 
2  AC1 4  HOH E .   ? HOH A 171 . ? 1_555 ? 
3  AC1 4  HOH E .   ? HOH A 172 . ? 1_555 ? 
4  AC1 4  FLC C .   ? FLC A 800 . ? 1_555 ? 
5  AC2 12 MG  B .   ? MG  A 1   . ? 1_555 ? 
6  AC2 12 HOH E .   ? HOH A 11  . ? 4_456 ? 
7  AC2 12 ARG A 25  ? ARG A 51  . ? 1_555 ? 
8  AC2 12 PHE A 26  ? PHE A 52  . ? 1_555 ? 
9  AC2 12 LYS A 36  ? LYS A 62  . ? 4_456 ? 
10 AC2 12 HIS A 38  ? HIS A 64  . ? 4_456 ? 
11 AC2 12 GLY A 110 ? GLY A 136 . ? 1_555 ? 
12 AC2 12 GLU A 112 ? GLU A 138 . ? 1_555 ? 
13 AC2 12 HOH E .   ? HOH A 171 . ? 1_555 ? 
14 AC2 12 HOH E .   ? HOH A 172 . ? 1_555 ? 
15 AC2 12 HOH E .   ? HOH A 180 . ? 1_555 ? 
16 AC2 12 HOH E .   ? HOH A 211 . ? 4_456 ? 
17 AC3 5  SER A 55  ? SER A 81  . ? 2_555 ? 
18 AC3 5  THR A 71  ? THR A 97  . ? 2_655 ? 
19 AC3 5  GLN A 72  ? GLN A 98  . ? 2_655 ? 
20 AC3 5  CYS A 98  ? CYS A 124 . ? 1_555 ? 
21 AC3 5  HOH E .   ? HOH A 181 . ? 2_555 ? 
# 
_pdbx_entry_details.entry_id                   3KHQ 
_pdbx_entry_details.compound_details           ? 
_pdbx_entry_details.source_details             ? 
_pdbx_entry_details.nonpolymer_details         ? 
_pdbx_entry_details.sequence_details           ? 
_pdbx_entry_details.has_ligand_of_interest     ? 
_pdbx_entry_details.has_protein_modification   Y 
# 
loop_
_pdbx_validate_close_contact.id 
_pdbx_validate_close_contact.PDB_model_num 
_pdbx_validate_close_contact.auth_atom_id_1 
_pdbx_validate_close_contact.auth_asym_id_1 
_pdbx_validate_close_contact.auth_comp_id_1 
_pdbx_validate_close_contact.auth_seq_id_1 
_pdbx_validate_close_contact.PDB_ins_code_1 
_pdbx_validate_close_contact.label_alt_id_1 
_pdbx_validate_close_contact.auth_atom_id_2 
_pdbx_validate_close_contact.auth_asym_id_2 
_pdbx_validate_close_contact.auth_comp_id_2 
_pdbx_validate_close_contact.auth_seq_id_2 
_pdbx_validate_close_contact.PDB_ins_code_2 
_pdbx_validate_close_contact.label_alt_id_2 
_pdbx_validate_close_contact.dist 
1 1 OG  A SER 70 ? B O A HOH 215 ? ? 1.94 
2 1 OE1 A GLN 98 ? ? O A HOH 223 ? ? 2.14 
# 
_pdbx_validate_rmsd_angle.id                         1 
_pdbx_validate_rmsd_angle.PDB_model_num              1 
_pdbx_validate_rmsd_angle.auth_atom_id_1             CG1 
_pdbx_validate_rmsd_angle.auth_asym_id_1             A 
_pdbx_validate_rmsd_angle.auth_comp_id_1             ILE 
_pdbx_validate_rmsd_angle.auth_seq_id_1              110 
_pdbx_validate_rmsd_angle.PDB_ins_code_1             ? 
_pdbx_validate_rmsd_angle.label_alt_id_1             B 
_pdbx_validate_rmsd_angle.auth_atom_id_2             CB 
_pdbx_validate_rmsd_angle.auth_asym_id_2             A 
_pdbx_validate_rmsd_angle.auth_comp_id_2             ILE 
_pdbx_validate_rmsd_angle.auth_seq_id_2              110 
_pdbx_validate_rmsd_angle.PDB_ins_code_2             ? 
_pdbx_validate_rmsd_angle.label_alt_id_2             ? 
_pdbx_validate_rmsd_angle.auth_atom_id_3             CG2 
_pdbx_validate_rmsd_angle.auth_asym_id_3             A 
_pdbx_validate_rmsd_angle.auth_comp_id_3             ILE 
_pdbx_validate_rmsd_angle.auth_seq_id_3              110 
_pdbx_validate_rmsd_angle.PDB_ins_code_3             ? 
_pdbx_validate_rmsd_angle.label_alt_id_3             B 
_pdbx_validate_rmsd_angle.angle_value                124.76 
_pdbx_validate_rmsd_angle.angle_target_value         111.40 
_pdbx_validate_rmsd_angle.angle_deviation            13.36 
_pdbx_validate_rmsd_angle.angle_standard_deviation   2.20 
_pdbx_validate_rmsd_angle.linker_flag                N 
# 
loop_
_pdbx_validate_torsion.id 
_pdbx_validate_torsion.PDB_model_num 
_pdbx_validate_torsion.auth_comp_id 
_pdbx_validate_torsion.auth_asym_id 
_pdbx_validate_torsion.auth_seq_id 
_pdbx_validate_torsion.PDB_ins_code 
_pdbx_validate_torsion.label_alt_id 
_pdbx_validate_torsion.phi 
_pdbx_validate_torsion.psi 
1 1 SER A 44 ? ? -99.06  -108.96 
2 1 SER A 58 ? ? 84.98   -9.80   
3 1 ASN A 99 ? ? -115.46 77.29   
# 
_pdbx_validate_chiral.id              1 
_pdbx_validate_chiral.PDB_model_num   1 
_pdbx_validate_chiral.auth_atom_id    CB 
_pdbx_validate_chiral.label_alt_id    ? 
_pdbx_validate_chiral.auth_asym_id    A 
_pdbx_validate_chiral.auth_comp_id    ILE 
_pdbx_validate_chiral.auth_seq_id     110 
_pdbx_validate_chiral.PDB_ins_code    ? 
_pdbx_validate_chiral.details         PLANAR 
_pdbx_validate_chiral.omega           . 
# 
loop_
_pdbx_unobs_or_zero_occ_residues.id 
_pdbx_unobs_or_zero_occ_residues.PDB_model_num 
_pdbx_unobs_or_zero_occ_residues.polymer_flag 
_pdbx_unobs_or_zero_occ_residues.occupancy_flag 
_pdbx_unobs_or_zero_occ_residues.auth_asym_id 
_pdbx_unobs_or_zero_occ_residues.auth_comp_id 
_pdbx_unobs_or_zero_occ_residues.auth_seq_id 
_pdbx_unobs_or_zero_occ_residues.PDB_ins_code 
_pdbx_unobs_or_zero_occ_residues.label_asym_id 
_pdbx_unobs_or_zero_occ_residues.label_comp_id 
_pdbx_unobs_or_zero_occ_residues.label_seq_id 
1  1 Y 1 A PRO 27  ? A PRO 1   
2  1 Y 1 A ALA 28  ? A ALA 2   
3  1 Y 1 A MET 29  ? A MET 3   
4  1 Y 1 A THR 30  ? A THR 4   
5  1 Y 1 A SER 31  ? A SER 5   
6  1 Y 1 A SER 32  ? A SER 6   
7  1 Y 1 A ASP 33  ? A ASP 7   
8  1 Y 1 A LEU 34  ? A LEU 8   
9  1 Y 1 A PRO 35  ? A PRO 9   
10 1 Y 1 A LEU 36  ? A LEU 10  
11 1 Y 1 A ASN 37  ? A ASN 11  
12 1 Y 1 A PHE 38  ? A PHE 12  
13 1 Y 1 A GLN 39  ? A GLN 13  
14 1 Y 1 A GLY 40  ? A GLY 14  
15 1 Y 1 A SER 41  ? A SER 15  
16 1 Y 1 A PRO 42  ? A PRO 16  
17 1 Y 1 A ALA 127 ? A ALA 101 
18 1 Y 1 A ASN 128 ? A ASN 102 
19 1 Y 1 A HIS 129 ? A HIS 103 
20 1 Y 1 A ASN 130 ? A ASN 104 
21 1 Y 1 A VAL 131 ? A VAL 105 
22 1 Y 1 A THR 132 ? A THR 106 
23 1 Y 1 A ASP 133 ? A ASP 107 
24 1 Y 1 A GLY 143 ? A GLY 117 
25 1 Y 1 A PHE 144 ? A PHE 118 
26 1 Y 1 A SER 145 ? A SER 119 
27 1 Y 1 A THR 146 ? A THR 120 
28 1 Y 1 A LEU 147 ? A LEU 121 
29 1 Y 1 A ASP 148 ? A ASP 122 
30 1 Y 1 A GLN 149 ? A GLN 123 
31 1 Y 1 A LEU 150 ? A LEU 124 
32 1 Y 1 A LYS 151 ? A LYS 125 
33 1 Y 1 A ARG 152 ? A ARG 126 
34 1 Y 1 A ARG 153 ? A ARG 127 
35 1 Y 1 A ASN 154 ? A ASN 128 
36 1 Y 1 A THR 155 ? A THR 129 
37 1 Y 1 A LEU 156 ? A LEU 130 
38 1 Y 1 A LYS 157 ? A LYS 131 
39 1 Y 1 A ASP 158 ? A ASP 132 
40 1 Y 1 A GLY 159 ? A GLY 133 
# 
loop_
_chem_comp_atom.comp_id 
_chem_comp_atom.atom_id 
_chem_comp_atom.type_symbol 
_chem_comp_atom.pdbx_aromatic_flag 
_chem_comp_atom.pdbx_stereo_config 
_chem_comp_atom.pdbx_ordinal 
ALA N    N  N N 1   
ALA CA   C  N S 2   
ALA C    C  N N 3   
ALA O    O  N N 4   
ALA CB   C  N N 5   
ALA OXT  O  N N 6   
ALA H    H  N N 7   
ALA H2   H  N N 8   
ALA HA   H  N N 9   
ALA HB1  H  N N 10  
ALA HB2  H  N N 11  
ALA HB3  H  N N 12  
ALA HXT  H  N N 13  
ARG N    N  N N 14  
ARG CA   C  N S 15  
ARG C    C  N N 16  
ARG O    O  N N 17  
ARG CB   C  N N 18  
ARG CG   C  N N 19  
ARG CD   C  N N 20  
ARG NE   N  N N 21  
ARG CZ   C  N N 22  
ARG NH1  N  N N 23  
ARG NH2  N  N N 24  
ARG OXT  O  N N 25  
ARG H    H  N N 26  
ARG H2   H  N N 27  
ARG HA   H  N N 28  
ARG HB2  H  N N 29  
ARG HB3  H  N N 30  
ARG HG2  H  N N 31  
ARG HG3  H  N N 32  
ARG HD2  H  N N 33  
ARG HD3  H  N N 34  
ARG HE   H  N N 35  
ARG HH11 H  N N 36  
ARG HH12 H  N N 37  
ARG HH21 H  N N 38  
ARG HH22 H  N N 39  
ARG HXT  H  N N 40  
ASN N    N  N N 41  
ASN CA   C  N S 42  
ASN C    C  N N 43  
ASN O    O  N N 44  
ASN CB   C  N N 45  
ASN CG   C  N N 46  
ASN OD1  O  N N 47  
ASN ND2  N  N N 48  
ASN OXT  O  N N 49  
ASN H    H  N N 50  
ASN H2   H  N N 51  
ASN HA   H  N N 52  
ASN HB2  H  N N 53  
ASN HB3  H  N N 54  
ASN HD21 H  N N 55  
ASN HD22 H  N N 56  
ASN HXT  H  N N 57  
ASP N    N  N N 58  
ASP CA   C  N S 59  
ASP C    C  N N 60  
ASP O    O  N N 61  
ASP CB   C  N N 62  
ASP CG   C  N N 63  
ASP OD1  O  N N 64  
ASP OD2  O  N N 65  
ASP OXT  O  N N 66  
ASP H    H  N N 67  
ASP H2   H  N N 68  
ASP HA   H  N N 69  
ASP HB2  H  N N 70  
ASP HB3  H  N N 71  
ASP HD2  H  N N 72  
ASP HXT  H  N N 73  
CYS N    N  N N 74  
CYS CA   C  N R 75  
CYS C    C  N N 76  
CYS O    O  N N 77  
CYS CB   C  N N 78  
CYS SG   S  N N 79  
CYS OXT  O  N N 80  
CYS H    H  N N 81  
CYS H2   H  N N 82  
CYS HA   H  N N 83  
CYS HB2  H  N N 84  
CYS HB3  H  N N 85  
CYS HG   H  N N 86  
CYS HXT  H  N N 87  
FLC CAC  C  N N 88  
FLC CA   C  N N 89  
FLC CB   C  N N 90  
FLC CBC  C  N N 91  
FLC CG   C  N N 92  
FLC CGC  C  N N 93  
FLC OA1  O  N N 94  
FLC OA2  O  N N 95  
FLC OB1  O  N N 96  
FLC OB2  O  N N 97  
FLC OG1  O  N N 98  
FLC OG2  O  N N 99  
FLC OHB  O  N N 100 
FLC HA1  H  N N 101 
FLC HA2  H  N N 102 
FLC HG1  H  N N 103 
FLC HG2  H  N N 104 
FLC HOB  H  N N 105 
GLN N    N  N N 106 
GLN CA   C  N S 107 
GLN C    C  N N 108 
GLN O    O  N N 109 
GLN CB   C  N N 110 
GLN CG   C  N N 111 
GLN CD   C  N N 112 
GLN OE1  O  N N 113 
GLN NE2  N  N N 114 
GLN OXT  O  N N 115 
GLN H    H  N N 116 
GLN H2   H  N N 117 
GLN HA   H  N N 118 
GLN HB2  H  N N 119 
GLN HB3  H  N N 120 
GLN HG2  H  N N 121 
GLN HG3  H  N N 122 
GLN HE21 H  N N 123 
GLN HE22 H  N N 124 
GLN HXT  H  N N 125 
GLU N    N  N N 126 
GLU CA   C  N S 127 
GLU C    C  N N 128 
GLU O    O  N N 129 
GLU CB   C  N N 130 
GLU CG   C  N N 131 
GLU CD   C  N N 132 
GLU OE1  O  N N 133 
GLU OE2  O  N N 134 
GLU OXT  O  N N 135 
GLU H    H  N N 136 
GLU H2   H  N N 137 
GLU HA   H  N N 138 
GLU HB2  H  N N 139 
GLU HB3  H  N N 140 
GLU HG2  H  N N 141 
GLU HG3  H  N N 142 
GLU HE2  H  N N 143 
GLU HXT  H  N N 144 
GLY N    N  N N 145 
GLY CA   C  N N 146 
GLY C    C  N N 147 
GLY O    O  N N 148 
GLY OXT  O  N N 149 
GLY H    H  N N 150 
GLY H2   H  N N 151 
GLY HA2  H  N N 152 
GLY HA3  H  N N 153 
GLY HXT  H  N N 154 
GSH N1   N  N N 155 
GSH CA1  C  N S 156 
GSH C1   C  N N 157 
GSH O11  O  N N 158 
GSH O12  O  N N 159 
GSH CB1  C  N N 160 
GSH CG1  C  N N 161 
GSH CD1  C  N N 162 
GSH OE1  O  N N 163 
GSH N2   N  N N 164 
GSH CA2  C  N R 165 
GSH C2   C  N N 166 
GSH O2   O  N N 167 
GSH CB2  C  N N 168 
GSH SG2  S  N N 169 
GSH N3   N  N N 170 
GSH CA3  C  N N 171 
GSH C3   C  N N 172 
GSH O31  O  N N 173 
GSH O32  O  N N 174 
GSH HN11 H  N N 175 
GSH HN12 H  N N 176 
GSH HA1  H  N N 177 
GSH H12  H  N N 178 
GSH HB12 H  N N 179 
GSH HB13 H  N N 180 
GSH HG12 H  N N 181 
GSH HG13 H  N N 182 
GSH HN2  H  N N 183 
GSH HA2  H  N N 184 
GSH HB22 H  N N 185 
GSH HB23 H  N N 186 
GSH HSG  H  N N 187 
GSH HN3  H  N N 188 
GSH HA31 H  N N 189 
GSH HA32 H  N N 190 
GSH H32  H  N N 191 
HIS N    N  N N 192 
HIS CA   C  N S 193 
HIS C    C  N N 194 
HIS O    O  N N 195 
HIS CB   C  N N 196 
HIS CG   C  Y N 197 
HIS ND1  N  Y N 198 
HIS CD2  C  Y N 199 
HIS CE1  C  Y N 200 
HIS NE2  N  Y N 201 
HIS OXT  O  N N 202 
HIS H    H  N N 203 
HIS H2   H  N N 204 
HIS HA   H  N N 205 
HIS HB2  H  N N 206 
HIS HB3  H  N N 207 
HIS HD1  H  N N 208 
HIS HD2  H  N N 209 
HIS HE1  H  N N 210 
HIS HE2  H  N N 211 
HIS HXT  H  N N 212 
HOH O    O  N N 213 
HOH H1   H  N N 214 
HOH H2   H  N N 215 
ILE N    N  N N 216 
ILE CA   C  N S 217 
ILE C    C  N N 218 
ILE O    O  N N 219 
ILE CB   C  N S 220 
ILE CG1  C  N N 221 
ILE CG2  C  N N 222 
ILE CD1  C  N N 223 
ILE OXT  O  N N 224 
ILE H    H  N N 225 
ILE H2   H  N N 226 
ILE HA   H  N N 227 
ILE HB   H  N N 228 
ILE HG12 H  N N 229 
ILE HG13 H  N N 230 
ILE HG21 H  N N 231 
ILE HG22 H  N N 232 
ILE HG23 H  N N 233 
ILE HD11 H  N N 234 
ILE HD12 H  N N 235 
ILE HD13 H  N N 236 
ILE HXT  H  N N 237 
LEU N    N  N N 238 
LEU CA   C  N S 239 
LEU C    C  N N 240 
LEU O    O  N N 241 
LEU CB   C  N N 242 
LEU CG   C  N N 243 
LEU CD1  C  N N 244 
LEU CD2  C  N N 245 
LEU OXT  O  N N 246 
LEU H    H  N N 247 
LEU H2   H  N N 248 
LEU HA   H  N N 249 
LEU HB2  H  N N 250 
LEU HB3  H  N N 251 
LEU HG   H  N N 252 
LEU HD11 H  N N 253 
LEU HD12 H  N N 254 
LEU HD13 H  N N 255 
LEU HD21 H  N N 256 
LEU HD22 H  N N 257 
LEU HD23 H  N N 258 
LEU HXT  H  N N 259 
LYS N    N  N N 260 
LYS CA   C  N S 261 
LYS C    C  N N 262 
LYS O    O  N N 263 
LYS CB   C  N N 264 
LYS CG   C  N N 265 
LYS CD   C  N N 266 
LYS CE   C  N N 267 
LYS NZ   N  N N 268 
LYS OXT  O  N N 269 
LYS H    H  N N 270 
LYS H2   H  N N 271 
LYS HA   H  N N 272 
LYS HB2  H  N N 273 
LYS HB3  H  N N 274 
LYS HG2  H  N N 275 
LYS HG3  H  N N 276 
LYS HD2  H  N N 277 
LYS HD3  H  N N 278 
LYS HE2  H  N N 279 
LYS HE3  H  N N 280 
LYS HZ1  H  N N 281 
LYS HZ2  H  N N 282 
LYS HZ3  H  N N 283 
LYS HXT  H  N N 284 
MET N    N  N N 285 
MET CA   C  N S 286 
MET C    C  N N 287 
MET O    O  N N 288 
MET CB   C  N N 289 
MET CG   C  N N 290 
MET SD   S  N N 291 
MET CE   C  N N 292 
MET OXT  O  N N 293 
MET H    H  N N 294 
MET H2   H  N N 295 
MET HA   H  N N 296 
MET HB2  H  N N 297 
MET HB3  H  N N 298 
MET HG2  H  N N 299 
MET HG3  H  N N 300 
MET HE1  H  N N 301 
MET HE2  H  N N 302 
MET HE3  H  N N 303 
MET HXT  H  N N 304 
MG  MG   MG N N 305 
PHE N    N  N N 306 
PHE CA   C  N S 307 
PHE C    C  N N 308 
PHE O    O  N N 309 
PHE CB   C  N N 310 
PHE CG   C  Y N 311 
PHE CD1  C  Y N 312 
PHE CD2  C  Y N 313 
PHE CE1  C  Y N 314 
PHE CE2  C  Y N 315 
PHE CZ   C  Y N 316 
PHE OXT  O  N N 317 
PHE H    H  N N 318 
PHE H2   H  N N 319 
PHE HA   H  N N 320 
PHE HB2  H  N N 321 
PHE HB3  H  N N 322 
PHE HD1  H  N N 323 
PHE HD2  H  N N 324 
PHE HE1  H  N N 325 
PHE HE2  H  N N 326 
PHE HZ   H  N N 327 
PHE HXT  H  N N 328 
PRO N    N  N N 329 
PRO CA   C  N S 330 
PRO C    C  N N 331 
PRO O    O  N N 332 
PRO CB   C  N N 333 
PRO CG   C  N N 334 
PRO CD   C  N N 335 
PRO OXT  O  N N 336 
PRO H    H  N N 337 
PRO HA   H  N N 338 
PRO HB2  H  N N 339 
PRO HB3  H  N N 340 
PRO HG2  H  N N 341 
PRO HG3  H  N N 342 
PRO HD2  H  N N 343 
PRO HD3  H  N N 344 
PRO HXT  H  N N 345 
SER N    N  N N 346 
SER CA   C  N S 347 
SER C    C  N N 348 
SER O    O  N N 349 
SER CB   C  N N 350 
SER OG   O  N N 351 
SER OXT  O  N N 352 
SER H    H  N N 353 
SER H2   H  N N 354 
SER HA   H  N N 355 
SER HB2  H  N N 356 
SER HB3  H  N N 357 
SER HG   H  N N 358 
SER HXT  H  N N 359 
THR N    N  N N 360 
THR CA   C  N S 361 
THR C    C  N N 362 
THR O    O  N N 363 
THR CB   C  N R 364 
THR OG1  O  N N 365 
THR CG2  C  N N 366 
THR OXT  O  N N 367 
THR H    H  N N 368 
THR H2   H  N N 369 
THR HA   H  N N 370 
THR HB   H  N N 371 
THR HG1  H  N N 372 
THR HG21 H  N N 373 
THR HG22 H  N N 374 
THR HG23 H  N N 375 
THR HXT  H  N N 376 
TRP N    N  N N 377 
TRP CA   C  N S 378 
TRP C    C  N N 379 
TRP O    O  N N 380 
TRP CB   C  N N 381 
TRP CG   C  Y N 382 
TRP CD1  C  Y N 383 
TRP CD2  C  Y N 384 
TRP NE1  N  Y N 385 
TRP CE2  C  Y N 386 
TRP CE3  C  Y N 387 
TRP CZ2  C  Y N 388 
TRP CZ3  C  Y N 389 
TRP CH2  C  Y N 390 
TRP OXT  O  N N 391 
TRP H    H  N N 392 
TRP H2   H  N N 393 
TRP HA   H  N N 394 
TRP HB2  H  N N 395 
TRP HB3  H  N N 396 
TRP HD1  H  N N 397 
TRP HE1  H  N N 398 
TRP HE3  H  N N 399 
TRP HZ2  H  N N 400 
TRP HZ3  H  N N 401 
TRP HH2  H  N N 402 
TRP HXT  H  N N 403 
TYR N    N  N N 404 
TYR CA   C  N S 405 
TYR C    C  N N 406 
TYR O    O  N N 407 
TYR CB   C  N N 408 
TYR CG   C  Y N 409 
TYR CD1  C  Y N 410 
TYR CD2  C  Y N 411 
TYR CE1  C  Y N 412 
TYR CE2  C  Y N 413 
TYR CZ   C  Y N 414 
TYR OH   O  N N 415 
TYR OXT  O  N N 416 
TYR H    H  N N 417 
TYR H2   H  N N 418 
TYR HA   H  N N 419 
TYR HB2  H  N N 420 
TYR HB3  H  N N 421 
TYR HD1  H  N N 422 
TYR HD2  H  N N 423 
TYR HE1  H  N N 424 
TYR HE2  H  N N 425 
TYR HH   H  N N 426 
TYR HXT  H  N N 427 
VAL N    N  N N 428 
VAL CA   C  N S 429 
VAL C    C  N N 430 
VAL O    O  N N 431 
VAL CB   C  N N 432 
VAL CG1  C  N N 433 
VAL CG2  C  N N 434 
VAL OXT  O  N N 435 
VAL H    H  N N 436 
VAL H2   H  N N 437 
VAL HA   H  N N 438 
VAL HB   H  N N 439 
VAL HG11 H  N N 440 
VAL HG12 H  N N 441 
VAL HG13 H  N N 442 
VAL HG21 H  N N 443 
VAL HG22 H  N N 444 
VAL HG23 H  N N 445 
VAL HXT  H  N N 446 
# 
loop_
_chem_comp_bond.comp_id 
_chem_comp_bond.atom_id_1 
_chem_comp_bond.atom_id_2 
_chem_comp_bond.value_order 
_chem_comp_bond.pdbx_aromatic_flag 
_chem_comp_bond.pdbx_stereo_config 
_chem_comp_bond.pdbx_ordinal 
ALA N   CA   sing N N 1   
ALA N   H    sing N N 2   
ALA N   H2   sing N N 3   
ALA CA  C    sing N N 4   
ALA CA  CB   sing N N 5   
ALA CA  HA   sing N N 6   
ALA C   O    doub N N 7   
ALA C   OXT  sing N N 8   
ALA CB  HB1  sing N N 9   
ALA CB  HB2  sing N N 10  
ALA CB  HB3  sing N N 11  
ALA OXT HXT  sing N N 12  
ARG N   CA   sing N N 13  
ARG N   H    sing N N 14  
ARG N   H2   sing N N 15  
ARG CA  C    sing N N 16  
ARG CA  CB   sing N N 17  
ARG CA  HA   sing N N 18  
ARG C   O    doub N N 19  
ARG C   OXT  sing N N 20  
ARG CB  CG   sing N N 21  
ARG CB  HB2  sing N N 22  
ARG CB  HB3  sing N N 23  
ARG CG  CD   sing N N 24  
ARG CG  HG2  sing N N 25  
ARG CG  HG3  sing N N 26  
ARG CD  NE   sing N N 27  
ARG CD  HD2  sing N N 28  
ARG CD  HD3  sing N N 29  
ARG NE  CZ   sing N N 30  
ARG NE  HE   sing N N 31  
ARG CZ  NH1  sing N N 32  
ARG CZ  NH2  doub N N 33  
ARG NH1 HH11 sing N N 34  
ARG NH1 HH12 sing N N 35  
ARG NH2 HH21 sing N N 36  
ARG NH2 HH22 sing N N 37  
ARG OXT HXT  sing N N 38  
ASN N   CA   sing N N 39  
ASN N   H    sing N N 40  
ASN N   H2   sing N N 41  
ASN CA  C    sing N N 42  
ASN CA  CB   sing N N 43  
ASN CA  HA   sing N N 44  
ASN C   O    doub N N 45  
ASN C   OXT  sing N N 46  
ASN CB  CG   sing N N 47  
ASN CB  HB2  sing N N 48  
ASN CB  HB3  sing N N 49  
ASN CG  OD1  doub N N 50  
ASN CG  ND2  sing N N 51  
ASN ND2 HD21 sing N N 52  
ASN ND2 HD22 sing N N 53  
ASN OXT HXT  sing N N 54  
ASP N   CA   sing N N 55  
ASP N   H    sing N N 56  
ASP N   H2   sing N N 57  
ASP CA  C    sing N N 58  
ASP CA  CB   sing N N 59  
ASP CA  HA   sing N N 60  
ASP C   O    doub N N 61  
ASP C   OXT  sing N N 62  
ASP CB  CG   sing N N 63  
ASP CB  HB2  sing N N 64  
ASP CB  HB3  sing N N 65  
ASP CG  OD1  doub N N 66  
ASP CG  OD2  sing N N 67  
ASP OD2 HD2  sing N N 68  
ASP OXT HXT  sing N N 69  
CYS N   CA   sing N N 70  
CYS N   H    sing N N 71  
CYS N   H2   sing N N 72  
CYS CA  C    sing N N 73  
CYS CA  CB   sing N N 74  
CYS CA  HA   sing N N 75  
CYS C   O    doub N N 76  
CYS C   OXT  sing N N 77  
CYS CB  SG   sing N N 78  
CYS CB  HB2  sing N N 79  
CYS CB  HB3  sing N N 80  
CYS SG  HG   sing N N 81  
CYS OXT HXT  sing N N 82  
FLC CAC CA   sing N N 83  
FLC CAC OA1  doub N N 84  
FLC CAC OA2  sing N N 85  
FLC CA  CB   sing N N 86  
FLC CA  HA1  sing N N 87  
FLC CA  HA2  sing N N 88  
FLC CB  CBC  sing N N 89  
FLC CB  CG   sing N N 90  
FLC CB  OHB  sing N N 91  
FLC CBC OB1  doub N N 92  
FLC CBC OB2  sing N N 93  
FLC CG  CGC  sing N N 94  
FLC CG  HG1  sing N N 95  
FLC CG  HG2  sing N N 96  
FLC CGC OG1  doub N N 97  
FLC CGC OG2  sing N N 98  
FLC OHB HOB  sing N N 99  
GLN N   CA   sing N N 100 
GLN N   H    sing N N 101 
GLN N   H2   sing N N 102 
GLN CA  C    sing N N 103 
GLN CA  CB   sing N N 104 
GLN CA  HA   sing N N 105 
GLN C   O    doub N N 106 
GLN C   OXT  sing N N 107 
GLN CB  CG   sing N N 108 
GLN CB  HB2  sing N N 109 
GLN CB  HB3  sing N N 110 
GLN CG  CD   sing N N 111 
GLN CG  HG2  sing N N 112 
GLN CG  HG3  sing N N 113 
GLN CD  OE1  doub N N 114 
GLN CD  NE2  sing N N 115 
GLN NE2 HE21 sing N N 116 
GLN NE2 HE22 sing N N 117 
GLN OXT HXT  sing N N 118 
GLU N   CA   sing N N 119 
GLU N   H    sing N N 120 
GLU N   H2   sing N N 121 
GLU CA  C    sing N N 122 
GLU CA  CB   sing N N 123 
GLU CA  HA   sing N N 124 
GLU C   O    doub N N 125 
GLU C   OXT  sing N N 126 
GLU CB  CG   sing N N 127 
GLU CB  HB2  sing N N 128 
GLU CB  HB3  sing N N 129 
GLU CG  CD   sing N N 130 
GLU CG  HG2  sing N N 131 
GLU CG  HG3  sing N N 132 
GLU CD  OE1  doub N N 133 
GLU CD  OE2  sing N N 134 
GLU OE2 HE2  sing N N 135 
GLU OXT HXT  sing N N 136 
GLY N   CA   sing N N 137 
GLY N   H    sing N N 138 
GLY N   H2   sing N N 139 
GLY CA  C    sing N N 140 
GLY CA  HA2  sing N N 141 
GLY CA  HA3  sing N N 142 
GLY C   O    doub N N 143 
GLY C   OXT  sing N N 144 
GLY OXT HXT  sing N N 145 
GSH N1  CA1  sing N N 146 
GSH N1  HN11 sing N N 147 
GSH N1  HN12 sing N N 148 
GSH CA1 C1   sing N N 149 
GSH CA1 CB1  sing N N 150 
GSH CA1 HA1  sing N N 151 
GSH C1  O11  doub N N 152 
GSH C1  O12  sing N N 153 
GSH O12 H12  sing N N 154 
GSH CB1 CG1  sing N N 155 
GSH CB1 HB12 sing N N 156 
GSH CB1 HB13 sing N N 157 
GSH CG1 CD1  sing N N 158 
GSH CG1 HG12 sing N N 159 
GSH CG1 HG13 sing N N 160 
GSH CD1 OE1  doub N N 161 
GSH CD1 N2   sing N N 162 
GSH N2  CA2  sing N N 163 
GSH N2  HN2  sing N N 164 
GSH CA2 C2   sing N N 165 
GSH CA2 CB2  sing N N 166 
GSH CA2 HA2  sing N N 167 
GSH C2  O2   doub N N 168 
GSH C2  N3   sing N N 169 
GSH CB2 SG2  sing N N 170 
GSH CB2 HB22 sing N N 171 
GSH CB2 HB23 sing N N 172 
GSH SG2 HSG  sing N N 173 
GSH N3  CA3  sing N N 174 
GSH N3  HN3  sing N N 175 
GSH CA3 C3   sing N N 176 
GSH CA3 HA31 sing N N 177 
GSH CA3 HA32 sing N N 178 
GSH C3  O31  doub N N 179 
GSH C3  O32  sing N N 180 
GSH O32 H32  sing N N 181 
HIS N   CA   sing N N 182 
HIS N   H    sing N N 183 
HIS N   H2   sing N N 184 
HIS CA  C    sing N N 185 
HIS CA  CB   sing N N 186 
HIS CA  HA   sing N N 187 
HIS C   O    doub N N 188 
HIS C   OXT  sing N N 189 
HIS CB  CG   sing N N 190 
HIS CB  HB2  sing N N 191 
HIS CB  HB3  sing N N 192 
HIS CG  ND1  sing Y N 193 
HIS CG  CD2  doub Y N 194 
HIS ND1 CE1  doub Y N 195 
HIS ND1 HD1  sing N N 196 
HIS CD2 NE2  sing Y N 197 
HIS CD2 HD2  sing N N 198 
HIS CE1 NE2  sing Y N 199 
HIS CE1 HE1  sing N N 200 
HIS NE2 HE2  sing N N 201 
HIS OXT HXT  sing N N 202 
HOH O   H1   sing N N 203 
HOH O   H2   sing N N 204 
ILE N   CA   sing N N 205 
ILE N   H    sing N N 206 
ILE N   H2   sing N N 207 
ILE CA  C    sing N N 208 
ILE CA  CB   sing N N 209 
ILE CA  HA   sing N N 210 
ILE C   O    doub N N 211 
ILE C   OXT  sing N N 212 
ILE CB  CG1  sing N N 213 
ILE CB  CG2  sing N N 214 
ILE CB  HB   sing N N 215 
ILE CG1 CD1  sing N N 216 
ILE CG1 HG12 sing N N 217 
ILE CG1 HG13 sing N N 218 
ILE CG2 HG21 sing N N 219 
ILE CG2 HG22 sing N N 220 
ILE CG2 HG23 sing N N 221 
ILE CD1 HD11 sing N N 222 
ILE CD1 HD12 sing N N 223 
ILE CD1 HD13 sing N N 224 
ILE OXT HXT  sing N N 225 
LEU N   CA   sing N N 226 
LEU N   H    sing N N 227 
LEU N   H2   sing N N 228 
LEU CA  C    sing N N 229 
LEU CA  CB   sing N N 230 
LEU CA  HA   sing N N 231 
LEU C   O    doub N N 232 
LEU C   OXT  sing N N 233 
LEU CB  CG   sing N N 234 
LEU CB  HB2  sing N N 235 
LEU CB  HB3  sing N N 236 
LEU CG  CD1  sing N N 237 
LEU CG  CD2  sing N N 238 
LEU CG  HG   sing N N 239 
LEU CD1 HD11 sing N N 240 
LEU CD1 HD12 sing N N 241 
LEU CD1 HD13 sing N N 242 
LEU CD2 HD21 sing N N 243 
LEU CD2 HD22 sing N N 244 
LEU CD2 HD23 sing N N 245 
LEU OXT HXT  sing N N 246 
LYS N   CA   sing N N 247 
LYS N   H    sing N N 248 
LYS N   H2   sing N N 249 
LYS CA  C    sing N N 250 
LYS CA  CB   sing N N 251 
LYS CA  HA   sing N N 252 
LYS C   O    doub N N 253 
LYS C   OXT  sing N N 254 
LYS CB  CG   sing N N 255 
LYS CB  HB2  sing N N 256 
LYS CB  HB3  sing N N 257 
LYS CG  CD   sing N N 258 
LYS CG  HG2  sing N N 259 
LYS CG  HG3  sing N N 260 
LYS CD  CE   sing N N 261 
LYS CD  HD2  sing N N 262 
LYS CD  HD3  sing N N 263 
LYS CE  NZ   sing N N 264 
LYS CE  HE2  sing N N 265 
LYS CE  HE3  sing N N 266 
LYS NZ  HZ1  sing N N 267 
LYS NZ  HZ2  sing N N 268 
LYS NZ  HZ3  sing N N 269 
LYS OXT HXT  sing N N 270 
MET N   CA   sing N N 271 
MET N   H    sing N N 272 
MET N   H2   sing N N 273 
MET CA  C    sing N N 274 
MET CA  CB   sing N N 275 
MET CA  HA   sing N N 276 
MET C   O    doub N N 277 
MET C   OXT  sing N N 278 
MET CB  CG   sing N N 279 
MET CB  HB2  sing N N 280 
MET CB  HB3  sing N N 281 
MET CG  SD   sing N N 282 
MET CG  HG2  sing N N 283 
MET CG  HG3  sing N N 284 
MET SD  CE   sing N N 285 
MET CE  HE1  sing N N 286 
MET CE  HE2  sing N N 287 
MET CE  HE3  sing N N 288 
MET OXT HXT  sing N N 289 
PHE N   CA   sing N N 290 
PHE N   H    sing N N 291 
PHE N   H2   sing N N 292 
PHE CA  C    sing N N 293 
PHE CA  CB   sing N N 294 
PHE CA  HA   sing N N 295 
PHE C   O    doub N N 296 
PHE C   OXT  sing N N 297 
PHE CB  CG   sing N N 298 
PHE CB  HB2  sing N N 299 
PHE CB  HB3  sing N N 300 
PHE CG  CD1  doub Y N 301 
PHE CG  CD2  sing Y N 302 
PHE CD1 CE1  sing Y N 303 
PHE CD1 HD1  sing N N 304 
PHE CD2 CE2  doub Y N 305 
PHE CD2 HD2  sing N N 306 
PHE CE1 CZ   doub Y N 307 
PHE CE1 HE1  sing N N 308 
PHE CE2 CZ   sing Y N 309 
PHE CE2 HE2  sing N N 310 
PHE CZ  HZ   sing N N 311 
PHE OXT HXT  sing N N 312 
PRO N   CA   sing N N 313 
PRO N   CD   sing N N 314 
PRO N   H    sing N N 315 
PRO CA  C    sing N N 316 
PRO CA  CB   sing N N 317 
PRO CA  HA   sing N N 318 
PRO C   O    doub N N 319 
PRO C   OXT  sing N N 320 
PRO CB  CG   sing N N 321 
PRO CB  HB2  sing N N 322 
PRO CB  HB3  sing N N 323 
PRO CG  CD   sing N N 324 
PRO CG  HG2  sing N N 325 
PRO CG  HG3  sing N N 326 
PRO CD  HD2  sing N N 327 
PRO CD  HD3  sing N N 328 
PRO OXT HXT  sing N N 329 
SER N   CA   sing N N 330 
SER N   H    sing N N 331 
SER N   H2   sing N N 332 
SER CA  C    sing N N 333 
SER CA  CB   sing N N 334 
SER CA  HA   sing N N 335 
SER C   O    doub N N 336 
SER C   OXT  sing N N 337 
SER CB  OG   sing N N 338 
SER CB  HB2  sing N N 339 
SER CB  HB3  sing N N 340 
SER OG  HG   sing N N 341 
SER OXT HXT  sing N N 342 
THR N   CA   sing N N 343 
THR N   H    sing N N 344 
THR N   H2   sing N N 345 
THR CA  C    sing N N 346 
THR CA  CB   sing N N 347 
THR CA  HA   sing N N 348 
THR C   O    doub N N 349 
THR C   OXT  sing N N 350 
THR CB  OG1  sing N N 351 
THR CB  CG2  sing N N 352 
THR CB  HB   sing N N 353 
THR OG1 HG1  sing N N 354 
THR CG2 HG21 sing N N 355 
THR CG2 HG22 sing N N 356 
THR CG2 HG23 sing N N 357 
THR OXT HXT  sing N N 358 
TRP N   CA   sing N N 359 
TRP N   H    sing N N 360 
TRP N   H2   sing N N 361 
TRP CA  C    sing N N 362 
TRP CA  CB   sing N N 363 
TRP CA  HA   sing N N 364 
TRP C   O    doub N N 365 
TRP C   OXT  sing N N 366 
TRP CB  CG   sing N N 367 
TRP CB  HB2  sing N N 368 
TRP CB  HB3  sing N N 369 
TRP CG  CD1  doub Y N 370 
TRP CG  CD2  sing Y N 371 
TRP CD1 NE1  sing Y N 372 
TRP CD1 HD1  sing N N 373 
TRP CD2 CE2  doub Y N 374 
TRP CD2 CE3  sing Y N 375 
TRP NE1 CE2  sing Y N 376 
TRP NE1 HE1  sing N N 377 
TRP CE2 CZ2  sing Y N 378 
TRP CE3 CZ3  doub Y N 379 
TRP CE3 HE3  sing N N 380 
TRP CZ2 CH2  doub Y N 381 
TRP CZ2 HZ2  sing N N 382 
TRP CZ3 CH2  sing Y N 383 
TRP CZ3 HZ3  sing N N 384 
TRP CH2 HH2  sing N N 385 
TRP OXT HXT  sing N N 386 
TYR N   CA   sing N N 387 
TYR N   H    sing N N 388 
TYR N   H2   sing N N 389 
TYR CA  C    sing N N 390 
TYR CA  CB   sing N N 391 
TYR CA  HA   sing N N 392 
TYR C   O    doub N N 393 
TYR C   OXT  sing N N 394 
TYR CB  CG   sing N N 395 
TYR CB  HB2  sing N N 396 
TYR CB  HB3  sing N N 397 
TYR CG  CD1  doub Y N 398 
TYR CG  CD2  sing Y N 399 
TYR CD1 CE1  sing Y N 400 
TYR CD1 HD1  sing N N 401 
TYR CD2 CE2  doub Y N 402 
TYR CD2 HD2  sing N N 403 
TYR CE1 CZ   doub Y N 404 
TYR CE1 HE1  sing N N 405 
TYR CE2 CZ   sing Y N 406 
TYR CE2 HE2  sing N N 407 
TYR CZ  OH   sing N N 408 
TYR OH  HH   sing N N 409 
TYR OXT HXT  sing N N 410 
VAL N   CA   sing N N 411 
VAL N   H    sing N N 412 
VAL N   H2   sing N N 413 
VAL CA  C    sing N N 414 
VAL CA  CB   sing N N 415 
VAL CA  HA   sing N N 416 
VAL C   O    doub N N 417 
VAL C   OXT  sing N N 418 
VAL CB  CG1  sing N N 419 
VAL CB  CG2  sing N N 420 
VAL CB  HB   sing N N 421 
VAL CG1 HG11 sing N N 422 
VAL CG1 HG12 sing N N 423 
VAL CG1 HG13 sing N N 424 
VAL CG2 HG21 sing N N 425 
VAL CG2 HG22 sing N N 426 
VAL CG2 HG23 sing N N 427 
VAL OXT HXT  sing N N 428 
# 
_atom_sites.entry_id                    3KHQ 
_atom_sites.fract_transf_matrix[1][1]   -0.01718235 
_atom_sites.fract_transf_matrix[1][2]   0.01215885 
_atom_sites.fract_transf_matrix[1][3]   0.01856269 
_atom_sites.fract_transf_matrix[2][1]   -0.00377753 
_atom_sites.fract_transf_matrix[2][2]   -0.01130515 
_atom_sites.fract_transf_matrix[2][3]   0.00390842 
_atom_sites.fract_transf_matrix[3][1]   0.02130157 
_atom_sites.fract_transf_matrix[3][2]   -0.00024542 
_atom_sites.fract_transf_matrix[3][3]   0.01987833 
_atom_sites.fract_transf_vector[1]      0.220967 
_atom_sites.fract_transf_vector[2]      0.152945 
_atom_sites.fract_transf_vector[3]      0.344328 
# 
loop_
_atom_type.symbol 
C  
MG 
N  
O  
S  
# 
loop_
_atom_site.group_PDB 
_atom_site.id 
_atom_site.type_symbol 
_atom_site.label_atom_id 
_atom_site.label_alt_id 
_atom_site.label_comp_id 
_atom_site.label_asym_id 
_atom_site.label_entity_id 
_atom_site.label_seq_id 
_atom_site.pdbx_PDB_ins_code 
_atom_site.Cartn_x 
_atom_site.Cartn_y 
_atom_site.Cartn_z 
_atom_site.occupancy 
_atom_site.B_iso_or_equiv 
_atom_site.pdbx_formal_charge 
_atom_site.auth_seq_id 
_atom_site.auth_comp_id 
_atom_site.auth_asym_id 
_atom_site.auth_atom_id 
_atom_site.pdbx_PDB_model_num 
ATOM   1   N  N   . CYS A 1 17  ? 12.892  -0.525  7.631   1.00 76.00  ? 43  CYS A N   1 
ATOM   2   C  CA  . CYS A 1 17  ? 12.338  0.634   6.874   1.00 60.22  ? 43  CYS A CA  1 
ATOM   3   C  C   . CYS A 1 17  ? 13.208  1.883   7.033   1.00 80.12  ? 43  CYS A C   1 
ATOM   4   O  O   . CYS A 1 17  ? 14.127  1.916   7.850   1.00 72.34  ? 43  CYS A O   1 
ATOM   5   C  CB  . CYS A 1 17  ? 10.908  0.931   7.330   1.00 60.01  ? 43  CYS A CB  1 
ATOM   6   S  SG  . CYS A 1 17  ? 9.670   -0.279  6.765   1.00 72.43  ? 43  CYS A SG  1 
ATOM   7   N  N   . SER A 1 18  ? 12.908  2.907   6.240   1.00 65.32  ? 44  SER A N   1 
ATOM   8   C  CA  . SER A 1 18  ? 13.756  4.090   6.159   1.00 83.96  ? 44  SER A CA  1 
ATOM   9   C  C   . SER A 1 18  ? 13.196  5.216   7.029   1.00 59.82  ? 44  SER A C   1 
ATOM   10  O  O   . SER A 1 18  ? 13.249  5.156   8.257   1.00 92.65  ? 44  SER A O   1 
ATOM   11  C  CB  . SER A 1 18  ? 13.862  4.557   4.703   1.00 109.63 ? 44  SER A CB  1 
ATOM   12  O  OG  . SER A 1 18  ? 12.601  4.487   4.053   1.00 72.41  ? 44  SER A OG  1 
ATOM   13  N  N   . GLN A 1 19  ? 12.672  6.247   6.375   1.00 47.96  ? 45  GLN A N   1 
ATOM   14  C  CA  . GLN A 1 19  ? 11.977  7.336   7.052   1.00 49.36  ? 45  GLN A CA  1 
ATOM   15  C  C   . GLN A 1 19  ? 10.468  7.100   7.014   1.00 33.11  ? 45  GLN A C   1 
ATOM   16  O  O   . GLN A 1 19  ? 9.693   7.871   7.577   1.00 32.45  ? 45  GLN A O   1 
ATOM   17  C  CB  . GLN A 1 19  ? 12.289  8.652   6.341   1.00 44.37  ? 45  GLN A CB  1 
ATOM   18  C  CG  . GLN A 1 19  ? 13.766  9.019   6.346   1.00 89.52  ? 45  GLN A CG  1 
ATOM   19  C  CD  . GLN A 1 19  ? 14.085  10.170  5.411   1.00 90.97  ? 45  GLN A CD  1 
ATOM   20  O  OE1 . GLN A 1 19  ? 13.436  11.221  5.448   1.00 74.93  ? 45  GLN A OE1 1 
ATOM   21  N  NE2 . GLN A 1 19  ? 15.090  9.977   4.561   1.00 119.75 ? 45  GLN A NE2 1 
ATOM   22  N  N   . ILE A 1 20  ? 10.070  6.063   6.288   1.00 28.09  ? 46  ILE A N   1 
ATOM   23  C  CA  . ILE A 1 20  ? 8.663   5.679   6.150   1.00 21.57  ? 46  ILE A CA  1 
ATOM   24  C  C   . ILE A 1 20  ? 8.536   4.232   6.580   1.00 23.32  ? 46  ILE A C   1 
ATOM   25  O  O   . ILE A 1 20  ? 9.253   3.371   6.084   1.00 30.36  ? 46  ILE A O   1 
ATOM   26  C  CB  . ILE A 1 20  ? 8.178   5.818   4.687   1.00 27.52  ? 46  ILE A CB  1 
ATOM   27  C  CG1 . ILE A 1 20  ? 8.213   7.287   4.254   1.00 35.84  ? 46  ILE A CG1 1 
ATOM   28  C  CG2 . ILE A 1 20  ? 6.757   5.229   4.514   1.00 28.89  ? 46  ILE A CG2 1 
ATOM   29  C  CD1 . ILE A 1 20  ? 7.678   7.522   2.856   1.00 38.64  ? 46  ILE A CD1 1 
ATOM   30  N  N   . TRP A 1 21  ? 7.655   3.972   7.536   1.00 20.90  ? 47  TRP A N   1 
ATOM   31  C  CA  . TRP A 1 21  ? 7.497   2.631   8.060   1.00 20.84  ? 47  TRP A CA  1 
ATOM   32  C  C   . TRP A 1 21  ? 6.160   2.034   7.625   1.00 22.09  ? 47  TRP A C   1 
ATOM   33  O  O   . TRP A 1 21  ? 5.147   2.734   7.587   1.00 22.92  ? 47  TRP A O   1 
ATOM   34  C  CB  . TRP A 1 21  ? 7.608   2.631   9.581   1.00 24.72  ? 47  TRP A CB  1 
ATOM   35  C  CG  . TRP A 1 21  ? 8.952   3.082   10.078  1.00 26.67  ? 47  TRP A CG  1 
ATOM   36  C  CD1 . TRP A 1 21  ? 10.077  2.319   10.219  1.00 30.95  ? 47  TRP A CD1 1 
ATOM   37  C  CD2 . TRP A 1 21  ? 9.323   4.414   10.444  1.00 26.16  ? 47  TRP A CD2 1 
ATOM   38  N  NE1 . TRP A 1 21  ? 11.132  3.098   10.650  1.00 32.28  ? 47  TRP A NE1 1 
ATOM   39  C  CE2 . TRP A 1 21  ? 10.692  4.386   10.805  1.00 29.80  ? 47  TRP A CE2 1 
ATOM   40  C  CE3 . TRP A 1 21  ? 8.633   5.627   10.519  1.00 33.30  ? 47  TRP A CE3 1 
ATOM   41  C  CZ2 . TRP A 1 21  ? 11.372  5.520   11.242  1.00 33.34  ? 47  TRP A CZ2 1 
ATOM   42  C  CZ3 . TRP A 1 21  ? 9.314   6.755   10.956  1.00 39.05  ? 47  TRP A CZ3 1 
ATOM   43  C  CH2 . TRP A 1 21  ? 10.670  6.691   11.310  1.00 36.89  ? 47  TRP A CH2 1 
ATOM   44  N  N   . GLN A 1 22  ? 6.180   0.753   7.264   1.00 22.17  ? 48  GLN A N   1 
ATOM   45  C  CA  . GLN A 1 22  ? 4.984   0.058   6.797   1.00 22.17  ? 48  GLN A CA  1 
ATOM   46  C  C   . GLN A 1 22  ? 4.726   -1.193  7.583   1.00 22.66  ? 48  GLN A C   1 
ATOM   47  O  O   . GLN A 1 22  ? 5.662   -1.898  7.990   1.00 23.02  ? 48  GLN A O   1 
ATOM   48  C  CB  . GLN A 1 22  ? 5.096   -0.278  5.313   1.00 26.47  ? 48  GLN A CB  1 
ATOM   49  C  CG  . GLN A 1 22  ? 5.492   0.930   4.513   1.00 27.11  ? 48  GLN A CG  1 
ATOM   50  C  CD  . GLN A 1 22  ? 5.298   0.778   3.029   1.00 33.32  ? 48  GLN A CD  1 
ATOM   51  O  OE1 . GLN A 1 22  ? 5.708   1.652   2.276   1.00 26.88  ? 48  GLN A OE1 1 
ATOM   52  N  NE2 . GLN A 1 22  ? 4.752   -0.364  2.589   1.00 27.02  ? 48  GLN A NE2 1 
ATOM   53  N  N   . HIS A 1 23  ? 3.437   -1.463  7.765   1.00 19.95  ? 49  HIS A N   1 
ATOM   54  C  CA  . HIS A 1 23  ? 2.940   -2.628  8.468   1.00 23.20  ? 49  HIS A CA  1 
ATOM   55  C  C   . HIS A 1 23  ? 1.697   -3.156  7.753   1.00 24.80  ? 49  HIS A C   1 
ATOM   56  O  O   . HIS A 1 23  ? 0.786   -2.394  7.431   1.00 26.62  ? 49  HIS A O   1 
ATOM   57  C  CB  . HIS A 1 23  ? 2.560   -2.250  9.898   1.00 23.39  ? 49  HIS A CB  1 
ATOM   58  C  CG  . HIS A 1 23  ? 3.715   -1.776  10.726  1.00 31.17  ? 49  HIS A CG  1 
ATOM   59  N  ND1 . HIS A 1 23  ? 4.526   -2.638  11.432  1.00 44.99  ? 49  HIS A ND1 1 
ATOM   60  C  CD2 . HIS A 1 23  ? 4.194   -0.532  10.959  1.00 30.23  ? 49  HIS A CD2 1 
ATOM   61  C  CE1 . HIS A 1 23  ? 5.463   -1.945  12.056  1.00 50.30  ? 49  HIS A CE1 1 
ATOM   62  N  NE2 . HIS A 1 23  ? 5.281   -0.663  11.790  1.00 29.93  ? 49  HIS A NE2 1 
ATOM   63  N  N   . PRO A 1 24  ? 1.649   -4.468  7.501   1.00 21.12  ? 50  PRO A N   1 
ATOM   64  C  CA  . PRO A 1 24  ? 2.689   -5.454  7.737   1.00 26.51  ? 50  PRO A CA  1 
ATOM   65  C  C   . PRO A 1 24  ? 3.760   -5.338  6.657   1.00 24.63  ? 50  PRO A C   1 
ATOM   66  O  O   . PRO A 1 24  ? 3.658   -4.474  5.792   1.00 25.48  ? 50  PRO A O   1 
ATOM   67  C  CB  . PRO A 1 24  ? 1.924   -6.779  7.598   1.00 24.60  ? 50  PRO A CB  1 
ATOM   68  C  CG  . PRO A 1 24  ? 0.901   -6.485  6.572   1.00 39.57  ? 50  PRO A CG  1 
ATOM   69  C  CD  . PRO A 1 24  ? 0.473   -5.061  6.845   1.00 23.42  ? 50  PRO A CD  1 
ATOM   70  N  N   . ARG A 1 25  ? 4.738   -6.239  6.648   1.00 21.70  ? 51  ARG A N   1 
ATOM   71  C  CA  . ARG A 1 25  ? 5.700   -6.267  5.558   1.00 20.63  ? 51  ARG A CA  1 
ATOM   72  C  C   . ARG A 1 25  ? 5.357   -7.367  4.549   1.00 18.72  ? 51  ARG A C   1 
ATOM   73  O  O   . ARG A 1 25  ? 5.797   -7.338  3.401   1.00 22.17  ? 51  ARG A O   1 
ATOM   74  C  CB  . ARG A 1 25  ? 7.122   -6.461  6.076   1.00 29.66  ? 51  ARG A CB  1 
ATOM   75  C  CG  . ARG A 1 25  ? 7.665   -5.294  6.917   1.00 28.08  ? 51  ARG A CG  1 
ATOM   76  C  CD  . ARG A 1 25  ? 7.738   -3.986  6.134   1.00 28.51  ? 51  ARG A CD  1 
ATOM   77  N  NE  . ARG A 1 25  ? 8.741   -4.010  5.075   1.00 29.75  ? 51  ARG A NE  1 
ATOM   78  C  CZ  . ARG A 1 25  ? 10.056  -4.017  5.281   1.00 38.33  ? 51  ARG A CZ  1 
ATOM   79  N  NH1 . ARG A 1 25  ? 10.543  -4.022  6.516   1.00 36.88  ? 51  ARG A NH1 1 
ATOM   80  N  NH2 . ARG A 1 25  ? 10.886  -4.036  4.252   1.00 35.04  ? 51  ARG A NH2 1 
ATOM   81  N  N   . PHE A 1 26  ? 4.547   -8.317  4.991   1.00 22.32  ? 52  PHE A N   1 
ATOM   82  C  CA  . PHE A 1 26  ? 4.121   -9.422  4.153   1.00 21.29  ? 52  PHE A CA  1 
ATOM   83  C  C   . PHE A 1 26  ? 2.704   -9.823  4.520   1.00 21.46  ? 52  PHE A C   1 
ATOM   84  O  O   . PHE A 1 26  ? 2.384   -9.950  5.694   1.00 26.23  ? 52  PHE A O   1 
ATOM   85  C  CB  . PHE A 1 26  ? 5.063   -10.615 4.312   1.00 25.80  ? 52  PHE A CB  1 
ATOM   86  C  CG  . PHE A 1 26  ? 4.676   -11.798 3.479   1.00 23.04  ? 52  PHE A CG  1 
ATOM   87  C  CD1 . PHE A 1 26  ? 4.915   -11.808 2.121   1.00 27.04  ? 52  PHE A CD1 1 
ATOM   88  C  CD2 . PHE A 1 26  ? 4.001   -12.868 4.043   1.00 27.49  ? 52  PHE A CD2 1 
ATOM   89  C  CE1 . PHE A 1 26  ? 4.520   -12.872 1.336   1.00 28.25  ? 52  PHE A CE1 1 
ATOM   90  C  CE2 . PHE A 1 26  ? 3.624   -13.952 3.262   1.00 29.31  ? 52  PHE A CE2 1 
ATOM   91  C  CZ  . PHE A 1 26  ? 3.880   -13.943 1.905   1.00 27.08  ? 52  PHE A CZ  1 
ATOM   92  N  N   . ALA A 1 27  ? 1.871   -10.046 3.511   1.00 21.32  ? 53  ALA A N   1 
ATOM   93  C  CA  . ALA A 1 27  ? 0.522   -10.552 3.724   1.00 22.28  ? 53  ALA A CA  1 
ATOM   94  C  C   . ALA A 1 27  ? 0.186   -11.562 2.643   1.00 21.27  ? 53  ALA A C   1 
ATOM   95  O  O   . ALA A 1 27  ? 0.461   -11.332 1.464   1.00 24.51  ? 53  ALA A O   1 
ATOM   96  C  CB  . ALA A 1 27  ? -0.476  -9.417  3.694   1.00 23.74  ? 53  ALA A CB  1 
ATOM   97  N  N   . ALA A 1 28  ? -0.402  -12.678 3.062   1.00 28.48  ? 54  ALA A N   1 
ATOM   98  C  CA  . ALA A 1 28  ? -0.855  -13.716 2.128   1.00 24.70  ? 54  ALA A CA  1 
ATOM   99  C  C   . ALA A 1 28  ? -2.320  -14.003 2.408   1.00 29.12  ? 54  ALA A C   1 
ATOM   100 O  O   . ALA A 1 28  ? -2.685  -14.350 3.522   1.00 32.59  ? 54  ALA A O   1 
ATOM   101 C  CB  . ALA A 1 28  ? -0.018  -14.988 2.291   1.00 27.10  ? 54  ALA A CB  1 
ATOM   102 N  N   . LYS A 1 29  ? -3.150  -13.788 1.401   1.00 28.96  ? 55  LYS A N   1 
ATOM   103 C  CA  . LYS A 1 29  ? -4.600  -13.818 1.570   1.00 37.88  ? 55  LYS A CA  1 
ATOM   104 C  C   . LYS A 1 29  ? -5.252  -14.560 0.415   1.00 28.46  ? 55  LYS A C   1 
ATOM   105 O  O   . LYS A 1 29  ? -4.815  -14.468 -0.723  1.00 31.52  ? 55  LYS A O   1 
ATOM   106 C  CB  . LYS A 1 29  ? -5.159  -12.395 1.630   1.00 41.74  ? 55  LYS A CB  1 
ATOM   107 C  CG  . LYS A 1 29  ? -4.525  -11.526 2.702   1.00 44.82  ? 55  LYS A CG  1 
ATOM   108 C  CD  . LYS A 1 29  ? -4.983  -11.936 4.094   1.00 53.14  ? 55  LYS A CD  1 
ATOM   109 C  CE  . LYS A 1 29  ? -6.431  -11.541 4.331   1.00 52.22  ? 55  LYS A CE  1 
ATOM   110 N  NZ  . LYS A 1 29  ? -6.873  -11.808 5.723   1.00 72.55  ? 55  LYS A NZ  1 
ATOM   111 N  N   . LYS A 1 30  ? -6.320  -15.284 0.723   1.00 35.52  ? 56  LYS A N   1 
ATOM   112 C  CA  . LYS A 1 30  ? -7.095  -15.965 -0.297  1.00 43.58  ? 56  LYS A CA  1 
ATOM   113 C  C   . LYS A 1 30  ? -7.870  -14.957 -1.149  1.00 39.76  ? 56  LYS A C   1 
ATOM   114 O  O   . LYS A 1 30  ? -8.253  -13.881 -0.678  1.00 39.71  ? 56  LYS A O   1 
ATOM   115 C  CB  . LYS A 1 30  ? -8.048  -16.963 0.359   1.00 46.59  ? 56  LYS A CB  1 
ATOM   116 C  CG  . LYS A 1 30  ? -7.355  -17.894 1.347   1.00 90.95  ? 56  LYS A CG  1 
ATOM   117 C  CD  . LYS A 1 30  ? -8.344  -18.703 2.175   1.00 107.30 ? 56  LYS A CD  1 
ATOM   118 C  CE  . LYS A 1 30  ? -7.620  -19.555 3.215   1.00 86.46  ? 56  LYS A CE  1 
ATOM   119 N  NZ  . LYS A 1 30  ? -8.556  -20.364 4.046   1.00 95.35  ? 56  LYS A NZ  1 
ATOM   120 N  N   . ARG A 1 31  ? -8.090  -15.308 -2.407  1.00 36.34  ? 57  ARG A N   1 
ATOM   121 C  CA  . ARG A 1 31  ? -8.846  -14.455 -3.307  1.00 35.08  ? 57  ARG A CA  1 
ATOM   122 C  C   . ARG A 1 31  ? -10.198 -14.147 -2.682  1.00 37.95  ? 57  ARG A C   1 
ATOM   123 O  O   . ARG A 1 31  ? -10.759 -14.975 -1.964  1.00 35.34  ? 57  ARG A O   1 
ATOM   124 C  CB  . ARG A 1 31  ? -9.032  -15.132 -4.664  1.00 43.38  ? 57  ARG A CB  1 
ATOM   125 C  CG  . ARG A 1 31  ? -7.987  -14.721 -5.690  1.00 84.96  ? 57  ARG A CG  1 
ATOM   126 C  CD  . ARG A 1 31  ? -8.190  -15.425 -7.024  1.00 100.25 ? 57  ARG A CD  1 
ATOM   127 N  NE  . ARG A 1 31  ? -7.679  -16.793 -7.007  1.00 106.39 ? 57  ARG A NE  1 
ATOM   128 C  CZ  . ARG A 1 31  ? -8.044  -17.734 -7.870  1.00 64.42  ? 57  ARG A CZ  1 
ATOM   129 N  NH1 . ARG A 1 31  ? -8.917  -17.453 -8.828  1.00 124.25 ? 57  ARG A NH1 1 
ATOM   130 N  NH2 . ARG A 1 31  ? -7.533  -18.955 -7.780  1.00 102.48 ? 57  ARG A NH2 1 
ATOM   131 N  N   . SER A 1 32  ? -10.676 -12.928 -2.907  1.00 33.33  ? 58  SER A N   1 
ATOM   132 C  CA  . SER A 1 32  ? -11.964 -12.474 -2.393  1.00 28.96  ? 58  SER A CA  1 
ATOM   133 C  C   . SER A 1 32  ? -11.921 -11.925 -0.956  1.00 32.18  ? 58  SER A C   1 
ATOM   134 O  O   . SER A 1 32  ? -12.886 -11.314 -0.504  1.00 33.52  ? 58  SER A O   1 
ATOM   135 C  CB  . SER A 1 32  ? -13.033 -13.574 -2.561  1.00 32.61  ? 58  SER A CB  1 
ATOM   136 O  OG  A SER A 1 32  ? -13.169 -14.158 -1.274  0.50 27.14  ? 58  SER A OG  1 
ATOM   137 O  OG  B SER A 1 32  ? -13.320 -13.509 -3.947  0.50 36.84  ? 58  SER A OG  1 
ATOM   138 N  N   . SER A 1 33  ? -10.800 -12.091 -0.251  1.00 26.52  ? 59  SER A N   1 
ATOM   139 C  CA  . SER A 1 33  ? -10.679 -11.560 1.102   1.00 27.71  ? 59  SER A CA  1 
ATOM   140 C  C   . SER A 1 33  ? -10.271 -10.079 1.078   1.00 25.27  ? 59  SER A C   1 
ATOM   141 O  O   . SER A 1 33  ? -10.140 -9.484  0.016   1.00 25.04  ? 59  SER A O   1 
ATOM   142 C  CB  . SER A 1 33  ? -9.678  -12.382 1.928   1.00 34.67  ? 59  SER A CB  1 
ATOM   143 O  OG  . SER A 1 33  ? -8.391  -12.351 1.352   1.00 45.89  ? 59  SER A OG  1 
ATOM   144 N  N   . MET A 1 34  ? -10.138 -9.484  2.256   1.00 27.67  ? 60  MET A N   1 
ATOM   145 C  CA  . MET A 1 34  ? -9.791  -8.066  2.392   1.00 25.41  ? 60  MET A CA  1 
ATOM   146 C  C   . MET A 1 34  ? -8.466  -7.943  3.146   1.00 25.21  ? 60  MET A C   1 
ATOM   147 O  O   . MET A 1 34  ? -8.168  -8.754  4.027   1.00 28.00  ? 60  MET A O   1 
ATOM   148 C  CB  . MET A 1 34  ? -10.885 -7.343  3.175   1.00 30.81  ? 60  MET A CB  1 
ATOM   149 C  CG  . MET A 1 34  ? -10.535 -5.930  3.598   1.00 54.01  ? 60  MET A CG  1 
ATOM   150 S  SD  . MET A 1 34  ? -11.717 -5.280  4.802   1.00 68.63  ? 60  MET A SD  1 
ATOM   151 C  CE  . MET A 1 34  ? -12.411 -6.808  5.442   1.00 53.58  ? 60  MET A CE  1 
ATOM   152 N  N   . VAL A 1 35  ? -7.678  -6.933  2.801   1.00 21.61  ? 61  VAL A N   1 
ATOM   153 C  CA  . VAL A 1 35  ? -6.462  -6.636  3.545   1.00 21.65  ? 61  VAL A CA  1 
ATOM   154 C  C   . VAL A 1 35  ? -6.349  -5.149  3.816   1.00 21.44  ? 61  VAL A C   1 
ATOM   155 O  O   . VAL A 1 35  ? -6.836  -4.329  3.047   1.00 21.63  ? 61  VAL A O   1 
ATOM   156 C  CB  . VAL A 1 35  ? -5.192  -7.110  2.814   1.00 30.21  ? 61  VAL A CB  1 
ATOM   157 C  CG1 . VAL A 1 35  ? -5.279  -8.588  2.530   1.00 39.61  ? 61  VAL A CG1 1 
ATOM   158 C  CG2 . VAL A 1 35  ? -4.976  -6.321  1.536   1.00 25.13  ? 61  VAL A CG2 1 
ATOM   159 N  N   . LYS A 1 36  ? -5.686  -4.818  4.923   1.00 22.59  ? 62  LYS A N   1 
ATOM   160 C  CA  . LYS A 1 36  ? -5.383  -3.438  5.272   1.00 20.62  ? 62  LYS A CA  1 
ATOM   161 C  C   . LYS A 1 36  ? -3.899  -3.291  5.581   1.00 22.72  ? 62  LYS A C   1 
ATOM   162 O  O   . LYS A 1 36  ? -3.344  -4.061  6.374   1.00 21.36  ? 62  LYS A O   1 
ATOM   163 C  CB  . LYS A 1 36  ? -6.186  -3.023  6.503   1.00 27.76  ? 62  LYS A CB  1 
ATOM   164 C  CG  . LYS A 1 36  ? -7.673  -2.885  6.239   1.00 29.78  ? 62  LYS A CG  1 
ATOM   165 C  CD  . LYS A 1 36  ? -8.429  -2.468  7.494   1.00 37.25  ? 62  LYS A CD  1 
ATOM   166 C  CE  . LYS A 1 36  ? -9.912  -2.240  7.216   1.00 41.41  ? 62  LYS A CE  1 
ATOM   167 N  NZ  . LYS A 1 36  ? -10.164 -0.928  6.564   1.00 45.82  ? 62  LYS A NZ  1 
ATOM   168 N  N   . PHE A 1 37  ? -3.264  -2.316  4.940   1.00 18.99  ? 63  PHE A N   1 
ATOM   169 C  CA  . PHE A 1 37  ? -1.856  -2.022  5.173   1.00 19.24  ? 63  PHE A CA  1 
ATOM   170 C  C   . PHE A 1 37  ? -1.782  -0.633  5.775   1.00 20.87  ? 63  PHE A C   1 
ATOM   171 O  O   . PHE A 1 37  ? -2.640  0.196   5.489   1.00 21.68  ? 63  PHE A O   1 
ATOM   172 C  CB  . PHE A 1 37  ? -1.088  -2.003  3.843   1.00 20.56  ? 63  PHE A CB  1 
ATOM   173 C  CG  . PHE A 1 37  ? -1.081  -3.316  3.113   1.00 18.46  ? 63  PHE A CG  1 
ATOM   174 C  CD1 . PHE A 1 37  ? -0.827  -3.357  1.755   1.00 26.82  ? 63  PHE A CD1 1 
ATOM   175 C  CD2 . PHE A 1 37  ? -1.307  -4.512  3.779   1.00 21.20  ? 63  PHE A CD2 1 
ATOM   176 C  CE1 . PHE A 1 37  ? -0.827  -4.571  1.076   1.00 24.11  ? 63  PHE A CE1 1 
ATOM   177 C  CE2 . PHE A 1 37  ? -1.281  -5.713  3.105   1.00 29.48  ? 63  PHE A CE2 1 
ATOM   178 C  CZ  . PHE A 1 37  ? -1.027  -5.742  1.765   1.00 29.61  ? 63  PHE A CZ  1 
ATOM   179 N  N   . HIS A 1 38  ? -0.693  -0.331  6.486   1.00 18.74  ? 64  HIS A N   1 
ATOM   180 C  CA  . HIS A 1 38  ? -0.561  0.974   7.138   1.00 17.69  ? 64  HIS A CA  1 
ATOM   181 C  C   . HIS A 1 38  ? 0.839   1.526   6.953   1.00 20.60  ? 64  HIS A C   1 
ATOM   182 O  O   . HIS A 1 38  ? 1.795   0.767   6.928   1.00 20.32  ? 64  HIS A O   1 
ATOM   183 C  CB  . HIS A 1 38  ? -0.840  0.844   8.630   1.00 20.53  ? 64  HIS A CB  1 
ATOM   184 C  CG  . HIS A 1 38  ? -2.126  0.140   8.945   1.00 18.12  ? 64  HIS A CG  1 
ATOM   185 N  ND1 . HIS A 1 38  ? -3.355  0.754   8.838   1.00 22.03  ? 64  HIS A ND1 1 
ATOM   186 C  CD2 . HIS A 1 38  ? -2.375  -1.132  9.339   1.00 23.25  ? 64  HIS A CD2 1 
ATOM   187 C  CE1 . HIS A 1 38  ? -4.304  -0.102  9.176   1.00 26.90  ? 64  HIS A CE1 1 
ATOM   188 N  NE2 . HIS A 1 38  ? -3.737  -1.258  9.467   1.00 23.70  ? 64  HIS A NE2 1 
ATOM   189 N  N   . CYS A 1 39  ? 0.954   2.842   6.798   1.00 20.40  ? 65  CYS A N   1 
ATOM   190 C  CA  . CYS A 1 39  ? 2.275   3.466   6.732   1.00 19.67  ? 65  CYS A CA  1 
ATOM   191 C  C   . CYS A 1 39  ? 2.274   4.795   7.470   1.00 20.86  ? 65  CYS A C   1 
ATOM   192 O  O   . CYS A 1 39  ? 1.240   5.461   7.583   1.00 22.08  ? 65  CYS A O   1 
ATOM   193 C  CB  . CYS A 1 39  ? 2.746   3.651   5.286   1.00 25.89  ? 65  CYS A CB  1 
ATOM   194 S  SG  . CYS A 1 39  ? 1.818   4.833   4.324   1.00 28.03  ? 65  CYS A SG  1 
ATOM   195 N  N   . TYR A 1 40  ? 3.440   5.177   7.963   1.00 19.74  ? 66  TYR A N   1 
ATOM   196 C  CA  . TYR A 1 40  ? 3.570   6.472   8.623   1.00 20.32  ? 66  TYR A CA  1 
ATOM   197 C  C   . TYR A 1 40  ? 5.003   6.968   8.514   1.00 19.74  ? 66  TYR A C   1 
ATOM   198 O  O   . TYR A 1 40  ? 5.917   6.202   8.204   1.00 20.96  ? 66  TYR A O   1 
ATOM   199 C  CB  . TYR A 1 40  ? 3.108   6.380   10.073  1.00 22.16  ? 66  TYR A CB  1 
ATOM   200 C  CG  . TYR A 1 40  ? 4.031   5.635   10.998  1.00 21.06  ? 66  TYR A CG  1 
ATOM   201 C  CD1 . TYR A 1 40  ? 4.971   6.314   11.756  1.00 28.14  ? 66  TYR A CD1 1 
ATOM   202 C  CD2 . TYR A 1 40  ? 3.966   4.260   11.117  1.00 25.04  ? 66  TYR A CD2 1 
ATOM   203 C  CE1 . TYR A 1 40  ? 5.835   5.640   12.597  1.00 30.26  ? 66  TYR A CE1 1 
ATOM   204 C  CE2 . TYR A 1 40  ? 4.838   3.576   11.944  1.00 26.22  ? 66  TYR A CE2 1 
ATOM   205 C  CZ  . TYR A 1 40  ? 5.764   4.271   12.685  1.00 31.59  ? 66  TYR A CZ  1 
ATOM   206 O  OH  . TYR A 1 40  ? 6.616   3.595   13.537  1.00 33.58  ? 66  TYR A OH  1 
ATOM   207 N  N   . THR A 1 41  ? 5.195   8.253   8.774   1.00 24.15  ? 67  THR A N   1 
ATOM   208 C  CA  . THR A 1 41  ? 6.529   8.819   8.753   1.00 21.64  ? 67  THR A CA  1 
ATOM   209 C  C   . THR A 1 41  ? 6.644   9.852   9.869   1.00 26.65  ? 67  THR A C   1 
ATOM   210 O  O   . THR A 1 41  ? 5.640   10.226  10.476  1.00 27.15  ? 67  THR A O   1 
ATOM   211 C  CB  . THR A 1 41  ? 6.840   9.460   7.402   1.00 30.20  ? 67  THR A CB  1 
ATOM   212 O  OG1 . THR A 1 41  ? 8.200   9.898   7.383   1.00 37.44  ? 67  THR A OG1 1 
ATOM   213 C  CG2 . THR A 1 41  ? 5.913   10.644  7.122   1.00 37.26  ? 67  THR A CG2 1 
ATOM   214 N  N   . ASN A 1 42  ? 7.873   10.279  10.155  1.00 31.08  ? 68  ASN A N   1 
ATOM   215 C  CA  . ASN A 1 42  ? 8.105   11.290  11.189  1.00 34.16  ? 68  ASN A CA  1 
ATOM   216 C  C   . ASN A 1 42  ? 8.165   12.707  10.628  1.00 47.29  ? 68  ASN A C   1 
ATOM   217 O  O   . ASN A 1 42  ? 8.349   13.664  11.373  1.00 57.61  ? 68  ASN A O   1 
ATOM   218 C  CB  . ASN A 1 42  ? 9.401   10.985  11.950  1.00 39.75  ? 68  ASN A CB  1 
ATOM   219 C  CG  . ASN A 1 42  ? 10.550  10.617  11.028  1.00 46.23  ? 68  ASN A CG  1 
ATOM   220 O  OD1 . ASN A 1 42  ? 10.616  11.063  9.878   1.00 64.13  ? 68  ASN A OD1 1 
ATOM   221 N  ND2 . ASN A 1 42  ? 11.474  9.805   11.535  1.00 79.81  ? 68  ASN A ND2 1 
ATOM   222 N  N   . HIS A 1 43  ? 8.028   12.832  9.314   1.00 47.33  ? 69  HIS A N   1 
ATOM   223 C  CA  . HIS A 1 43  ? 8.039   14.134  8.645   1.00 55.59  ? 69  HIS A CA  1 
ATOM   224 C  C   . HIS A 1 43  ? 6.597   14.583  8.405   1.00 62.08  ? 69  HIS A C   1 
ATOM   225 O  O   . HIS A 1 43  ? 5.686   13.760  8.440   1.00 40.46  ? 69  HIS A O   1 
ATOM   226 C  CB  . HIS A 1 43  ? 8.794   14.018  7.315   1.00 55.74  ? 69  HIS A CB  1 
ATOM   227 C  CG  . HIS A 1 43  ? 10.268  13.798  7.477   1.00 106.38 ? 69  HIS A CG  1 
ATOM   228 N  ND1 . HIS A 1 43  ? 11.116  14.769  7.967   1.00 127.92 ? 69  HIS A ND1 1 
ATOM   229 C  CD2 . HIS A 1 43  ? 11.044  12.715  7.226   1.00 99.88  ? 69  HIS A CD2 1 
ATOM   230 C  CE1 . HIS A 1 43  ? 12.348  14.296  8.008   1.00 121.02 ? 69  HIS A CE1 1 
ATOM   231 N  NE2 . HIS A 1 43  ? 12.332  13.053  7.564   1.00 118.24 ? 69  HIS A NE2 1 
ATOM   232 N  N   . SER A 1 44  ? 6.372   15.873  8.163   1.00 60.41  ? 70  SER A N   1 
ATOM   233 C  CA  . SER A 1 44  ? 5.039   16.316  7.748   1.00 51.19  ? 70  SER A CA  1 
ATOM   234 C  C   . SER A 1 44  ? 4.778   15.965  6.292   1.00 51.18  ? 70  SER A C   1 
ATOM   235 O  O   . SER A 1 44  ? 5.712   15.820  5.505   1.00 51.12  ? 70  SER A O   1 
ATOM   236 C  CB  . SER A 1 44  ? 4.855   17.822  7.910   1.00 57.73  ? 70  SER A CB  1 
ATOM   237 O  OG  A SER A 1 44  ? 3.451   18.034  8.044   0.50 31.60  ? 70  SER A OG  1 
ATOM   238 O  OG  B SER A 1 44  ? 6.144   18.404  7.790   0.50 55.79  ? 70  SER A OG  1 
ATOM   239 N  N   . GLY A 1 45  ? 3.500   15.877  5.937   1.00 60.59  ? 71  GLY A N   1 
ATOM   240 C  CA  . GLY A 1 45  ? 3.105   15.654  4.558   1.00 38.46  ? 71  GLY A CA  1 
ATOM   241 C  C   . GLY A 1 45  ? 2.308   14.378  4.420   1.00 51.52  ? 71  GLY A C   1 
ATOM   242 O  O   . GLY A 1 45  ? 2.553   13.397  5.122   1.00 58.05  ? 71  GLY A O   1 
ATOM   243 N  N   . ALA A 1 46  ? 1.324   14.402  3.531   1.00 40.95  ? 72  ALA A N   1 
ATOM   244 C  CA  . ALA A 1 46  ? 0.519   13.227  3.259   1.00 43.46  ? 72  ALA A CA  1 
ATOM   245 C  C   . ALA A 1 46  ? 1.364   12.190  2.529   1.00 37.22  ? 72  ALA A C   1 
ATOM   246 O  O   . ALA A 1 46  ? 2.298   12.524  1.794   1.00 32.84  ? 72  ALA A O   1 
ATOM   247 C  CB  . ALA A 1 46  ? -0.701  13.596  2.430   1.00 49.49  ? 72  ALA A CB  1 
ATOM   248 N  N   . LEU A 1 47  ? 1.024   10.928  2.754   1.00 31.08  ? 73  LEU A N   1 
ATOM   249 C  CA  . LEU A 1 47  ? 1.601   9.823   2.021   1.00 26.71  ? 73  LEU A CA  1 
ATOM   250 C  C   . LEU A 1 47  ? 0.553   9.291   1.070   1.00 30.79  ? 73  LEU A C   1 
ATOM   251 O  O   . LEU A 1 47  ? -0.647  9.426   1.318   1.00 32.43  ? 73  LEU A O   1 
ATOM   252 C  CB  . LEU A 1 47  ? 2.035   8.716   2.998   1.00 22.14  ? 73  LEU A CB  1 
ATOM   253 C  CG  . LEU A 1 47  ? 3.087   9.148   4.026   1.00 29.83  ? 73  LEU A CG  1 
ATOM   254 C  CD1 . LEU A 1 47  ? 3.377   8.057   5.052   1.00 31.80  ? 73  LEU A CD1 1 
ATOM   255 C  CD2 . LEU A 1 47  ? 4.365   9.579   3.327   1.00 33.56  ? 73  LEU A CD2 1 
ATOM   256 N  N   . THR A 1 48  ? 1.010   8.714   -0.033  1.00 25.86  ? 74  THR A N   1 
ATOM   257 C  CA  . THR A 1 48  ? 0.120   8.090   -0.990  1.00 23.61  ? 74  THR A CA  1 
ATOM   258 C  C   . THR A 1 48  ? 0.689   6.725   -1.346  1.00 23.64  ? 74  THR A C   1 
ATOM   259 O  O   . THR A 1 48  ? 1.907   6.537   -1.382  1.00 23.63  ? 74  THR A O   1 
ATOM   260 C  CB  . THR A 1 48  ? -0.006  8.933   -2.270  1.00 40.58  ? 74  THR A CB  1 
ATOM   261 O  OG1 . THR A 1 48  ? 1.282   9.087   -2.873  1.00 49.27  ? 74  THR A OG1 1 
ATOM   262 C  CG2 . THR A 1 48  ? -0.572  10.300  -1.956  1.00 40.35  ? 74  THR A CG2 1 
ATOM   263 N  N   . TRP A 1 49  ? -0.198  5.792   -1.636  1.00 23.98  ? 75  TRP A N   1 
ATOM   264 C  CA  . TRP A 1 49  ? 0.202   4.419   -1.932  1.00 23.33  ? 75  TRP A CA  1 
ATOM   265 C  C   . TRP A 1 49  ? 0.470   4.167   -3.415  1.00 25.88  ? 75  TRP A C   1 
ATOM   266 O  O   . TRP A 1 49  ? -0.280  4.621   -4.289  1.00 25.77  ? 75  TRP A O   1 
ATOM   267 C  CB  . TRP A 1 49  ? -0.865  3.446   -1.436  1.00 24.01  ? 75  TRP A CB  1 
ATOM   268 C  CG  . TRP A 1 49  ? -0.933  3.344   0.060   1.00 22.74  ? 75  TRP A CG  1 
ATOM   269 C  CD1 . TRP A 1 49  ? -1.657  4.145   0.915   1.00 24.33  ? 75  TRP A CD1 1 
ATOM   270 C  CD2 . TRP A 1 49  ? -0.247  2.405   0.884   1.00 23.57  ? 75  TRP A CD2 1 
ATOM   271 N  NE1 . TRP A 1 49  ? -1.472  3.739   2.212   1.00 30.61  ? 75  TRP A NE1 1 
ATOM   272 C  CE2 . TRP A 1 49  ? -0.590  2.693   2.230   1.00 24.49  ? 75  TRP A CE2 1 
ATOM   273 C  CE3 . TRP A 1 49  ? 0.640   1.361   0.627   1.00 26.50  ? 75  TRP A CE3 1 
ATOM   274 C  CZ2 . TRP A 1 49  ? -0.115  1.944   3.292   1.00 25.42  ? 75  TRP A CZ2 1 
ATOM   275 C  CZ3 . TRP A 1 49  ? 1.116   0.621   1.695   1.00 28.61  ? 75  TRP A CZ3 1 
ATOM   276 C  CH2 . TRP A 1 49  ? 0.759   0.937   3.012   1.00 24.44  ? 75  TRP A CH2 1 
ATOM   277 N  N   . PHE A 1 50  ? 1.470   3.319   -3.664  1.00 23.63  ? 76  PHE A N   1 
ATOM   278 C  CA  . PHE A 1 50  ? 1.856   2.897   -4.997  1.00 24.52  ? 76  PHE A CA  1 
ATOM   279 C  C   . PHE A 1 50  ? 1.992   1.387   -4.962  1.00 21.22  ? 76  PHE A C   1 
ATOM   280 O  O   . PHE A 1 50  ? 2.235   0.803   -3.899  1.00 23.34  ? 76  PHE A O   1 
ATOM   281 C  CB  . PHE A 1 50  ? 3.218   3.490   -5.373  1.00 22.48  ? 76  PHE A CB  1 
ATOM   282 C  CG  . PHE A 1 50  ? 3.191   4.960   -5.627  1.00 28.55  ? 76  PHE A CG  1 
ATOM   283 C  CD1 . PHE A 1 50  ? 3.062   5.850   -4.574  1.00 31.51  ? 76  PHE A CD1 1 
ATOM   284 C  CD2 . PHE A 1 50  ? 3.317   5.456   -6.915  1.00 31.95  ? 76  PHE A CD2 1 
ATOM   285 C  CE1 . PHE A 1 50  ? 3.050   7.214   -4.797  1.00 37.23  ? 76  PHE A CE1 1 
ATOM   286 C  CE2 . PHE A 1 50  ? 3.304   6.825   -7.147  1.00 44.41  ? 76  PHE A CE2 1 
ATOM   287 C  CZ  . PHE A 1 50  ? 3.173   7.701   -6.088  1.00 41.53  ? 76  PHE A CZ  1 
ATOM   288 N  N   . ARG A 1 51  ? 1.875   0.771   -6.128  1.00 23.15  ? 77  ARG A N   1 
ATOM   289 C  CA  . ARG A 1 51  ? 2.052   -0.667  -6.277  1.00 24.54  ? 77  ARG A CA  1 
ATOM   290 C  C   . ARG A 1 51  ? 3.135   -0.910  -7.322  1.00 25.51  ? 77  ARG A C   1 
ATOM   291 O  O   . ARG A 1 51  ? 3.228   -0.186  -8.317  1.00 27.76  ? 77  ARG A O   1 
ATOM   292 C  CB  . ARG A 1 51  ? 0.740   -1.305  -6.744  1.00 31.98  ? 77  ARG A CB  1 
ATOM   293 C  CG  . ARG A 1 51  ? 0.857   -2.751  -7.190  1.00 40.92  ? 77  ARG A CG  1 
ATOM   294 C  CD  . ARG A 1 51  ? -0.370  -3.175  -7.999  1.00 51.20  ? 77  ARG A CD  1 
ATOM   295 N  NE  . ARG A 1 51  ? -1.551  -3.307  -7.151  1.00 55.61  ? 77  ARG A NE  1 
ATOM   296 C  CZ  . ARG A 1 51  ? -2.806  -3.264  -7.589  1.00 56.58  ? 77  ARG A CZ  1 
ATOM   297 N  NH1 . ARG A 1 51  ? -3.066  -3.067  -8.875  1.00 63.48  ? 77  ARG A NH1 1 
ATOM   298 N  NH2 . ARG A 1 51  ? -3.806  -3.432  -6.732  1.00 39.32  ? 77  ARG A NH2 1 
ATOM   299 N  N   . LYS A 1 52  ? 3.951   -1.927  -7.080  1.00 26.47  ? 78  LYS A N   1 
ATOM   300 C  CA  . LYS A 1 52  ? 5.034   -2.280  -7.972  1.00 31.38  ? 78  LYS A CA  1 
ATOM   301 C  C   . LYS A 1 52  ? 4.912   -3.768  -8.249  1.00 31.20  ? 78  LYS A C   1 
ATOM   302 O  O   . LYS A 1 52  ? 4.772   -4.570  -7.328  1.00 33.31  ? 78  LYS A O   1 
ATOM   303 C  CB  . LYS A 1 52  ? 6.372   -1.967  -7.293  1.00 37.34  ? 78  LYS A CB  1 
ATOM   304 C  CG  . LYS A 1 52  ? 7.602   -2.292  -8.098  1.00 48.29  ? 78  LYS A CG  1 
ATOM   305 C  CD  . LYS A 1 52  ? 8.848   -1.859  -7.336  1.00 47.25  ? 78  LYS A CD  1 
ATOM   306 C  CE  . LYS A 1 52  ? 10.110  -2.005  -8.169  1.00 56.88  ? 78  LYS A CE  1 
ATOM   307 N  NZ  . LYS A 1 52  ? 10.252  -0.926  -9.185  1.00 48.32  ? 78  LYS A NZ  1 
ATOM   308 N  N   . ARG A 1 53  ? 4.928   -4.125  -9.527  1.00 33.62  ? 79  ARG A N   1 
ATOM   309 C  CA  . ARG A 1 53  ? 4.989   -5.516  -9.934  1.00 35.28  ? 79  ARG A CA  1 
ATOM   310 C  C   . ARG A 1 53  ? 6.385   -5.828  -10.454 1.00 39.58  ? 79  ARG A C   1 
ATOM   311 O  O   . ARG A 1 53  ? 6.876   -5.166  -11.372 1.00 44.12  ? 79  ARG A O   1 
ATOM   312 C  CB  . ARG A 1 53  ? 3.959   -5.779  -11.028 1.00 50.94  ? 79  ARG A CB  1 
ATOM   313 C  CG  . ARG A 1 53  ? 2.521   -5.565  -10.592 1.00 52.72  ? 79  ARG A CG  1 
ATOM   314 C  CD  . ARG A 1 53  ? 1.578   -6.345  -11.494 1.00 83.73  ? 79  ARG A CD  1 
ATOM   315 N  NE  . ARG A 1 53  ? 0.171   -6.081  -11.213 1.00 65.17  ? 79  ARG A NE  1 
ATOM   316 C  CZ  . ARG A 1 53  ? -0.456  -4.954  -11.532 1.00 66.91  ? 79  ARG A CZ  1 
ATOM   317 N  NH1 . ARG A 1 53  ? 0.204   -3.964  -12.118 1.00 82.98  ? 79  ARG A NH1 1 
ATOM   318 N  NH2 . ARG A 1 53  ? -1.745  -4.814  -11.256 1.00 52.94  ? 79  ARG A NH2 1 
ATOM   319 N  N   . GLY A 1 54  ? 7.046   -6.798  -9.832  1.00 41.99  ? 80  GLY A N   1 
ATOM   320 C  CA  . GLY A 1 54  ? 8.431   -7.113  -10.175 1.00 50.52  ? 80  GLY A CA  1 
ATOM   321 C  C   . GLY A 1 54  ? 9.347   -5.904  -10.100 1.00 50.71  ? 80  GLY A C   1 
ATOM   322 O  O   . GLY A 1 54  ? 9.407   -5.210  -9.079  1.00 47.59  ? 80  GLY A O   1 
ATOM   323 N  N   . SER A 1 55  ? 10.082  -5.655  -11.177 1.00 45.66  ? 81  SER A N   1 
ATOM   324 C  CA  . SER A 1 55  ? 10.976  -4.503  -11.220 1.00 45.62  ? 81  SER A CA  1 
ATOM   325 C  C   . SER A 1 55  ? 10.386  -3.403  -12.100 1.00 50.19  ? 81  SER A C   1 
ATOM   326 O  O   . SER A 1 55  ? 11.096  -2.505  -12.550 1.00 43.61  ? 81  SER A O   1 
ATOM   327 C  CB  . SER A 1 55  ? 12.361  -4.920  -11.728 1.00 48.52  ? 81  SER A CB  1 
ATOM   328 O  OG  . SER A 1 55  ? 12.285  -5.421  -13.048 1.00 59.98  ? 81  SER A OG  1 
ATOM   329 N  N   . GLN A 1 56  ? 9.080   -3.475  -12.336 1.00 42.76  ? 82  GLN A N   1 
ATOM   330 C  CA  . GLN A 1 56  ? 8.401   -2.489  -13.167 1.00 38.28  ? 82  GLN A CA  1 
ATOM   331 C  C   . GLN A 1 56  ? 8.303   -1.162  -12.425 1.00 45.37  ? 82  GLN A C   1 
ATOM   332 O  O   . GLN A 1 56  ? 8.566   -1.092  -11.222 1.00 37.66  ? 82  GLN A O   1 
ATOM   333 C  CB  . GLN A 1 56  ? 7.005   -2.978  -13.546 1.00 47.23  ? 82  GLN A CB  1 
ATOM   334 C  CG  . GLN A 1 56  ? 7.005   -4.154  -14.507 1.00 77.39  ? 82  GLN A CG  1 
ATOM   335 C  CD  . GLN A 1 56  ? 5.633   -4.785  -14.657 1.00 73.54  ? 82  GLN A CD  1 
ATOM   336 O  OE1 . GLN A 1 56  ? 4.618   -4.089  -14.701 1.00 94.46  ? 82  GLN A OE1 1 
ATOM   337 N  NE2 . GLN A 1 56  ? 5.598   -6.112  -14.731 1.00 89.72  ? 82  GLN A NE2 1 
ATOM   338 N  N   . GLN A 1 57  ? 7.953   -0.106  -13.149 1.00 52.44  ? 83  GLN A N   1 
ATOM   339 C  CA  . GLN A 1 57  ? 7.812   1.210   -12.545 1.00 48.14  ? 83  GLN A CA  1 
ATOM   340 C  C   . GLN A 1 57  ? 6.599   1.203   -11.616 1.00 32.71  ? 83  GLN A C   1 
ATOM   341 O  O   . GLN A 1 57  ? 5.553   0.667   -11.968 1.00 37.03  ? 83  GLN A O   1 
ATOM   342 C  CB  . GLN A 1 57  ? 7.655   2.280   -13.629 1.00 59.76  ? 83  GLN A CB  1 
ATOM   343 C  CG  . GLN A 1 57  ? 8.113   3.676   -13.211 1.00 71.93  ? 83  GLN A CG  1 
ATOM   344 C  CD  . GLN A 1 57  ? 9.615   3.770   -12.997 1.00 87.83  ? 83  GLN A CD  1 
ATOM   345 O  OE1 . GLN A 1 57  ? 10.397  3.169   -13.736 1.00 94.79  ? 83  GLN A OE1 1 
ATOM   346 N  NE2 . GLN A 1 57  ? 10.024  4.537   -11.990 1.00 82.67  ? 83  GLN A NE2 1 
ATOM   347 N  N   . PRO A 1 58  ? 6.746   1.785   -10.418 1.00 35.16  ? 84  PRO A N   1 
ATOM   348 C  CA  . PRO A 1 58  ? 5.625   1.895   -9.484  1.00 35.00  ? 84  PRO A CA  1 
ATOM   349 C  C   . PRO A 1 58  ? 4.486   2.711   -10.074 1.00 41.62  ? 84  PRO A C   1 
ATOM   350 O  O   . PRO A 1 58  ? 4.720   3.654   -10.823 1.00 38.91  ? 84  PRO A O   1 
ATOM   351 C  CB  . PRO A 1 58  ? 6.239   2.624   -8.287  1.00 44.92  ? 84  PRO A CB  1 
ATOM   352 C  CG  . PRO A 1 58  ? 7.704   2.357   -8.396  1.00 50.19  ? 84  PRO A CG  1 
ATOM   353 C  CD  . PRO A 1 58  ? 7.972   2.375   -9.861  1.00 44.26  ? 84  PRO A CD  1 
ATOM   354 N  N   . GLN A 1 59  ? 3.256   2.319   -9.782  1.00 31.09  ? 85  GLN A N   1 
ATOM   355 C  CA  . GLN A 1 59  ? 2.110   3.049   -10.286 1.00 37.71  ? 85  GLN A CA  1 
ATOM   356 C  C   . GLN A 1 59  ? 1.232   3.459   -9.124  1.00 34.18  ? 85  GLN A C   1 
ATOM   357 O  O   . GLN A 1 59  ? 1.098   2.716   -8.159  1.00 28.59  ? 85  GLN A O   1 
ATOM   358 C  CB  . GLN A 1 59  ? 1.337   2.193   -11.282 1.00 41.07  ? 85  GLN A CB  1 
ATOM   359 C  CG  . GLN A 1 59  ? 2.155   1.831   -12.526 1.00 72.03  ? 85  GLN A CG  1 
ATOM   360 C  CD  . GLN A 1 59  ? 2.646   3.050   -13.303 1.00 89.02  ? 85  GLN A CD  1 
ATOM   361 O  OE1 . GLN A 1 59  ? 2.137   4.166   -13.128 1.00 105.64 ? 85  GLN A OE1 1 
ATOM   362 N  NE2 . GLN A 1 59  ? 3.637   2.834   -14.170 1.00 101.06 ? 85  GLN A NE2 1 
ATOM   363 N  N   . GLU A 1 60  ? 0.713   4.680   -9.178  1.00 31.68  ? 86  GLU A N   1 
ATOM   364 C  CA  . GLU A 1 60  ? -0.205  5.154   -8.158  1.00 33.72  ? 86  GLU A CA  1 
ATOM   365 C  C   . GLU A 1 60  ? -1.471  4.312   -8.216  1.00 31.72  ? 86  GLU A C   1 
ATOM   366 O  O   . GLU A 1 60  ? -1.889  3.884   -9.287  1.00 39.51  ? 86  GLU A O   1 
ATOM   367 C  CB  . GLU A 1 60  ? -0.538  6.629   -8.374  1.00 36.52  ? 86  GLU A CB  1 
ATOM   368 C  CG  . GLU A 1 60  ? -1.259  7.267   -7.196  1.00 68.09  ? 86  GLU A CG  1 
ATOM   369 C  CD  . GLU A 1 60  ? -1.208  8.785   -7.221  1.00 84.67  ? 86  GLU A CD  1 
ATOM   370 O  OE1 . GLU A 1 60  ? -0.666  9.351   -8.196  1.00 65.11  ? 86  GLU A OE1 1 
ATOM   371 O  OE2 . GLU A 1 60  ? -1.717  9.410   -6.262  1.00 74.69  ? 86  GLU A OE2 1 
ATOM   372 N  N   . LEU A 1 61  ? -2.046  4.036   -7.054  1.00 27.96  ? 87  LEU A N   1 
ATOM   373 C  CA  . LEU A 1 61  ? -3.237  3.205   -6.990  1.00 30.62  ? 87  LEU A CA  1 
ATOM   374 C  C   . LEU A 1 61  ? -4.467  4.030   -7.321  1.00 41.22  ? 87  LEU A C   1 
ATOM   375 O  O   . LEU A 1 61  ? -4.576  5.182   -6.916  1.00 38.96  ? 87  LEU A O   1 
ATOM   376 C  CB  . LEU A 1 61  ? -3.380  2.604   -5.599  1.00 32.20  ? 87  LEU A CB  1 
ATOM   377 C  CG  . LEU A 1 61  ? -2.353  1.527   -5.254  1.00 35.08  ? 87  LEU A CG  1 
ATOM   378 C  CD1 . LEU A 1 61  ? -2.647  0.974   -3.879  1.00 37.41  ? 87  LEU A CD1 1 
ATOM   379 C  CD2 . LEU A 1 61  ? -2.401  0.426   -6.293  1.00 45.84  ? 87  LEU A CD2 1 
ATOM   380 N  N   . VAL A 1 62  ? -5.393  3.417   -8.046  1.00 37.40  ? 88  VAL A N   1 
ATOM   381 C  CA  . VAL A 1 62  ? -6.687  4.013   -8.324  1.00 38.71  ? 88  VAL A CA  1 
ATOM   382 C  C   . VAL A 1 62  ? -7.763  3.259   -7.546  1.00 41.22  ? 88  VAL A C   1 
ATOM   383 O  O   . VAL A 1 62  ? -7.564  2.112   -7.160  1.00 41.25  ? 88  VAL A O   1 
ATOM   384 C  CB  . VAL A 1 62  ? -7.002  3.948   -9.833  1.00 38.93  ? 88  VAL A CB  1 
ATOM   385 C  CG1 . VAL A 1 62  ? -5.975  4.765   -10.615 1.00 47.72  ? 88  VAL A CG1 1 
ATOM   386 C  CG2 . VAL A 1 62  ? -7.010  2.518   -10.319 1.00 44.55  ? 88  VAL A CG2 1 
ATOM   387 N  N   . SER A 1 63  ? -8.902  3.908   -7.332  1.00 34.69  ? 89  SER A N   1 
ATOM   388 C  CA  . SER A 1 63  ? -9.927  3.410   -6.409  1.00 31.37  ? 89  SER A CA  1 
ATOM   389 C  C   . SER A 1 63  ? -10.599 2.130   -6.917  1.00 31.71  ? 89  SER A C   1 
ATOM   390 O  O   . SER A 1 63  ? -11.030 1.296   -6.128  1.00 30.73  ? 89  SER A O   1 
ATOM   391 C  CB  . SER A 1 63  ? -10.982 4.490   -6.186  1.00 44.75  ? 89  SER A CB  1 
ATOM   392 O  OG  . SER A 1 63  ? -12.040 4.010   -5.378  1.00 53.07  ? 89  SER A OG  1 
ATOM   393 N  N   . GLU A 1 64  ? -10.735 2.000   -8.231  1.00 29.15  ? 90  GLU A N   1 
ATOM   394 C  CA  . GLU A 1 64  ? -11.508 0.914   -8.813  1.00 27.56  ? 90  GLU A CA  1 
ATOM   395 C  C   . GLU A 1 64  ? -12.900 0.850   -8.179  1.00 24.34  ? 90  GLU A C   1 
ATOM   396 O  O   . GLU A 1 64  ? -13.349 -0.205  -7.708  1.00 25.66  ? 90  GLU A O   1 
ATOM   397 C  CB  . GLU A 1 64  ? -10.764 -0.413  -8.668  1.00 33.12  ? 90  GLU A CB  1 
ATOM   398 C  CG  . GLU A 1 64  ? -9.595  -0.559  -9.642  1.00 42.73  ? 90  GLU A CG  1 
ATOM   399 C  CD  . GLU A 1 64  ? -8.882  -1.895  -9.518  1.00 53.38  ? 90  GLU A CD  1 
ATOM   400 O  OE1 . GLU A 1 64  ? -9.556  -2.917  -9.250  1.00 51.62  ? 90  GLU A OE1 1 
ATOM   401 O  OE2 . GLU A 1 64  ? -7.644  -1.926  -9.688  1.00 60.90  ? 90  GLU A OE2 1 
ATOM   402 N  N   . GLU A 1 65  ? -13.567 2.001   -8.169  1.00 22.70  ? 91  GLU A N   1 
ATOM   403 C  CA  . GLU A 1 65  ? -14.947 2.122   -7.681  1.00 26.52  ? 91  GLU A CA  1 
ATOM   404 C  C   . GLU A 1 65  ? -15.093 1.749   -6.218  1.00 30.48  ? 91  GLU A C   1 
ATOM   405 O  O   . GLU A 1 65  ? -16.118 1.203   -5.807  1.00 26.09  ? 91  GLU A O   1 
ATOM   406 C  CB  . GLU A 1 65  ? -15.888 1.277   -8.519  1.00 29.26  ? 91  GLU A CB  1 
ATOM   407 C  CG  . GLU A 1 65  ? -15.956 1.719   -9.970  1.00 29.31  ? 91  GLU A CG  1 
ATOM   408 C  CD  . GLU A 1 65  ? -16.994 0.953   -10.761 1.00 37.58  ? 91  GLU A CD  1 
ATOM   409 O  OE1 . GLU A 1 65  ? -16.621 -0.040  -11.431 1.00 31.65  ? 91  GLU A OE1 1 
ATOM   410 O  OE2 . GLU A 1 65  ? -18.178 1.354   -10.712 1.00 33.12  ? 91  GLU A OE2 1 
ATOM   411 N  N   . GLY A 1 66  ? -14.071 2.051   -5.423  1.00 27.44  ? 92  GLY A N   1 
ATOM   412 C  CA  . GLY A 1 66  ? -14.142 1.800   -3.987  1.00 28.43  ? 92  GLY A CA  1 
ATOM   413 C  C   . GLY A 1 66  ? -13.551 0.482   -3.524  1.00 26.36  ? 92  GLY A C   1 
ATOM   414 O  O   . GLY A 1 66  ? -13.546 0.194   -2.325  1.00 27.31  ? 92  GLY A O   1 
ATOM   415 N  N   . ARG A 1 67  ? -13.015 -0.306  -4.447  1.00 24.43  ? 93  ARG A N   1 
ATOM   416 C  CA  . ARG A 1 67  ? -12.443 -1.597  -4.075  1.00 26.12  ? 93  ARG A CA  1 
ATOM   417 C  C   . ARG A 1 67  ? -11.128 -1.387  -3.343  1.00 26.41  ? 93  ARG A C   1 
ATOM   418 O  O   . ARG A 1 67  ? -10.737 -2.198  -2.499  1.00 25.98  ? 93  ARG A O   1 
ATOM   419 C  CB  . ARG A 1 67  ? -12.218 -2.482  -5.296  1.00 25.55  ? 93  ARG A CB  1 
ATOM   420 C  CG  . ARG A 1 67  ? -11.819 -3.900  -4.917  1.00 25.42  ? 93  ARG A CG  1 
ATOM   421 C  CD  . ARG A 1 67  ? -11.731 -4.823  -6.117  1.00 27.82  ? 93  ARG A CD  1 
ATOM   422 N  NE  . ARG A 1 67  ? -10.530 -4.599  -6.914  1.00 28.44  ? 93  ARG A NE  1 
ATOM   423 C  CZ  . ARG A 1 67  ? -9.319  -5.046  -6.598  1.00 28.58  ? 93  ARG A CZ  1 
ATOM   424 N  NH1 . ARG A 1 67  ? -9.116  -5.692  -5.453  1.00 28.17  ? 93  ARG A NH1 1 
ATOM   425 N  NH2 . ARG A 1 67  ? -8.299  -4.817  -7.408  1.00 36.13  ? 93  ARG A NH2 1 
ATOM   426 N  N   . ILE A 1 68  ? -10.429 -0.327  -3.731  1.00 22.06  ? 94  ILE A N   1 
ATOM   427 C  CA  . ILE A 1 68  ? -9.137  0.022   -3.149  1.00 21.34  ? 94  ILE A CA  1 
ATOM   428 C  C   . ILE A 1 68  ? -9.271  1.441   -2.601  1.00 27.67  ? 94  ILE A C   1 
ATOM   429 O  O   . ILE A 1 68  ? -9.534  2.383   -3.353  1.00 34.07  ? 94  ILE A O   1 
ATOM   430 C  CB  . ILE A 1 68  ? -8.019  -0.027  -4.208  1.00 23.89  ? 94  ILE A CB  1 
ATOM   431 C  CG1 . ILE A 1 68  ? -7.938  -1.416  -4.848  1.00 26.22  ? 94  ILE A CG1 1 
ATOM   432 C  CG2 . ILE A 1 68  ? -6.678  0.361   -3.593  1.00 28.60  ? 94  ILE A CG2 1 
ATOM   433 C  CD1 . ILE A 1 68  ? -7.021  -1.482  -6.051  1.00 36.07  ? 94  ILE A CD1 1 
ATOM   434 N  N   . VAL A 1 69  ? -9.146  1.589   -1.290  1.00 23.94  ? 95  VAL A N   1 
ATOM   435 C  CA  . VAL A 1 69  ? -9.388  2.877   -0.649  1.00 24.79  ? 95  VAL A CA  1 
ATOM   436 C  C   . VAL A 1 69  ? -8.224  3.294   0.233   1.00 28.31  ? 95  VAL A C   1 
ATOM   437 O  O   . VAL A 1 69  ? -7.682  2.491   1.004   1.00 24.65  ? 95  VAL A O   1 
ATOM   438 C  CB  . VAL A 1 69  ? -10.652 2.847   0.208   1.00 28.61  ? 95  VAL A CB  1 
ATOM   439 C  CG1 . VAL A 1 69  ? -10.843 4.190   0.895   1.00 38.15  ? 95  VAL A CG1 1 
ATOM   440 C  CG2 . VAL A 1 69  ? -11.862 2.503   -0.655  1.00 39.17  ? 95  VAL A CG2 1 
ATOM   441 N  N   . GLN A 1 70  ? -7.825  4.550   0.089   1.00 24.26  ? 96  GLN A N   1 
ATOM   442 C  CA  . GLN A 1 70  ? -6.773  5.118   0.921   1.00 21.13  ? 96  GLN A CA  1 
ATOM   443 C  C   . GLN A 1 70  ? -7.391  6.092   1.897   1.00 32.52  ? 96  GLN A C   1 
ATOM   444 O  O   . GLN A 1 70  ? -8.153  6.971   1.494   1.00 28.89  ? 96  GLN A O   1 
ATOM   445 C  CB  . GLN A 1 70  ? -5.752  5.834   0.048   1.00 23.57  ? 96  GLN A CB  1 
ATOM   446 C  CG  . GLN A 1 70  ? -5.074  4.939   -0.971  1.00 31.45  ? 96  GLN A CG  1 
ATOM   447 C  CD  . GLN A 1 70  ? -4.058  5.686   -1.819  1.00 37.13  ? 96  GLN A CD  1 
ATOM   448 O  OE1 . GLN A 1 70  ? -3.174  6.376   -1.297  1.00 34.57  ? 96  GLN A OE1 1 
ATOM   449 N  NE2 . GLN A 1 70  ? -4.181  5.555   -3.133  1.00 35.80  ? 96  GLN A NE2 1 
ATOM   450 N  N   . THR A 1 71  ? -7.137  5.883   3.185   1.00 24.19  ? 97  THR A N   1 
ATOM   451 C  CA  . THR A 1 71  ? -7.645  6.780   4.209   1.00 26.77  ? 97  THR A CA  1 
ATOM   452 C  C   . THR A 1 71  ? -6.529  7.223   5.138   1.00 28.21  ? 97  THR A C   1 
ATOM   453 O  O   . THR A 1 71  ? -5.427  6.669   5.126   1.00 29.53  ? 97  THR A O   1 
ATOM   454 C  CB  . THR A 1 71  ? -8.762  6.125   5.042   1.00 36.99  ? 97  THR A CB  1 
ATOM   455 O  OG1 . THR A 1 71  ? -8.277  4.917   5.637   1.00 39.64  ? 97  THR A OG1 1 
ATOM   456 C  CG2 . THR A 1 71  ? -9.978  5.801   4.173   1.00 38.41  ? 97  THR A CG2 1 
ATOM   457 N  N   . GLN A 1 72  ? -6.815  8.250   5.925   1.00 29.98  ? 98  GLN A N   1 
ATOM   458 C  CA  . GLN A 1 72  ? -5.858  8.763   6.882   1.00 33.38  ? 98  GLN A CA  1 
ATOM   459 C  C   . GLN A 1 72  ? -6.480  8.703   8.258   1.00 39.06  ? 98  GLN A C   1 
ATOM   460 O  O   . GLN A 1 72  ? -7.589  9.191   8.464   1.00 38.32  ? 98  GLN A O   1 
ATOM   461 C  CB  . GLN A 1 72  ? -5.485  10.200  6.548   1.00 37.97  ? 98  GLN A CB  1 
ATOM   462 C  CG  . GLN A 1 72  ? -4.360  10.727  7.408   1.00 45.88  ? 98  GLN A CG  1 
ATOM   463 C  CD  . GLN A 1 72  ? -4.241  12.231  7.356   1.00 48.12  ? 98  GLN A CD  1 
ATOM   464 O  OE1 . GLN A 1 72  ? -4.508  12.850  6.326   1.00 52.70  ? 98  GLN A OE1 1 
ATOM   465 N  NE2 . GLN A 1 72  ? -3.810  12.828  8.461   1.00 47.96  ? 98  GLN A NE2 1 
ATOM   466 N  N   . ASN A 1 73  ? -5.779  8.041   9.173   1.00 33.52  ? 99  ASN A N   1 
ATOM   467 C  CA  . ASN A 1 73  ? -6.220  7.876   10.546  1.00 48.09  ? 99  ASN A CA  1 
ATOM   468 C  C   . ASN A 1 73  ? -5.234  8.604   11.446  1.00 52.69  ? 99  ASN A C   1 
ATOM   469 O  O   . ASN A 1 73  ? -4.322  7.990   11.992  1.00 50.47  ? 99  ASN A O   1 
ATOM   470 C  CB  . ASN A 1 73  ? -6.241  6.388   10.902  1.00 52.84  ? 99  ASN A CB  1 
ATOM   471 C  CG  . ASN A 1 73  ? -6.753  6.126   12.303  1.00 102.63 ? 99  ASN A CG  1 
ATOM   472 O  OD1 . ASN A 1 73  ? -6.334  6.775   13.261  1.00 120.21 ? 99  ASN A OD1 1 
ATOM   473 N  ND2 . ASN A 1 73  ? -7.655  5.156   12.431  1.00 108.44 ? 99  ASN A ND2 1 
ATOM   474 N  N   . GLY A 1 74  ? -5.350  9.927   11.497  1.00 50.76  ? 100 GLY A N   1 
ATOM   475 C  CA  . GLY A 1 74  ? -4.372  10.754  12.194  1.00 54.30  ? 100 GLY A CA  1 
ATOM   476 C  C   . GLY A 1 74  ? -3.033  10.807  11.481  1.00 53.35  ? 100 GLY A C   1 
ATOM   477 O  O   . GLY A 1 74  ? -2.893  11.462  10.448  1.00 59.28  ? 100 GLY A O   1 
ATOM   478 N  N   . SER A 1 75  ? -2.035  10.132  12.045  1.00 41.51  ? 101 SER A N   1 
ATOM   479 C  CA  . SER A 1 75  ? -0.687  10.190  11.497  1.00 38.14  ? 101 SER A CA  1 
ATOM   480 C  C   . SER A 1 75  ? -0.425  8.999   10.593  1.00 31.98  ? 101 SER A C   1 
ATOM   481 O  O   . SER A 1 75  ? 0.552   8.980   9.845   1.00 32.71  ? 101 SER A O   1 
ATOM   482 C  CB  . SER A 1 75  ? 0.347   10.228  12.619  1.00 47.72  ? 101 SER A CB  1 
ATOM   483 O  OG  . SER A 1 75  ? 0.132   11.355  13.449  1.00 70.59  ? 101 SER A OG  1 
ATOM   484 N  N   . VAL A 1 76  ? -1.336  8.035   10.627  1.00 26.08  ? 102 VAL A N   1 
ATOM   485 C  CA  . VAL A 1 76  ? -1.186  6.801   9.861   1.00 25.40  ? 102 VAL A CA  1 
ATOM   486 C  C   . VAL A 1 76  ? -2.053  6.813   8.605   1.00 26.71  ? 102 VAL A C   1 
ATOM   487 O  O   . VAL A 1 76  ? -3.235  7.190   8.644   1.00 25.80  ? 102 VAL A O   1 
ATOM   488 C  CB  . VAL A 1 76  ? -1.536  5.572   10.747  1.00 29.77  ? 102 VAL A CB  1 
ATOM   489 C  CG1 . VAL A 1 76  ? -1.628  4.302   9.923   1.00 31.71  ? 102 VAL A CG1 1 
ATOM   490 C  CG2 . VAL A 1 76  ? -0.496  5.416   11.840  1.00 28.81  ? 102 VAL A CG2 1 
ATOM   491 N  N   . TYR A 1 77  ? -1.463  6.370   7.498   1.00 19.37  ? 103 TYR A N   1 
ATOM   492 C  CA  . TYR A 1 77  ? -2.164  6.269   6.236   1.00 18.93  ? 103 TYR A CA  1 
ATOM   493 C  C   . TYR A 1 77  ? -2.471  4.819   5.954   1.00 27.59  ? 103 TYR A C   1 
ATOM   494 O  O   . TYR A 1 77  ? -1.592  3.971   6.038   1.00 25.61  ? 103 TYR A O   1 
ATOM   495 C  CB  . TYR A 1 77  ? -1.310  6.846   5.105   1.00 22.82  ? 103 TYR A CB  1 
ATOM   496 C  CG  . TYR A 1 77  ? -1.136  8.333   5.260   1.00 22.12  ? 103 TYR A CG  1 
ATOM   497 C  CD1 . TYR A 1 77  ? -0.170  8.847   6.114   1.00 28.92  ? 103 TYR A CD1 1 
ATOM   498 C  CD2 . TYR A 1 77  ? -2.017  9.211   4.668   1.00 26.99  ? 103 TYR A CD2 1 
ATOM   499 C  CE1 . TYR A 1 77  ? -0.048  10.190  6.313   1.00 25.56  ? 103 TYR A CE1 1 
ATOM   500 C  CE2 . TYR A 1 77  ? -1.909  10.571  4.886   1.00 33.74  ? 103 TYR A CE2 1 
ATOM   501 C  CZ  . TYR A 1 77  ? -0.921  11.048  5.705   1.00 32.15  ? 103 TYR A CZ  1 
ATOM   502 O  OH  . TYR A 1 77  ? -0.815  12.405  5.917   1.00 44.75  ? 103 TYR A OH  1 
ATOM   503 N  N   . THR A 1 78  ? -3.734  4.525   5.676   1.00 20.83  ? 104 THR A N   1 
ATOM   504 C  CA  . THR A 1 78  ? -4.164  3.147   5.559   1.00 22.79  ? 104 THR A CA  1 
ATOM   505 C  C   . THR A 1 78  ? -4.671  2.844   4.150   1.00 25.23  ? 104 THR A C   1 
ATOM   506 O  O   . THR A 1 78  ? -5.410  3.630   3.548   1.00 24.75  ? 104 THR A O   1 
ATOM   507 C  CB  . THR A 1 78  ? -5.252  2.817   6.594   1.00 23.87  ? 104 THR A CB  1 
ATOM   508 O  OG1 . THR A 1 78  ? -4.712  2.950   7.918   1.00 26.08  ? 104 THR A OG1 1 
ATOM   509 C  CG2 . THR A 1 78  ? -5.779  1.383   6.402   1.00 25.95  ? 104 THR A CG2 1 
ATOM   510 N  N   . LEU A 1 79  ? -4.272  1.693   3.629   1.00 20.20  ? 105 LEU A N   1 
ATOM   511 C  CA  . LEU A 1 79  ? -4.758  1.211   2.339   1.00 22.03  ? 105 LEU A CA  1 
ATOM   512 C  C   . LEU A 1 79  ? -5.631  0.009   2.608   1.00 22.49  ? 105 LEU A C   1 
ATOM   513 O  O   . LEU A 1 79  ? -5.214  -0.912  3.304   1.00 22.84  ? 105 LEU A O   1 
ATOM   514 C  CB  . LEU A 1 79  ? -3.590  0.783   1.448   1.00 20.16  ? 105 LEU A CB  1 
ATOM   515 C  CG  . LEU A 1 79  ? -3.922  0.221   0.066   1.00 23.86  ? 105 LEU A CG  1 
ATOM   516 C  CD1 . LEU A 1 79  ? -4.555  1.306   -0.788  1.00 21.39  ? 105 LEU A CD1 1 
ATOM   517 C  CD2 . LEU A 1 79  ? -2.683  -0.374  -0.622  1.00 26.31  ? 105 LEU A CD2 1 
ATOM   518 N  N   . THR A 1 80  ? -6.856  0.040   2.097   1.00 19.01  ? 106 THR A N   1 
ATOM   519 C  CA  . THR A 1 80  ? -7.745  -1.096  2.207   1.00 21.16  ? 106 THR A CA  1 
ATOM   520 C  C   . THR A 1 80  ? -7.994  -1.664  0.826   1.00 21.45  ? 106 THR A C   1 
ATOM   521 O  O   . THR A 1 80  ? -8.400  -0.945  -0.083  1.00 24.17  ? 106 THR A O   1 
ATOM   522 C  CB  . THR A 1 80  ? -9.091  -0.690  2.828   1.00 21.63  ? 106 THR A CB  1 
ATOM   523 O  OG1 . THR A 1 80  ? -8.872  -0.072  4.110   1.00 27.30  ? 106 THR A OG1 1 
ATOM   524 C  CG2 . THR A 1 80  ? -9.997  -1.919  2.985   1.00 23.80  ? 106 THR A CG2 1 
ATOM   525 N  N   . ILE A 1 81  ? -7.690  -2.949  0.655   1.00 20.99  ? 107 ILE A N   1 
ATOM   526 C  CA  . ILE A 1 81  ? -7.975  -3.634  -0.608  1.00 18.73  ? 107 ILE A CA  1 
ATOM   527 C  C   . ILE A 1 81  ? -9.040  -4.683  -0.341  1.00 22.05  ? 107 ILE A C   1 
ATOM   528 O  O   . ILE A 1 81  ? -8.838  -5.588  0.456   1.00 25.36  ? 107 ILE A O   1 
ATOM   529 C  CB  . ILE A 1 81  ? -6.742  -4.334  -1.189  1.00 23.10  ? 107 ILE A CB  1 
ATOM   530 C  CG1 . ILE A 1 81  ? -5.578  -3.364  -1.337  1.00 26.26  ? 107 ILE A CG1 1 
ATOM   531 C  CG2 . ILE A 1 81  ? -7.070  -4.946  -2.548  1.00 26.61  ? 107 ILE A CG2 1 
ATOM   532 C  CD1 . ILE A 1 81  ? -4.299  -4.033  -1.810  1.00 28.57  ? 107 ILE A CD1 1 
ATOM   533 N  N   . GLN A 1 82  ? -10.192 -4.531  -0.978  1.00 26.02  ? 108 GLN A N   1 
ATOM   534 C  CA  . GLN A 1 82  ? -11.282 -5.479  -0.812  1.00 24.12  ? 108 GLN A CA  1 
ATOM   535 C  C   . GLN A 1 82  ? -11.349 -6.417  -2.003  1.00 23.95  ? 108 GLN A C   1 
ATOM   536 O  O   . GLN A 1 82  ? -10.826 -6.106  -3.078  1.00 26.44  ? 108 GLN A O   1 
ATOM   537 C  CB  . GLN A 1 82  ? -12.591 -4.717  -0.647  1.00 29.37  ? 108 GLN A CB  1 
ATOM   538 C  CG  . GLN A 1 82  ? -12.533 -3.768  0.538   1.00 38.64  ? 108 GLN A CG  1 
ATOM   539 C  CD  . GLN A 1 82  ? -13.845 -3.088  0.811   1.00 43.52  ? 108 GLN A CD  1 
ATOM   540 O  OE1 . GLN A 1 82  ? -14.825 -3.737  1.161   1.00 48.47  ? 108 GLN A OE1 1 
ATOM   541 N  NE2 . GLN A 1 82  ? -13.875 -1.771  0.647   1.00 47.15  ? 108 GLN A NE2 1 
ATOM   542 N  N   . ASN A 1 83  ? -12.012 -7.553  -1.814  1.00 24.93  ? 109 ASN A N   1 
ATOM   543 C  CA  . ASN A 1 83  ? -12.226 -8.498  -2.903  1.00 23.87  ? 109 ASN A CA  1 
ATOM   544 C  C   . ASN A 1 83  ? -10.941 -8.739  -3.687  1.00 28.60  ? 109 ASN A C   1 
ATOM   545 O  O   . ASN A 1 83  ? -10.862 -8.525  -4.902  1.00 26.53  ? 109 ASN A O   1 
ATOM   546 C  CB  . ASN A 1 83  ? -13.318 -7.997  -3.831  1.00 27.80  ? 109 ASN A CB  1 
ATOM   547 C  CG  . ASN A 1 83  ? -13.744 -9.039  -4.825  1.00 33.05  ? 109 ASN A CG  1 
ATOM   548 O  OD1 . ASN A 1 83  ? -13.548 -10.237 -4.608  1.00 35.60  ? 109 ASN A OD1 1 
ATOM   549 N  ND2 . ASN A 1 83  ? -14.321 -8.594  -5.929  1.00 41.79  ? 109 ASN A ND2 1 
ATOM   550 N  N   . ILE A 1 84  ? -9.924  -9.163  -2.956  1.00 26.10  ? 110 ILE A N   1 
ATOM   551 C  CA  . ILE A 1 84  ? -8.591  -9.332  -3.494  1.00 23.98  ? 110 ILE A CA  1 
ATOM   552 C  C   . ILE A 1 84  ? -8.572  -10.341 -4.648  1.00 28.71  ? 110 ILE A C   1 
ATOM   553 O  O   . ILE A 1 84  ? -9.240  -11.376 -4.611  1.00 28.81  ? 110 ILE A O   1 
ATOM   554 C  CB  . ILE A 1 84  ? -7.673  -9.738  -2.333  1.00 25.73  ? 110 ILE A CB  1 
ATOM   555 C  CG1 A ILE A 1 84  ? -7.237  -8.569  -1.473  0.50 15.84  ? 110 ILE A CG1 1 
ATOM   556 C  CG1 B ILE A 1 84  ? -7.322  -11.216 -2.091  0.50 33.54  ? 110 ILE A CG1 1 
ATOM   557 C  CG2 A ILE A 1 84  ? -6.524  -10.620 -2.840  0.50 19.61  ? 110 ILE A CG2 1 
ATOM   558 C  CG2 B ILE A 1 84  ? -7.242  -8.585  -1.436  0.50 27.30  ? 110 ILE A CG2 1 
ATOM   559 C  CD1 A ILE A 1 84  ? -6.544  -9.056  -0.218  0.50 18.66  ? 110 ILE A CD1 1 
ATOM   560 C  CD1 B ILE A 1 84  ? -6.263  -11.384 -1.011  0.50 31.71  ? 110 ILE A CD1 1 
ATOM   561 N  N   . GLN A 1 85  ? -7.852  -9.987  -5.706  1.00 33.86  ? 111 GLN A N   1 
ATOM   562 C  CA  . GLN A 1 85  ? -7.710  -10.873 -6.860  1.00 36.38  ? 111 GLN A CA  1 
ATOM   563 C  C   . GLN A 1 85  ? -6.311  -10.814 -7.442  1.00 32.58  ? 111 GLN A C   1 
ATOM   564 O  O   . GLN A 1 85  ? -5.432  -10.151 -6.913  1.00 24.74  ? 111 GLN A O   1 
ATOM   565 C  CB  . GLN A 1 85  ? -8.709  -10.485 -7.936  1.00 40.46  ? 111 GLN A CB  1 
ATOM   566 C  CG  . GLN A 1 85  ? -8.626  -9.039  -8.332  1.00 55.24  ? 111 GLN A CG  1 
ATOM   567 C  CD  . GLN A 1 85  ? -9.939  -8.530  -8.870  1.00 47.93  ? 111 GLN A CD  1 
ATOM   568 O  OE1 . GLN A 1 85  ? -10.925 -8.448  -8.139  1.00 64.95  ? 111 GLN A OE1 1 
ATOM   569 N  NE2 . GLN A 1 85  ? -9.968  -8.207  -10.161 1.00 57.96  ? 111 GLN A NE2 1 
ATOM   570 N  N   . TYR A 1 86  ? -6.106  -11.525 -8.542  1.00 27.89  ? 112 TYR A N   1 
ATOM   571 C  CA  . TYR A 1 86  ? -4.768  -11.732 -9.077  1.00 27.21  ? 112 TYR A CA  1 
ATOM   572 C  C   . TYR A 1 86  ? -3.994  -10.429 -9.314  1.00 22.63  ? 112 TYR A C   1 
ATOM   573 O  O   . TYR A 1 86  ? -2.788  -10.366 -9.071  1.00 25.14  ? 112 TYR A O   1 
ATOM   574 C  CB  . TYR A 1 86  ? -4.877  -12.506 -10.391 1.00 29.57  ? 112 TYR A CB  1 
ATOM   575 C  CG  . TYR A 1 86  ? -3.551  -12.907 -10.952 1.00 22.54  ? 112 TYR A CG  1 
ATOM   576 C  CD1 . TYR A 1 86  ? -2.859  -13.992 -10.438 1.00 23.63  ? 112 TYR A CD1 1 
ATOM   577 C  CD2 . TYR A 1 86  ? -2.964  -12.184 -11.981 1.00 24.67  ? 112 TYR A CD2 1 
ATOM   578 C  CE1 . TYR A 1 86  ? -1.634  -14.341 -10.921 1.00 27.24  ? 112 TYR A CE1 1 
ATOM   579 C  CE2 . TYR A 1 86  ? -1.730  -12.534 -12.472 1.00 24.51  ? 112 TYR A CE2 1 
ATOM   580 C  CZ  . TYR A 1 86  ? -1.075  -13.626 -11.939 1.00 27.46  ? 112 TYR A CZ  1 
ATOM   581 O  OH  . TYR A 1 86  ? 0.146   -14.005 -12.436 1.00 41.69  ? 112 TYR A OH  1 
ATOM   582 N  N   . GLU A 1 87  ? -4.673  -9.391  -9.793  1.00 24.04  ? 113 GLU A N   1 
ATOM   583 C  CA  . GLU A 1 87  ? -3.979  -8.149  -10.129 1.00 27.64  ? 113 GLU A CA  1 
ATOM   584 C  C   . GLU A 1 87  ? -3.404  -7.443  -8.898  1.00 24.79  ? 113 GLU A C   1 
ATOM   585 O  O   . GLU A 1 87  ? -2.580  -6.546  -9.037  1.00 29.07  ? 113 GLU A O   1 
ATOM   586 C  CB  . GLU A 1 87  ? -4.896  -7.183  -10.889 1.00 35.00  ? 113 GLU A CB  1 
ATOM   587 C  CG  . GLU A 1 87  ? -6.050  -6.636  -10.069 1.00 40.54  ? 113 GLU A CG  1 
ATOM   588 C  CD  . GLU A 1 87  ? -6.485  -5.251  -10.523 1.00 62.64  ? 113 GLU A CD  1 
ATOM   589 O  OE1 . GLU A 1 87  ? -6.199  -4.266  -9.808  1.00 60.03  ? 113 GLU A OE1 1 
ATOM   590 O  OE2 . GLU A 1 87  ? -7.116  -5.151  -11.595 1.00 66.76  ? 113 GLU A OE2 1 
ATOM   591 N  N   . ASP A 1 88  ? -3.790  -7.890  -7.707  1.00 22.48  ? 114 ASP A N   1 
ATOM   592 C  CA  . ASP A 1 88  ? -3.356  -7.258  -6.470  1.00 24.03  ? 114 ASP A CA  1 
ATOM   593 C  C   . ASP A 1 88  ? -2.003  -7.771  -5.994  1.00 28.48  ? 114 ASP A C   1 
ATOM   594 O  O   . ASP A 1 88  ? -1.409  -7.178  -5.101  1.00 23.94  ? 114 ASP A O   1 
ATOM   595 C  CB  . ASP A 1 88  ? -4.394  -7.482  -5.375  1.00 22.60  ? 114 ASP A CB  1 
ATOM   596 C  CG  . ASP A 1 88  ? -5.727  -6.832  -5.709  1.00 37.25  ? 114 ASP A CG  1 
ATOM   597 O  OD1 . ASP A 1 88  ? -5.710  -5.761  -6.352  1.00 34.22  ? 114 ASP A OD1 1 
ATOM   598 O  OD2 . ASP A 1 88  ? -6.782  -7.405  -5.363  1.00 36.06  ? 114 ASP A OD2 1 
ATOM   599 N  N   . ASN A 1 89  ? -1.539  -8.893  -6.550  1.00 23.03  ? 115 ASN A N   1 
ATOM   600 C  CA  . ASN A 1 89  ? -0.188  -9.370  -6.261  1.00 23.88  ? 115 ASN A CA  1 
ATOM   601 C  C   . ASN A 1 89  ? 0.789   -8.240  -6.520  1.00 22.40  ? 115 ASN A C   1 
ATOM   602 O  O   . ASN A 1 89  ? 0.733   -7.589  -7.558  1.00 25.89  ? 115 ASN A O   1 
ATOM   603 C  CB  . ASN A 1 89  ? 0.182   -10.554 -7.165  1.00 25.42  ? 115 ASN A CB  1 
ATOM   604 C  CG  . ASN A 1 89  ? -0.439  -11.848 -6.717  1.00 29.25  ? 115 ASN A CG  1 
ATOM   605 O  OD1 . ASN A 1 89  ? -0.180  -12.328 -5.616  1.00 31.70  ? 115 ASN A OD1 1 
ATOM   606 N  ND2 . ASN A 1 89  ? -1.253  -12.440 -7.582  1.00 29.12  ? 115 ASN A ND2 1 
ATOM   607 N  N   . GLY A 1 90  ? 1.706   -8.023  -5.590  1.00 24.85  ? 116 GLY A N   1 
ATOM   608 C  CA  . GLY A 1 90  ? 2.783   -7.089  -5.833  1.00 27.32  ? 116 GLY A CA  1 
ATOM   609 C  C   . GLY A 1 90  ? 3.294   -6.482  -4.550  1.00 22.83  ? 116 GLY A C   1 
ATOM   610 O  O   . GLY A 1 90  ? 2.937   -6.925  -3.461  1.00 23.19  ? 116 GLY A O   1 
ATOM   611 N  N   . ILE A 1 91  ? 4.189   -5.514  -4.693  1.00 21.37  ? 117 ILE A N   1 
ATOM   612 C  CA  . ILE A 1 91  ? 4.782   -4.833  -3.556  1.00 19.05  ? 117 ILE A CA  1 
ATOM   613 C  C   . ILE A 1 91  ? 4.167   -3.441  -3.448  1.00 19.51  ? 117 ILE A C   1 
ATOM   614 O  O   . ILE A 1 91  ? 4.135   -2.701  -4.422  1.00 25.15  ? 117 ILE A O   1 
ATOM   615 C  CB  . ILE A 1 91  ? 6.306   -4.661  -3.729  1.00 24.25  ? 117 ILE A CB  1 
ATOM   616 C  CG1 . ILE A 1 91  ? 6.977   -6.021  -3.937  1.00 36.32  ? 117 ILE A CG1 1 
ATOM   617 C  CG2 . ILE A 1 91  ? 6.887   -3.935  -2.524  1.00 31.18  ? 117 ILE A CG2 1 
ATOM   618 C  CD1 . ILE A 1 91  ? 6.836   -6.948  -2.770  1.00 48.38  ? 117 ILE A CD1 1 
ATOM   619 N  N   . TYR A 1 92  ? 3.686   -3.107  -2.258  1.00 20.98  ? 118 TYR A N   1 
ATOM   620 C  CA  . TYR A 1 92  ? 3.022   -1.836  -2.010  1.00 20.34  ? 118 TYR A CA  1 
ATOM   621 C  C   . TYR A 1 92  ? 3.896   -0.945  -1.146  1.00 24.40  ? 118 TYR A C   1 
ATOM   622 O  O   . TYR A 1 92  ? 4.484   -1.383  -0.143  1.00 22.07  ? 118 TYR A O   1 
ATOM   623 C  CB  . TYR A 1 92  ? 1.673   -2.064  -1.309  1.00 18.95  ? 118 TYR A CB  1 
ATOM   624 C  CG  . TYR A 1 92  ? 0.669   -2.787  -2.171  1.00 18.83  ? 118 TYR A CG  1 
ATOM   625 C  CD1 . TYR A 1 92  ? 0.773   -4.152  -2.391  1.00 17.12  ? 118 TYR A CD1 1 
ATOM   626 C  CD2 . TYR A 1 92  ? -0.349  -2.100  -2.808  1.00 24.50  ? 118 TYR A CD2 1 
ATOM   627 C  CE1 . TYR A 1 92  ? -0.122  -4.814  -3.200  1.00 19.24  ? 118 TYR A CE1 1 
ATOM   628 C  CE2 . TYR A 1 92  ? -1.276  -2.763  -3.597  1.00 25.89  ? 118 TYR A CE2 1 
ATOM   629 C  CZ  . TYR A 1 92  ? -1.147  -4.126  -3.801  1.00 23.70  ? 118 TYR A CZ  1 
ATOM   630 O  OH  . TYR A 1 92  ? -2.052  -4.790  -4.611  1.00 25.85  ? 118 TYR A OH  1 
ATOM   631 N  N   . PHE A 1 93  ? 3.952   0.330   -1.504  1.00 24.00  ? 119 PHE A N   1 
ATOM   632 C  CA  . PHE A 1 93  ? 4.719   1.274   -0.714  1.00 23.07  ? 119 PHE A CA  1 
ATOM   633 C  C   . PHE A 1 93  ? 4.102   2.661   -0.738  1.00 24.14  ? 119 PHE A C   1 
ATOM   634 O  O   . PHE A 1 93  ? 3.376   3.025   -1.675  1.00 23.19  ? 119 PHE A O   1 
ATOM   635 C  CB  . PHE A 1 93  ? 6.164   1.308   -1.192  1.00 33.10  ? 119 PHE A CB  1 
ATOM   636 C  CG  . PHE A 1 93  ? 6.335   1.935   -2.531  1.00 32.75  ? 119 PHE A CG  1 
ATOM   637 C  CD1 . PHE A 1 93  ? 6.548   3.298   -2.649  1.00 66.31  ? 119 PHE A CD1 1 
ATOM   638 C  CD2 . PHE A 1 93  ? 6.247   1.170   -3.685  1.00 43.89  ? 119 PHE A CD2 1 
ATOM   639 C  CE1 . PHE A 1 93  ? 6.688   3.888   -3.894  1.00 67.68  ? 119 PHE A CE1 1 
ATOM   640 C  CE2 . PHE A 1 93  ? 6.380   1.759   -4.937  1.00 45.68  ? 119 PHE A CE2 1 
ATOM   641 C  CZ  . PHE A 1 93  ? 6.600   3.120   -5.037  1.00 72.86  ? 119 PHE A CZ  1 
ATOM   642 N  N   . CYS A 1 94  ? 4.365   3.396   0.337   1.00 22.75  ? 120 CYS A N   1 
ATOM   643 C  CA  . CYS A 1 94  ? 3.978   4.800   0.471   1.00 20.80  ? 120 CYS A CA  1 
ATOM   644 C  C   . CYS A 1 94  ? 5.110   5.719   0.090   1.00 25.11  ? 120 CYS A C   1 
ATOM   645 O  O   . CYS A 1 94  ? 6.277   5.444   0.396   1.00 27.09  ? 120 CYS A O   1 
ATOM   646 C  CB  . CYS A 1 94  ? 3.601   5.104   1.914   1.00 26.06  ? 120 CYS A CB  1 
ATOM   647 S  SG  . CYS A 1 94  ? 2.102   4.282   2.382   1.00 33.34  ? 120 CYS A SG  1 
ATOM   648 N  N   . LYS A 1 95  ? 4.750   6.828   -0.551  1.00 24.00  ? 121 LYS A N   1 
ATOM   649 C  CA  . LYS A 1 95  ? 5.703   7.873   -0.880  1.00 27.94  ? 121 LYS A CA  1 
ATOM   650 C  C   . LYS A 1 95  ? 5.077   9.210   -0.479  1.00 23.24  ? 121 LYS A C   1 
ATOM   651 O  O   . LYS A 1 95  ? 3.853   9.328   -0.415  1.00 25.30  ? 121 LYS A O   1 
ATOM   652 C  CB  . LYS A 1 95  ? 5.993   7.857   -2.385  1.00 33.13  ? 121 LYS A CB  1 
ATOM   653 C  CG  . LYS A 1 95  ? 6.816   6.656   -2.832  1.00 45.96  ? 121 LYS A CG  1 
ATOM   654 C  CD  . LYS A 1 95  ? 7.400   6.846   -4.226  1.00 80.04  ? 121 LYS A CD  1 
ATOM   655 C  CE  . LYS A 1 95  ? 8.341   5.698   -4.593  1.00 89.97  ? 121 LYS A CE  1 
ATOM   656 N  NZ  . LYS A 1 95  ? 8.928   5.844   -5.955  1.00 88.41  ? 121 LYS A NZ  1 
ATOM   657 N  N   . GLN A 1 96  ? 5.909   10.206  -0.208  1.00 35.05  ? 122 GLN A N   1 
ATOM   658 C  CA  . GLN A 1 96  ? 5.408   11.550  0.053   1.00 31.45  ? 122 GLN A CA  1 
ATOM   659 C  C   . GLN A 1 96  ? 4.573   12.016  -1.134  1.00 37.67  ? 122 GLN A C   1 
ATOM   660 O  O   . GLN A 1 96  ? 5.002   11.897  -2.279  1.00 38.40  ? 122 GLN A O   1 
ATOM   661 C  CB  . GLN A 1 96  ? 6.575   12.512  0.294   1.00 39.42  ? 122 GLN A CB  1 
ATOM   662 C  CG  . GLN A 1 96  ? 7.122   12.470  1.712   1.00 57.73  ? 122 GLN A CG  1 
ATOM   663 C  CD  . GLN A 1 96  ? 6.133   13.015  2.734   1.00 86.93  ? 122 GLN A CD  1 
ATOM   664 O  OE1 . GLN A 1 96  ? 5.068   13.526  2.377   1.00 85.44  ? 122 GLN A OE1 1 
ATOM   665 N  NE2 . GLN A 1 96  ? 6.490   12.914  4.013   1.00 62.02  ? 122 GLN A NE2 1 
ATOM   666 N  N   . LYS A 1 97  ? 3.364   12.500  -0.858  1.00 41.49  ? 123 LYS A N   1 
ATOM   667 C  CA  . LYS A 1 97  ? 2.423   12.902  -1.907  1.00 37.30  ? 123 LYS A CA  1 
ATOM   668 C  C   . LYS A 1 97  ? 3.016   14.011  -2.768  1.00 55.79  ? 123 LYS A C   1 
ATOM   669 O  O   . LYS A 1 97  ? 3.028   13.931  -3.999  1.00 56.14  ? 123 LYS A O   1 
ATOM   670 C  CB  . LYS A 1 97  ? 1.123   13.404  -1.276  1.00 41.49  ? 123 LYS A CB  1 
ATOM   671 C  CG  . LYS A 1 97  ? 0.086   13.899  -2.276  1.00 61.73  ? 123 LYS A CG  1 
ATOM   672 C  CD  . LYS A 1 97  ? -1.225  14.256  -1.582  1.00 57.29  ? 123 LYS A CD  1 
ATOM   673 C  CE  . LYS A 1 97  ? -2.286  14.695  -2.578  1.00 67.84  ? 123 LYS A CE  1 
ATOM   674 N  NZ  . LYS A 1 97  ? -3.588  14.989  -1.916  1.00 76.10  ? 123 LYS A NZ  1 
ATOM   675 N  N   . CYS A 1 98  ? 3.460   15.068  -2.101  1.00 40.79  ? 124 CYS A N   1 
ATOM   676 C  CA  . CYS A 1 98  ? 4.156   16.167  -2.751  1.00 58.58  ? 124 CYS A CA  1 
ATOM   677 C  C   . CYS A 1 98  ? 5.540   16.247  -2.130  1.00 64.34  ? 124 CYS A C   1 
ATOM   678 O  O   . CYS A 1 98  ? 5.680   16.304  -0.908  1.00 68.40  ? 124 CYS A O   1 
ATOM   679 C  CB  . CYS A 1 98  ? 3.408   17.486  -2.523  1.00 40.56  ? 124 CYS A CB  1 
ATOM   680 S  SG  . CYS A 1 98  ? 1.709   17.523  -3.147  1.00 55.41  ? 124 CYS A SG  1 
ATOM   681 N  N   . ASP A 1 99  ? 6.566   16.174  -2.962  1.00 51.09  ? 125 ASP A N   1 
ATOM   682 C  CA  . ASP A 1 99  ? 7.926   16.085  -2.457  1.00 65.49  ? 125 ASP A CA  1 
ATOM   683 C  C   . ASP A 1 99  ? 8.799   17.118  -3.150  1.00 68.52  ? 125 ASP A C   1 
ATOM   684 O  O   . ASP A 1 99  ? 8.949   17.098  -4.371  1.00 61.29  ? 125 ASP A O   1 
ATOM   685 C  CB  . ASP A 1 99  ? 8.484   14.671  -2.662  1.00 87.30  ? 125 ASP A CB  1 
ATOM   686 C  CG  . ASP A 1 99  ? 9.792   14.446  -1.924  1.00 90.51  ? 125 ASP A CG  1 
ATOM   687 O  OD1 . ASP A 1 99  ? 10.000  15.085  -0.869  1.00 89.51  ? 125 ASP A OD1 1 
ATOM   688 O  OD2 . ASP A 1 99  ? 10.603  13.617  -2.396  1.00 101.82 ? 125 ASP A OD2 1 
ATOM   689 N  N   . SER A 1 100 ? 9.324   18.048  -2.359  1.00 50.75  ? 126 SER A N   1 
ATOM   690 C  CA  . SER A 1 100 ? 10.250  19.062  -2.846  1.00 79.03  ? 126 SER A CA  1 
ATOM   691 C  C   . SER A 1 100 ? 11.246  18.464  -3.832  1.00 67.68  ? 126 SER A C   1 
ATOM   692 O  O   . SER A 1 100 ? 11.908  19.192  -4.571  1.00 65.94  ? 126 SER A O   1 
ATOM   693 C  CB  . SER A 1 100 ? 11.005  19.684  -1.668  1.00 93.19  ? 126 SER A CB  1 
ATOM   694 O  OG  . SER A 1 100 ? 11.558  18.679  -0.835  1.00 96.58  ? 126 SER A OG  1 
ATOM   695 N  N   . SER A 1 108 ? 14.071  2.333   1.103   1.00 64.35  ? 134 SER A N   1 
ATOM   696 C  CA  . SER A 1 108 ? 12.634  2.236   0.887   1.00 75.89  ? 134 SER A CA  1 
ATOM   697 C  C   . SER A 1 108 ? 12.163  0.808   1.139   1.00 73.85  ? 134 SER A C   1 
ATOM   698 O  O   . SER A 1 108 ? 12.576  -0.124  0.447   1.00 66.80  ? 134 SER A O   1 
ATOM   699 C  CB  . SER A 1 108 ? 12.278  2.671   -0.537  1.00 81.89  ? 134 SER A CB  1 
ATOM   700 O  OG  . SER A 1 108 ? 10.876  2.638   -0.748  1.00 84.01  ? 134 SER A OG  1 
ATOM   701 N  N   . CYS A 1 109 ? 11.323  0.641   2.155   1.00 49.76  ? 135 CYS A N   1 
ATOM   702 C  CA  . CYS A 1 109 ? 10.750  -0.657  2.465   1.00 51.09  ? 135 CYS A CA  1 
ATOM   703 C  C   . CYS A 1 109 ? 9.376   -0.787  1.823   1.00 47.18  ? 135 CYS A C   1 
ATOM   704 O  O   . CYS A 1 109 ? 8.773   0.202   1.416   1.00 43.79  ? 135 CYS A O   1 
ATOM   705 C  CB  . CYS A 1 109 ? 10.646  -0.853  3.978   1.00 62.94  ? 135 CYS A CB  1 
ATOM   706 S  SG  . CYS A 1 109 ? 9.407   0.174   4.801   1.00 63.34  ? 135 CYS A SG  1 
ATOM   707 N  N   . GLY A 1 110 ? 8.907   -2.016  1.681   1.00 33.82  ? 136 GLY A N   1 
ATOM   708 C  CA  . GLY A 1 110 ? 7.622   -2.255  1.047   1.00 29.06  ? 136 GLY A CA  1 
ATOM   709 C  C   . GLY A 1 110 ? 6.816   -3.308  1.777   1.00 27.86  ? 136 GLY A C   1 
ATOM   710 O  O   . GLY A 1 110 ? 7.297   -3.945  2.723   1.00 26.96  ? 136 GLY A O   1 
ATOM   711 N  N   . THR A 1 111 ? 5.591   -3.504  1.312   1.00 22.22  ? 137 THR A N   1 
ATOM   712 C  CA  . THR A 1 111 ? 4.707   -4.527  1.838   1.00 20.10  ? 137 THR A CA  1 
ATOM   713 C  C   . THR A 1 111 ? 4.285   -5.436  0.688   1.00 20.10  ? 137 THR A C   1 
ATOM   714 O  O   . THR A 1 111 ? 3.716   -4.975  -0.295  1.00 22.74  ? 137 THR A O   1 
ATOM   715 C  CB  . THR A 1 111 ? 3.447   -3.901  2.449   1.00 26.27  ? 137 THR A CB  1 
ATOM   716 O  OG1 . THR A 1 111 ? 3.812   -3.083  3.570   1.00 26.78  ? 137 THR A OG1 1 
ATOM   717 C  CG2 . THR A 1 111 ? 2.477   -4.986  2.899   1.00 24.61  ? 137 THR A CG2 1 
ATOM   718 N  N   . GLU A 1 112 ? 4.622   -6.714  0.793   1.00 19.83  ? 138 GLU A N   1 
ATOM   719 C  CA  . GLU A 1 112 ? 4.310   -7.660  -0.264  1.00 18.90  ? 138 GLU A CA  1 
ATOM   720 C  C   . GLU A 1 112 ? 2.957   -8.292  -0.011  1.00 21.70  ? 138 GLU A C   1 
ATOM   721 O  O   . GLU A 1 112 ? 2.700   -8.808  1.071   1.00 24.68  ? 138 GLU A O   1 
ATOM   722 C  CB  . GLU A 1 112 ? 5.365   -8.759  -0.365  1.00 23.99  ? 138 GLU A CB  1 
ATOM   723 C  CG  . GLU A 1 112 ? 5.019   -9.848  -1.394  1.00 22.27  ? 138 GLU A CG  1 
ATOM   724 C  CD  . GLU A 1 112 ? 6.158   -10.833 -1.603  1.00 51.97  ? 138 GLU A CD  1 
ATOM   725 O  OE1 . GLU A 1 112 ? 7.236   -10.606 -1.026  1.00 32.95  ? 138 GLU A OE1 1 
ATOM   726 O  OE2 . GLU A 1 112 ? 5.989   -11.824 -2.349  1.00 39.65  ? 138 GLU A OE2 1 
ATOM   727 N  N   . LEU A 1 113 ? 2.135   -8.326  -1.049  1.00 20.31  ? 139 LEU A N   1 
ATOM   728 C  CA  . LEU A 1 113 ? 0.869   -9.036  -0.994  1.00 18.90  ? 139 LEU A CA  1 
ATOM   729 C  C   . LEU A 1 113 ? 0.955   -10.216 -1.947  1.00 21.69  ? 139 LEU A C   1 
ATOM   730 O  O   . LEU A 1 113 ? 1.253   -10.043 -3.131  1.00 20.25  ? 139 LEU A O   1 
ATOM   731 C  CB  . LEU A 1 113 ? -0.286  -8.136  -1.416  1.00 21.12  ? 139 LEU A CB  1 
ATOM   732 C  CG  . LEU A 1 113 ? -1.653  -8.827  -1.468  1.00 23.21  ? 139 LEU A CG  1 
ATOM   733 C  CD1 . LEU A 1 113 ? -2.002  -9.454  -0.121  1.00 22.82  ? 139 LEU A CD1 1 
ATOM   734 C  CD2 . LEU A 1 113 ? -2.749  -7.856  -1.917  1.00 25.55  ? 139 LEU A CD2 1 
ATOM   735 N  N   . LEU A 1 114 ? 0.722   -11.400 -1.401  1.00 24.93  ? 140 LEU A N   1 
ATOM   736 C  CA  . LEU A 1 114 ? 0.606   -12.627 -2.179  1.00 29.05  ? 140 LEU A CA  1 
ATOM   737 C  C   . LEU A 1 114 ? -0.834  -13.120 -2.112  1.00 22.20  ? 140 LEU A C   1 
ATOM   738 O  O   . LEU A 1 114 ? -1.376  -13.360 -1.031  1.00 26.96  ? 140 LEU A O   1 
ATOM   739 C  CB  . LEU A 1 114 ? 1.538   -13.693 -1.596  1.00 29.80  ? 140 LEU A CB  1 
ATOM   740 C  CG  . LEU A 1 114 ? 1.404   -15.109 -2.171  1.00 32.64  ? 140 LEU A CG  1 
ATOM   741 C  CD1 . LEU A 1 114 ? 1.658   -15.106 -3.670  1.00 33.30  ? 140 LEU A CD1 1 
ATOM   742 C  CD2 . LEU A 1 114 ? 2.359   -16.062 -1.460  1.00 38.92  ? 140 LEU A CD2 1 
ATOM   743 N  N   . VAL A 1 115 ? -1.445  -13.317 -3.275  1.00 26.61  ? 141 VAL A N   1 
ATOM   744 C  CA  . VAL A 1 115 ? -2.815  -13.778 -3.325  1.00 29.62  ? 141 VAL A CA  1 
ATOM   745 C  C   . VAL A 1 115 ? -2.851  -15.296 -3.503  1.00 32.09  ? 141 VAL A C   1 
ATOM   746 O  O   . VAL A 1 115 ? -2.305  -15.826 -4.460  1.00 31.35  ? 141 VAL A O   1 
ATOM   747 C  CB  . VAL A 1 115 ? -3.587  -13.100 -4.464  1.00 33.25  ? 141 VAL A CB  1 
ATOM   748 C  CG1 . VAL A 1 115 ? -5.058  -13.473 -4.389  1.00 35.75  ? 141 VAL A CG1 1 
ATOM   749 C  CG2 . VAL A 1 115 ? -3.414  -11.572 -4.377  1.00 30.35  ? 141 VAL A CG2 1 
ATOM   750 N  N   . LEU A 1 116 ? -3.434  -15.980 -2.528  1.00 36.50  ? 142 LEU A N   1 
ATOM   751 C  CA  . LEU A 1 116 ? -3.469  -17.437 -2.516  1.00 41.04  ? 142 LEU A CA  1 
ATOM   752 C  C   . LEU A 1 116 ? -4.706  -17.909 -3.276  1.00 57.11  ? 142 LEU A C   1 
ATOM   753 O  O   . LEU A 1 116 ? -5.838  -17.609 -2.886  1.00 59.99  ? 142 LEU A O   1 
ATOM   754 C  CB  . LEU A 1 116 ? -3.517  -17.957 -1.075  1.00 36.75  ? 142 LEU A CB  1 
ATOM   755 C  CG  . LEU A 1 116 ? -2.414  -17.490 -0.121  1.00 35.25  ? 142 LEU A CG  1 
ATOM   756 C  CD1 . LEU A 1 116 ? -2.716  -17.959 1.296   1.00 36.67  ? 142 LEU A CD1 1 
ATOM   757 C  CD2 . LEU A 1 116 ? -1.053  -17.988 -0.558  1.00 36.32  ? 142 LEU A CD2 1 
HETATM 758 MG MG  . MG  B 2 .   ? 9.271   -10.186 -0.452  1.00 31.76  ? 1   MG  A MG  1 
HETATM 759 C  CAC . FLC C 3 .   ? 9.829   -5.750  1.198   1.00 53.55  ? 800 FLC A CAC 1 
HETATM 760 C  CA  . FLC C 3 .   ? 9.420   -6.741  2.266   1.00 38.69  ? 800 FLC A CA  1 
HETATM 761 C  CB  . FLC C 3 .   ? 9.425   -8.203  1.802   1.00 35.89  ? 800 FLC A CB  1 
HETATM 762 C  CBC . FLC C 3 .   ? 10.827  -8.707  1.539   1.00 45.34  ? 800 FLC A CBC 1 
HETATM 763 C  CG  . FLC C 3 .   ? 8.781   -8.994  2.939   1.00 33.56  ? 800 FLC A CG  1 
HETATM 764 C  CGC . FLC C 3 .   ? 8.670   -10.475 2.674   1.00 29.11  ? 800 FLC A CGC 1 
HETATM 765 O  OA1 . FLC C 3 .   ? 9.674   -6.053  -0.012  1.00 51.47  ? 800 FLC A OA1 1 
HETATM 766 O  OA2 . FLC C 3 .   ? 10.269  -4.636  1.586   1.00 44.85  ? 800 FLC A OA2 1 
HETATM 767 O  OB1 . FLC C 3 .   ? 11.021  -9.426  0.518   1.00 35.13  ? 800 FLC A OB1 1 
HETATM 768 O  OB2 . FLC C 3 .   ? 11.735  -8.388  2.346   1.00 47.71  ? 800 FLC A OB2 1 
HETATM 769 O  OG1 . FLC C 3 .   ? 8.805   -10.918 1.523   1.00 29.23  ? 800 FLC A OG1 1 
HETATM 770 O  OG2 . FLC C 3 .   ? 8.378   -11.204 3.635   1.00 29.38  ? 800 FLC A OG2 1 
HETATM 771 O  OHB . FLC C 3 .   ? 8.700   -8.338  0.580   1.00 30.61  ? 800 FLC A OHB 1 
HETATM 772 N  N1  . GSH D 4 .   ? -6.211  19.860  -4.741  0.00 15.58  ? 900 GSH A N1  1 
HETATM 773 C  CA1 . GSH D 4 .   ? -5.173  19.328  -5.629  0.00 18.00  ? 900 GSH A CA1 1 
HETATM 774 C  C1  . GSH D 4 .   ? -5.474  17.905  -6.181  0.00 13.11  ? 900 GSH A C1  1 
HETATM 775 O  O11 . GSH D 4 .   ? -6.024  17.072  -5.443  0.00 7.46   ? 900 GSH A O11 1 
HETATM 776 O  O12 . GSH D 4 .   ? -5.074  17.637  -7.402  0.00 7.46   ? 900 GSH A O12 1 
HETATM 777 C  CB1 . GSH D 4 .   ? -3.792  19.346  -4.927  0.00 28.62  ? 900 GSH A CB1 1 
HETATM 778 C  CG1 . GSH D 4 .   ? -2.803  20.306  -5.535  1.00 82.45  ? 900 GSH A CG1 1 
HETATM 779 C  CD1 . GSH D 4 .   ? -1.384  20.400  -5.023  1.00 69.42  ? 900 GSH A CD1 1 
HETATM 780 O  OE1 . GSH D 4 .   ? -1.135  20.462  -3.640  1.00 54.16  ? 900 GSH A OE1 1 
HETATM 781 N  N2  . GSH D 4 .   ? -0.411  20.430  -5.929  1.00 72.65  ? 900 GSH A N2  1 
HETATM 782 C  CA2 . GSH D 4 .   ? 0.991   20.447  -5.549  1.00 61.75  ? 900 GSH A CA2 1 
HETATM 783 C  C2  . GSH D 4 .   ? 1.645   21.750  -5.900  1.00 52.93  ? 900 GSH A C2  1 
HETATM 784 O  O2  . GSH D 4 .   ? 2.617   22.322  -5.055  1.00 107.34 ? 900 GSH A O2  1 
HETATM 785 C  CB2 . GSH D 4 .   ? 1.758   19.329  -6.249  1.00 89.06  ? 900 GSH A CB2 1 
HETATM 786 S  SG2 . GSH D 4 .   ? 1.379   17.685  -5.577  1.00 88.39  ? 900 GSH A SG2 1 
HETATM 787 N  N3  . GSH D 4 .   ? 1.275   22.319  -7.043  1.00 72.84  ? 900 GSH A N3  1 
HETATM 788 C  CA3 . GSH D 4 .   ? 1.865   23.827  -7.331  0.00 30.27  ? 900 GSH A CA3 1 
HETATM 789 C  C3  . GSH D 4 .   ? 0.908   24.775  -8.045  0.00 22.66  ? 900 GSH A C3  1 
HETATM 790 O  O31 . GSH D 4 .   ? 1.391   25.879  -8.360  0.00 15.60  ? 900 GSH A O31 1 
HETATM 791 O  O32 . GSH D 4 .   ? -0.269  24.408  -8.291  0.00 15.60  ? 900 GSH A O32 1 
HETATM 792 O  O   . HOH E 5 .   ? 4.032   20.689  7.509   1.00 32.02  ? 3   HOH A O   1 
HETATM 793 O  O   . HOH E 5 .   ? -8.322  2.634   3.756   1.00 31.54  ? 5   HOH A O   1 
HETATM 794 O  O   . HOH E 5 .   ? -16.867 -2.695  2.200   1.00 31.92  ? 6   HOH A O   1 
HETATM 795 O  O   . HOH E 5 .   ? -10.865 3.747   -10.700 1.00 35.20  ? 7   HOH A O   1 
HETATM 796 O  O   . HOH E 5 .   ? -5.381  5.577   16.067  1.00 42.29  ? 8   HOH A O   1 
HETATM 797 O  O   . HOH E 5 .   ? -13.382 -8.281  0.441   1.00 39.89  ? 10  HOH A O   1 
HETATM 798 O  O   . HOH E 5 .   ? -5.395  -7.066  6.857   1.00 34.94  ? 11  HOH A O   1 
HETATM 799 O  O   . HOH E 5 .   ? -3.469  6.158   2.740   1.00 36.08  ? 12  HOH A O   1 
HETATM 800 O  O   . HOH E 5 .   ? 4.396   -1.902  -11.554 1.00 41.85  ? 13  HOH A O   1 
HETATM 801 O  O   . HOH E 5 .   ? -9.149  6.121   -2.089  1.00 39.92  ? 14  HOH A O   1 
HETATM 802 O  O   . HOH E 5 .   ? 8.006   3.131   1.525   1.00 40.92  ? 15  HOH A O   1 
HETATM 803 O  O   . HOH E 5 .   ? 9.830   -3.623  9.004   1.00 45.50  ? 16  HOH A O   1 
HETATM 804 O  O   . HOH E 5 .   ? -1.516  -15.291 -7.035  1.00 37.31  ? 18  HOH A O   1 
HETATM 805 O  O   . HOH E 5 .   ? -14.038 -2.655  -8.454  1.00 41.98  ? 19  HOH A O   1 
HETATM 806 O  O   . HOH E 5 .   ? -3.998  15.328  8.920   1.00 47.19  ? 20  HOH A O   1 
HETATM 807 O  O   . HOH E 5 .   ? -13.336 4.764   -8.966  1.00 39.04  ? 21  HOH A O   1 
HETATM 808 O  O   . HOH E 5 .   ? -7.202  -15.260 3.475   1.00 53.13  ? 23  HOH A O   1 
HETATM 809 O  O   . HOH E 5 .   ? 9.257   -0.855  -2.148  1.00 50.50  ? 160 HOH A O   1 
HETATM 810 O  O   . HOH E 5 .   ? 8.214   -13.114 -2.913  1.00 35.21  ? 161 HOH A O   1 
HETATM 811 O  O   . HOH E 5 .   ? -5.264  0.228   -8.648  1.00 43.32  ? 162 HOH A O   1 
HETATM 812 O  O   . HOH E 5 .   ? -15.900 0.704   1.193   1.00 38.44  ? 163 HOH A O   1 
HETATM 813 O  O   . HOH E 5 .   ? -6.948  4.289   -4.077  1.00 42.49  ? 164 HOH A O   1 
HETATM 814 O  O   . HOH E 5 .   ? -2.315  6.156   -5.024  1.00 52.12  ? 165 HOH A O   1 
HETATM 815 O  O   . HOH E 5 .   ? 7.967   -1.359  9.419   1.00 39.63  ? 166 HOH A O   1 
HETATM 816 O  O   . HOH E 5 .   ? 1.627   6.430   -11.209 1.00 46.92  ? 167 HOH A O   1 
HETATM 817 O  O   . HOH E 5 .   ? -2.909  7.787   1.144   1.00 40.84  ? 168 HOH A O   1 
HETATM 818 O  O   . HOH E 5 .   ? -11.431 -11.045 4.575   1.00 47.77  ? 169 HOH A O   1 
HETATM 819 O  O   . HOH E 5 .   ? 3.454   -11.194 -4.811  1.00 43.04  ? 170 HOH A O   1 
HETATM 820 O  O   . HOH E 5 .   ? 9.994   -12.098 -0.962  1.00 29.73  ? 171 HOH A O   1 
HETATM 821 O  O   . HOH E 5 .   ? 9.859   -9.281  -2.192  1.00 35.39  ? 172 HOH A O   1 
HETATM 822 O  O   . HOH E 5 .   ? -16.319 -7.339  -0.999  1.00 46.25  ? 173 HOH A O   1 
HETATM 823 O  O   . HOH E 5 .   ? 6.337   -8.296  -7.344  1.00 52.16  ? 174 HOH A O   1 
HETATM 824 O  O   . HOH E 5 .   ? -2.387  -7.772  7.108   1.00 60.22  ? 175 HOH A O   1 
HETATM 825 O  O   . HOH E 5 .   ? 1.089   -15.224 -8.039  1.00 44.18  ? 176 HOH A O   1 
HETATM 826 O  O   . HOH E 5 .   ? -6.963  3.678   9.592   1.00 52.83  ? 177 HOH A O   1 
HETATM 827 O  O   . HOH E 5 .   ? 8.070   -0.403  -16.164 1.00 50.33  ? 178 HOH A O   1 
HETATM 828 O  O   . HOH E 5 .   ? -1.891  8.859   14.701  1.00 63.83  ? 179 HOH A O   1 
HETATM 829 O  O   . HOH E 5 .   ? 8.396   -10.407 6.125   1.00 46.78  ? 180 HOH A O   1 
HETATM 830 O  O   . HOH E 5 .   ? 11.894  -7.972  -12.539 1.00 52.71  ? 181 HOH A O   1 
HETATM 831 O  O   . HOH E 5 .   ? 2.957   -13.086 -6.867  1.00 70.10  ? 201 HOH A O   1 
HETATM 832 O  O   . HOH E 5 .   ? 1.856   -12.494 -9.790  1.00 49.77  ? 203 HOH A O   1 
HETATM 833 O  O   . HOH E 5 .   ? -17.819 8.952   -8.792  1.00 74.02  ? 205 HOH A O   1 
HETATM 834 O  O   . HOH E 5 .   ? 10.747  2.327   -3.874  1.00 61.14  ? 210 HOH A O   1 
HETATM 835 O  O   . HOH E 5 .   ? -8.294  -6.922  6.885   1.00 52.06  ? 211 HOH A O   1 
HETATM 836 O  O   . HOH E 5 .   ? -13.459 -0.746  -11.893 1.00 54.71  ? 212 HOH A O   1 
HETATM 837 O  O   . HOH E 5 .   ? -11.730 -12.156 -6.091  1.00 56.90  ? 213 HOH A O   1 
HETATM 838 O  O   . HOH E 5 .   ? -9.907  -19.876 -2.190  1.00 53.49  ? 214 HOH A O   1 
HETATM 839 O  O   . HOH E 5 .   ? 7.279   18.084  9.334   1.00 49.38  ? 215 HOH A O   1 
HETATM 840 O  O   . HOH E 5 .   ? 4.958   -8.773  8.399   1.00 37.98  ? 217 HOH A O   1 
HETATM 841 O  O   . HOH E 5 .   ? 4.844   -5.568  10.731  1.00 53.85  ? 218 HOH A O   1 
HETATM 842 O  O   . HOH E 5 .   ? -11.718 -0.701  -0.117  1.00 49.44  ? 222 HOH A O   1 
HETATM 843 O  O   . HOH E 5 .   ? -2.860  13.718  5.281   1.00 53.93  ? 223 HOH A O   1 
HETATM 844 O  O   . HOH E 5 .   ? -10.266 -5.346  -10.925 1.00 58.96  ? 224 HOH A O   1 
HETATM 845 O  O   . HOH E 5 .   ? 12.882  1.067   -2.987  1.00 66.39  ? 225 HOH A O   1 
HETATM 846 O  O   . HOH E 5 .   ? -6.214  -20.309 -4.457  1.00 57.82  ? 226 HOH A O   1 
HETATM 847 O  O   . HOH E 5 .   ? -5.046  5.379   8.850   1.00 52.39  ? 227 HOH A O   1 
HETATM 848 O  O   . HOH E 5 .   ? 12.752  15.906  -4.386  1.00 67.14  ? 228 HOH A O   1 
HETATM 849 O  O   . HOH E 5 .   ? 8.087   16.167  0.784   1.00 61.72  ? 229 HOH A O   1 
# 
